data_2KCC
#
_entry.id   2KCC
#
_cell.length_a   1.000
_cell.length_b   1.000
_cell.length_c   1.000
_cell.angle_alpha   90.00
_cell.angle_beta   90.00
_cell.angle_gamma   90.00
#
_symmetry.space_group_name_H-M   'P 1'
#
_entity_poly.entity_id   1
_entity_poly.type   'polypeptide(L)'
_entity_poly.pdbx_seq_one_letter_code
;MENDPTVLRSPSAGKLTQYTVEDGGHVEAGSSYAEMEVMKMIMTLNVQERGRVKYIKRPGAVLEAGCVVARLELDDLEHH
HHHH
;
_entity_poly.pdbx_strand_id   A
#
# COMPACT_ATOMS: atom_id res chain seq x y z
N MET A 1 6.45 -12.84 8.25
CA MET A 1 5.89 -13.56 9.42
C MET A 1 4.51 -13.04 9.78
N GLU A 2 4.46 -11.79 10.25
CA GLU A 2 3.19 -11.18 10.63
C GLU A 2 2.56 -10.45 9.45
N ASN A 3 2.09 -11.23 8.48
CA ASN A 3 1.46 -10.67 7.28
C ASN A 3 -0.02 -10.37 7.53
N ASP A 4 -0.28 -9.21 8.12
CA ASP A 4 -1.65 -8.80 8.42
C ASP A 4 -2.33 -8.22 7.18
N PRO A 5 -3.66 -8.31 7.10
CA PRO A 5 -4.42 -7.79 5.95
C PRO A 5 -4.41 -6.27 5.91
N THR A 6 -4.17 -5.65 7.06
CA THR A 6 -4.14 -4.19 7.15
C THR A 6 -2.72 -3.65 6.92
N VAL A 7 -2.01 -4.25 5.97
CA VAL A 7 -0.65 -3.82 5.66
C VAL A 7 -0.33 -4.03 4.18
N LEU A 8 0.85 -3.62 3.77
CA LEU A 8 1.29 -3.76 2.39
C LEU A 8 2.80 -3.94 2.31
N ARG A 9 3.23 -4.80 1.39
CA ARG A 9 4.65 -5.08 1.22
C ARG A 9 4.96 -5.45 -0.23
N SER A 10 6.14 -5.03 -0.69
CA SER A 10 6.56 -5.31 -2.06
C SER A 10 6.83 -6.81 -2.26
N PRO A 11 6.50 -7.36 -3.44
CA PRO A 11 6.71 -8.77 -3.74
C PRO A 11 8.19 -9.11 -3.93
N SER A 12 8.98 -8.10 -4.30
CA SER A 12 10.41 -8.29 -4.52
C SER A 12 11.16 -7.00 -4.30
N ALA A 13 12.49 -7.08 -4.35
CA ALA A 13 13.34 -5.91 -4.15
C ALA A 13 13.35 -5.02 -5.40
N GLY A 14 12.97 -3.76 -5.23
CA GLY A 14 12.93 -2.83 -6.34
C GLY A 14 13.22 -1.41 -5.92
N LYS A 15 12.38 -0.47 -6.36
CA LYS A 15 12.56 0.93 -6.03
C LYS A 15 11.26 1.70 -6.28
N LEU A 16 10.95 2.64 -5.37
CA LEU A 16 9.76 3.45 -5.49
C LEU A 16 9.85 4.39 -6.69
N THR A 17 9.19 4.01 -7.79
CA THR A 17 9.20 4.83 -9.00
C THR A 17 8.29 6.05 -8.85
N GLN A 18 7.10 5.83 -8.33
CA GLN A 18 6.13 6.91 -8.14
C GLN A 18 4.98 6.47 -7.24
N TYR A 19 3.86 7.19 -7.31
CA TYR A 19 2.69 6.87 -6.50
C TYR A 19 1.41 7.27 -7.21
N THR A 20 0.39 6.42 -7.11
CA THR A 20 -0.89 6.67 -7.75
C THR A 20 -1.89 7.32 -6.77
N VAL A 21 -1.55 7.31 -5.48
CA VAL A 21 -2.43 7.89 -4.48
C VAL A 21 -1.63 8.44 -3.30
N GLU A 22 -2.08 9.57 -2.76
CA GLU A 22 -1.41 10.20 -1.64
C GLU A 22 -1.54 9.35 -0.37
N ASP A 23 -1.00 9.85 0.74
CA ASP A 23 -1.06 9.14 2.01
C ASP A 23 -2.51 8.92 2.43
N GLY A 24 -2.87 7.67 2.63
CA GLY A 24 -4.24 7.35 3.04
C GLY A 24 -5.21 7.37 1.87
N GLY A 25 -4.68 7.13 0.67
CA GLY A 25 -5.52 7.14 -0.51
C GLY A 25 -6.50 5.98 -0.53
N HIS A 26 -7.79 6.28 -0.45
CA HIS A 26 -8.82 5.24 -0.45
C HIS A 26 -8.80 4.47 -1.76
N VAL A 27 -8.58 3.16 -1.67
CA VAL A 27 -8.54 2.30 -2.85
C VAL A 27 -9.11 0.93 -2.54
N GLU A 28 -9.92 0.41 -3.46
CA GLU A 28 -10.53 -0.91 -3.28
C GLU A 28 -9.58 -2.00 -3.75
N ALA A 29 -9.85 -3.24 -3.34
CA ALA A 29 -9.02 -4.38 -3.71
C ALA A 29 -8.75 -4.40 -5.22
N GLY A 30 -7.48 -4.53 -5.58
CA GLY A 30 -7.10 -4.57 -6.99
C GLY A 30 -6.67 -3.21 -7.50
N SER A 31 -7.13 -2.15 -6.84
CA SER A 31 -6.79 -0.79 -7.24
C SER A 31 -5.33 -0.48 -6.91
N SER A 32 -4.60 0.03 -7.90
CA SER A 32 -3.20 0.36 -7.72
C SER A 32 -3.04 1.54 -6.75
N TYR A 33 -2.06 1.44 -5.86
CA TYR A 33 -1.81 2.50 -4.88
C TYR A 33 -0.43 3.13 -5.09
N ALA A 34 0.40 2.48 -5.90
CA ALA A 34 1.74 2.99 -6.17
C ALA A 34 2.44 2.16 -7.26
N GLU A 35 3.72 2.40 -7.44
CA GLU A 35 4.50 1.67 -8.45
C GLU A 35 5.93 1.46 -7.98
N MET A 36 6.63 0.56 -8.66
CA MET A 36 8.01 0.26 -8.31
C MET A 36 8.79 -0.23 -9.53
N GLU A 37 9.81 0.52 -9.93
CA GLU A 37 10.61 0.18 -11.08
C GLU A 37 11.80 -0.70 -10.68
N VAL A 38 11.68 -2.01 -10.94
CA VAL A 38 12.73 -2.95 -10.60
C VAL A 38 13.69 -3.12 -11.79
N MET A 39 14.84 -3.73 -11.53
CA MET A 39 15.84 -3.94 -12.57
C MET A 39 15.25 -4.71 -13.76
N LYS A 40 14.19 -5.46 -13.50
CA LYS A 40 13.53 -6.23 -14.55
C LYS A 40 12.66 -5.34 -15.42
N MET A 41 11.50 -4.95 -14.89
CA MET A 41 10.57 -4.08 -15.60
C MET A 41 9.74 -3.25 -14.64
N ILE A 42 8.90 -2.38 -15.19
CA ILE A 42 8.04 -1.54 -14.37
C ILE A 42 6.78 -2.29 -13.94
N MET A 43 6.30 -2.00 -12.73
CA MET A 43 5.11 -2.66 -12.20
C MET A 43 4.30 -1.70 -11.33
N THR A 44 3.06 -2.07 -11.05
CA THR A 44 2.18 -1.26 -10.22
C THR A 44 1.74 -2.03 -8.98
N LEU A 45 1.80 -1.36 -7.82
CA LEU A 45 1.39 -1.97 -6.57
C LEU A 45 -0.07 -1.70 -6.28
N ASN A 46 -0.79 -2.73 -5.83
CA ASN A 46 -2.20 -2.60 -5.52
C ASN A 46 -2.53 -3.20 -4.16
N VAL A 47 -3.75 -2.99 -3.71
CA VAL A 47 -4.20 -3.52 -2.42
C VAL A 47 -4.87 -4.88 -2.57
N GLN A 48 -4.78 -5.70 -1.53
CA GLN A 48 -5.38 -7.03 -1.55
C GLN A 48 -6.85 -6.98 -1.13
N GLU A 49 -7.26 -5.87 -0.53
CA GLU A 49 -8.64 -5.70 -0.07
C GLU A 49 -9.01 -4.23 0.01
N ARG A 50 -10.30 -3.96 0.23
CA ARG A 50 -10.79 -2.60 0.32
C ARG A 50 -10.28 -1.92 1.58
N GLY A 51 -9.84 -0.68 1.43
CA GLY A 51 -9.31 0.07 2.57
C GLY A 51 -8.47 1.25 2.15
N ARG A 52 -8.04 2.04 3.13
CA ARG A 52 -7.21 3.22 2.85
C ARG A 52 -5.73 2.88 2.99
N VAL A 53 -4.98 3.09 1.91
CA VAL A 53 -3.55 2.81 1.90
C VAL A 53 -2.76 3.95 2.53
N LYS A 54 -1.90 3.61 3.48
CA LYS A 54 -1.08 4.60 4.16
C LYS A 54 0.40 4.36 3.88
N TYR A 55 1.02 5.26 3.13
CA TYR A 55 2.43 5.14 2.78
C TYR A 55 3.30 5.09 4.03
N ILE A 56 4.22 4.13 4.06
CA ILE A 56 5.13 3.97 5.19
C ILE A 56 6.52 4.45 4.82
N LYS A 57 7.08 3.89 3.75
CA LYS A 57 8.40 4.25 3.28
C LYS A 57 8.39 5.65 2.65
N ARG A 58 9.58 6.18 2.39
CA ARG A 58 9.71 7.50 1.78
C ARG A 58 9.81 7.39 0.27
N PRO A 59 9.57 8.51 -0.45
CA PRO A 59 9.64 8.53 -1.92
C PRO A 59 11.06 8.31 -2.43
N GLY A 60 11.19 7.41 -3.40
CA GLY A 60 12.50 7.11 -3.96
C GLY A 60 13.20 5.96 -3.25
N ALA A 61 12.75 5.66 -2.04
CA ALA A 61 13.34 4.59 -1.25
C ALA A 61 13.32 3.26 -2.01
N VAL A 62 14.36 2.46 -1.83
CA VAL A 62 14.46 1.17 -2.50
C VAL A 62 13.58 0.13 -1.80
N LEU A 63 12.75 -0.55 -2.57
CA LEU A 63 11.86 -1.57 -2.02
C LEU A 63 12.58 -2.91 -1.89
N GLU A 64 12.23 -3.65 -0.84
CA GLU A 64 12.84 -4.95 -0.60
C GLU A 64 11.79 -6.05 -0.51
N ALA A 65 12.15 -7.25 -0.97
CA ALA A 65 11.23 -8.38 -0.95
C ALA A 65 10.80 -8.72 0.47
N GLY A 66 9.64 -8.23 0.88
CA GLY A 66 9.14 -8.49 2.21
C GLY A 66 8.97 -7.23 3.03
N CYS A 67 9.73 -6.19 2.67
CA CYS A 67 9.66 -4.92 3.39
C CYS A 67 8.29 -4.27 3.23
N VAL A 68 7.85 -3.58 4.27
CA VAL A 68 6.55 -2.92 4.25
C VAL A 68 6.64 -1.57 3.54
N VAL A 69 6.12 -1.53 2.31
CA VAL A 69 6.13 -0.31 1.52
C VAL A 69 4.97 0.62 1.90
N ALA A 70 3.96 0.07 2.54
CA ALA A 70 2.80 0.85 2.96
C ALA A 70 1.94 0.09 3.97
N ARG A 71 0.71 0.56 4.16
CA ARG A 71 -0.21 -0.08 5.10
C ARG A 71 -1.62 -0.14 4.52
N LEU A 72 -2.57 -0.62 5.32
CA LEU A 72 -3.96 -0.72 4.88
C LEU A 72 -4.91 -0.43 6.03
N GLU A 73 -5.79 0.54 5.83
CA GLU A 73 -6.77 0.91 6.85
C GLU A 73 -8.07 0.13 6.66
N LEU A 74 -8.06 -1.13 7.08
CA LEU A 74 -9.23 -1.98 6.96
C LEU A 74 -10.38 -1.46 7.82
N ASP A 75 -11.61 -1.72 7.38
CA ASP A 75 -12.79 -1.29 8.11
C ASP A 75 -13.00 -2.14 9.37
N ASP A 76 -12.05 -2.05 10.29
CA ASP A 76 -12.14 -2.81 11.54
C ASP A 76 -13.13 -2.17 12.50
N LEU A 77 -12.85 -0.94 12.90
CA LEU A 77 -13.72 -0.23 13.83
C LEU A 77 -14.83 0.50 13.08
N GLU A 78 -15.57 -0.24 12.26
CA GLU A 78 -16.66 0.33 11.49
C GLU A 78 -17.88 0.61 12.38
N HIS A 79 -17.69 1.48 13.36
CA HIS A 79 -18.77 1.84 14.27
C HIS A 79 -19.85 2.66 13.56
N HIS A 80 -21.10 2.24 13.72
CA HIS A 80 -22.23 2.93 13.09
C HIS A 80 -22.97 3.80 14.10
N HIS A 81 -22.37 4.94 14.44
CA HIS A 81 -22.98 5.86 15.39
C HIS A 81 -22.90 7.30 14.89
N HIS A 82 -23.91 7.72 14.15
CA HIS A 82 -23.95 9.07 13.60
C HIS A 82 -25.20 9.81 14.09
N HIS A 83 -24.97 10.94 14.76
CA HIS A 83 -26.07 11.74 15.29
C HIS A 83 -25.61 13.16 15.61
N HIS A 84 -26.16 14.13 14.89
CA HIS A 84 -25.80 15.53 15.09
C HIS A 84 -27.03 16.42 15.05
N MET A 1 6.69 -12.18 11.30
CA MET A 1 5.38 -12.65 10.76
C MET A 1 4.40 -11.49 10.62
N GLU A 2 4.90 -10.34 10.19
CA GLU A 2 4.06 -9.17 10.01
C GLU A 2 3.31 -9.22 8.68
N ASN A 3 1.99 -9.33 8.75
CA ASN A 3 1.16 -9.40 7.55
C ASN A 3 -0.31 -9.28 7.90
N ASP A 4 -1.02 -8.41 7.18
CA ASP A 4 -2.44 -8.20 7.42
C ASP A 4 -3.12 -7.61 6.19
N PRO A 5 -4.46 -7.68 6.13
CA PRO A 5 -5.23 -7.15 4.99
C PRO A 5 -5.20 -5.62 4.94
N THR A 6 -5.04 -5.00 6.10
CA THR A 6 -5.01 -3.53 6.19
C THR A 6 -3.58 -3.01 6.07
N VAL A 7 -2.78 -3.65 5.22
CA VAL A 7 -1.40 -3.24 5.01
C VAL A 7 -0.95 -3.51 3.58
N LEU A 8 -0.50 -2.47 2.91
CA LEU A 8 -0.04 -2.60 1.52
C LEU A 8 1.45 -2.93 1.48
N ARG A 9 1.83 -3.81 0.56
CA ARG A 9 3.22 -4.20 0.41
C ARG A 9 3.53 -4.59 -1.03
N SER A 10 4.68 -4.16 -1.53
CA SER A 10 5.10 -4.44 -2.89
C SER A 10 5.40 -5.94 -3.06
N PRO A 11 5.14 -6.48 -4.27
CA PRO A 11 5.39 -7.90 -4.56
C PRO A 11 6.88 -8.20 -4.72
N SER A 12 7.65 -7.19 -5.11
CA SER A 12 9.09 -7.36 -5.29
C SER A 12 9.82 -6.03 -5.08
N ALA A 13 11.14 -6.07 -5.13
CA ALA A 13 11.95 -4.88 -4.95
C ALA A 13 11.94 -4.01 -6.19
N GLY A 14 11.63 -2.73 -6.00
CA GLY A 14 11.58 -1.80 -7.12
C GLY A 14 11.93 -0.38 -6.70
N LYS A 15 11.12 0.58 -7.16
CA LYS A 15 11.35 1.98 -6.84
C LYS A 15 10.09 2.80 -7.09
N LEU A 16 9.80 3.75 -6.20
CA LEU A 16 8.63 4.60 -6.33
C LEU A 16 8.78 5.55 -7.52
N THR A 17 8.19 5.15 -8.65
CA THR A 17 8.25 5.96 -9.86
C THR A 17 7.31 7.16 -9.78
N GLN A 18 6.11 6.93 -9.25
CA GLN A 18 5.12 8.00 -9.12
C GLN A 18 3.97 7.57 -8.20
N TYR A 19 2.84 8.27 -8.30
CA TYR A 19 1.67 7.96 -7.48
C TYR A 19 0.38 8.30 -8.22
N THR A 20 -0.62 7.46 -8.06
CA THR A 20 -1.91 7.67 -8.72
C THR A 20 -2.90 8.36 -7.78
N VAL A 21 -2.61 8.38 -6.49
CA VAL A 21 -3.48 9.02 -5.51
C VAL A 21 -2.70 9.59 -4.34
N GLU A 22 -3.18 10.71 -3.80
CA GLU A 22 -2.52 11.35 -2.67
C GLU A 22 -2.64 10.50 -1.41
N ASP A 23 -2.11 11.01 -0.31
CA ASP A 23 -2.16 10.31 0.97
C ASP A 23 -3.60 10.06 1.39
N GLY A 24 -3.93 8.80 1.67
CA GLY A 24 -5.27 8.46 2.08
C GLY A 24 -6.25 8.48 0.93
N GLY A 25 -5.75 8.24 -0.28
CA GLY A 25 -6.61 8.23 -1.45
C GLY A 25 -7.56 7.05 -1.47
N HIS A 26 -8.85 7.33 -1.35
CA HIS A 26 -9.87 6.28 -1.35
C HIS A 26 -9.86 5.52 -2.68
N VAL A 27 -9.65 4.21 -2.60
CA VAL A 27 -9.62 3.38 -3.80
C VAL A 27 -10.20 1.99 -3.51
N GLU A 28 -11.02 1.49 -4.43
CA GLU A 28 -11.62 0.17 -4.27
C GLU A 28 -10.68 -0.92 -4.77
N ALA A 29 -10.95 -2.16 -4.38
CA ALA A 29 -10.13 -3.29 -4.79
C ALA A 29 -9.85 -3.27 -6.29
N GLY A 30 -8.58 -3.41 -6.66
CA GLY A 30 -8.22 -3.40 -8.05
C GLY A 30 -7.74 -2.04 -8.52
N SER A 31 -8.21 -0.99 -7.86
CA SER A 31 -7.83 0.38 -8.23
C SER A 31 -6.38 0.65 -7.82
N SER A 32 -5.58 1.08 -8.79
CA SER A 32 -4.17 1.38 -8.55
C SER A 32 -4.03 2.60 -7.64
N TYR A 33 -3.06 2.54 -6.73
CA TYR A 33 -2.81 3.63 -5.80
C TYR A 33 -1.43 4.25 -6.02
N ALA A 34 -0.60 3.59 -6.83
CA ALA A 34 0.74 4.08 -7.12
C ALA A 34 1.40 3.24 -8.20
N GLU A 35 2.69 3.51 -8.44
CA GLU A 35 3.43 2.77 -9.45
C GLU A 35 4.90 2.61 -9.03
N MET A 36 5.59 1.68 -9.66
CA MET A 36 6.99 1.43 -9.36
C MET A 36 7.73 0.87 -10.57
N GLU A 37 8.80 1.55 -10.98
CA GLU A 37 9.58 1.12 -12.13
C GLU A 37 10.70 0.18 -11.71
N VAL A 38 10.57 -1.09 -12.08
CA VAL A 38 11.57 -2.10 -11.75
C VAL A 38 12.61 -2.23 -12.86
N MET A 39 13.67 -2.97 -12.59
CA MET A 39 14.73 -3.16 -13.58
C MET A 39 14.17 -3.76 -14.86
N LYS A 40 13.10 -4.54 -14.74
CA LYS A 40 12.47 -5.18 -15.89
C LYS A 40 11.61 -4.18 -16.65
N MET A 41 10.48 -3.81 -16.07
CA MET A 41 9.57 -2.85 -16.70
C MET A 41 8.79 -2.07 -15.65
N ILE A 42 7.86 -1.23 -16.11
CA ILE A 42 7.04 -0.44 -15.21
C ILE A 42 5.86 -1.24 -14.68
N MET A 43 5.41 -0.91 -13.47
CA MET A 43 4.29 -1.61 -12.85
C MET A 43 3.44 -0.65 -12.03
N THR A 44 2.20 -1.05 -11.76
CA THR A 44 1.28 -0.24 -10.97
C THR A 44 0.84 -0.97 -9.71
N LEU A 45 0.87 -0.27 -8.58
CA LEU A 45 0.47 -0.85 -7.32
C LEU A 45 -1.00 -0.58 -7.04
N ASN A 46 -1.74 -1.62 -6.67
CA ASN A 46 -3.16 -1.48 -6.39
C ASN A 46 -3.52 -2.12 -5.04
N VAL A 47 -4.75 -1.90 -4.60
CA VAL A 47 -5.22 -2.45 -3.33
C VAL A 47 -5.92 -3.78 -3.53
N GLN A 48 -5.92 -4.61 -2.49
CA GLN A 48 -6.55 -5.91 -2.55
C GLN A 48 -8.05 -5.82 -2.21
N GLU A 49 -8.43 -4.73 -1.55
CA GLU A 49 -9.83 -4.53 -1.17
C GLU A 49 -10.15 -3.05 -1.02
N ARG A 50 -11.41 -2.75 -0.74
CA ARG A 50 -11.85 -1.37 -0.58
C ARG A 50 -11.26 -0.76 0.69
N GLY A 51 -10.84 0.50 0.61
CA GLY A 51 -10.27 1.17 1.75
C GLY A 51 -9.45 2.39 1.36
N ARG A 52 -8.97 3.13 2.35
CA ARG A 52 -8.18 4.32 2.11
C ARG A 52 -6.68 4.00 2.14
N VAL A 53 -6.01 4.25 1.03
CA VAL A 53 -4.58 3.98 0.93
C VAL A 53 -3.76 5.11 1.55
N LYS A 54 -2.92 4.76 2.52
CA LYS A 54 -2.08 5.75 3.19
C LYS A 54 -0.60 5.49 2.90
N TYR A 55 0.01 6.38 2.14
CA TYR A 55 1.43 6.24 1.78
C TYR A 55 2.30 6.16 3.02
N ILE A 56 3.20 5.17 3.04
CA ILE A 56 4.10 4.98 4.16
C ILE A 56 5.51 5.46 3.80
N LYS A 57 6.04 4.91 2.71
CA LYS A 57 7.36 5.27 2.23
C LYS A 57 7.37 6.67 1.65
N ARG A 58 8.57 7.21 1.41
CA ARG A 58 8.70 8.54 0.85
C ARG A 58 8.82 8.48 -0.68
N PRO A 59 8.64 9.63 -1.36
CA PRO A 59 8.74 9.69 -2.83
C PRO A 59 10.15 9.42 -3.32
N GLY A 60 10.27 8.51 -4.29
CA GLY A 60 11.56 8.17 -4.83
C GLY A 60 12.24 7.04 -4.08
N ALA A 61 11.74 6.74 -2.89
CA ALA A 61 12.32 5.68 -2.06
C ALA A 61 12.32 4.35 -2.81
N VAL A 62 13.37 3.55 -2.58
CA VAL A 62 13.49 2.25 -3.22
C VAL A 62 12.60 1.22 -2.55
N LEU A 63 11.77 0.55 -3.34
CA LEU A 63 10.87 -0.47 -2.82
C LEU A 63 11.57 -1.81 -2.68
N GLU A 64 11.16 -2.60 -1.70
CA GLU A 64 11.74 -3.91 -1.46
C GLU A 64 10.67 -4.98 -1.36
N ALA A 65 11.00 -6.19 -1.82
CA ALA A 65 10.06 -7.30 -1.78
C ALA A 65 9.66 -7.63 -0.35
N GLY A 66 8.47 -7.17 0.05
CA GLY A 66 7.98 -7.42 1.39
C GLY A 66 7.82 -6.15 2.19
N CYS A 67 8.57 -5.12 1.84
CA CYS A 67 8.50 -3.84 2.53
C CYS A 67 7.13 -3.20 2.36
N VAL A 68 6.68 -2.47 3.38
CA VAL A 68 5.38 -1.80 3.34
C VAL A 68 5.48 -0.48 2.58
N VAL A 69 4.93 -0.46 1.37
CA VAL A 69 4.93 0.73 0.55
C VAL A 69 3.81 1.69 0.93
N ALA A 70 2.78 1.15 1.57
CA ALA A 70 1.64 1.97 1.99
C ALA A 70 0.76 1.21 2.99
N ARG A 71 -0.46 1.70 3.20
CA ARG A 71 -1.39 1.07 4.12
C ARG A 71 -2.80 1.07 3.55
N LEU A 72 -3.76 0.60 4.35
CA LEU A 72 -5.15 0.56 3.92
C LEU A 72 -6.09 0.88 5.08
N GLU A 73 -7.34 1.19 4.75
CA GLU A 73 -8.34 1.53 5.74
C GLU A 73 -9.71 0.98 5.35
N LEU A 74 -10.03 -0.21 5.84
CA LEU A 74 -11.30 -0.85 5.54
C LEU A 74 -12.47 -0.02 6.07
N ASP A 75 -13.62 -0.16 5.41
CA ASP A 75 -14.81 0.58 5.81
C ASP A 75 -15.39 0.03 7.11
N ASP A 76 -15.14 -1.25 7.37
CA ASP A 76 -15.64 -1.89 8.58
C ASP A 76 -14.81 -1.49 9.79
N LEU A 77 -15.50 -1.13 10.88
CA LEU A 77 -14.82 -0.73 12.10
C LEU A 77 -14.49 -1.94 12.98
N GLU A 78 -13.82 -2.92 12.39
CA GLU A 78 -13.45 -4.13 13.11
C GLU A 78 -12.31 -3.86 14.08
N HIS A 79 -12.61 -3.15 15.17
CA HIS A 79 -11.61 -2.82 16.18
C HIS A 79 -11.67 -3.80 17.34
N HIS A 80 -10.76 -3.63 18.30
CA HIS A 80 -10.71 -4.49 19.46
C HIS A 80 -11.35 -3.82 20.68
N HIS A 81 -11.31 -4.50 21.81
CA HIS A 81 -11.89 -3.96 23.04
C HIS A 81 -10.87 -4.01 24.18
N HIS A 82 -9.80 -3.25 24.05
CA HIS A 82 -8.75 -3.20 25.06
C HIS A 82 -8.97 -2.03 26.01
N HIS A 83 -9.92 -2.18 26.94
CA HIS A 83 -10.22 -1.14 27.91
C HIS A 83 -11.14 -1.67 29.00
N HIS A 84 -10.92 -1.20 30.23
CA HIS A 84 -11.73 -1.62 31.36
C HIS A 84 -11.64 -0.62 32.51
N MET A 1 6.12 -13.99 11.96
CA MET A 1 5.80 -12.92 10.97
C MET A 1 4.33 -12.54 11.02
N GLU A 2 4.07 -11.27 11.33
CA GLU A 2 2.70 -10.78 11.41
C GLU A 2 2.35 -9.93 10.18
N ASN A 3 1.65 -10.53 9.24
CA ASN A 3 1.25 -9.84 8.02
C ASN A 3 -0.26 -9.60 8.01
N ASP A 4 -0.66 -8.42 8.47
CA ASP A 4 -2.08 -8.05 8.50
C ASP A 4 -2.54 -7.57 7.14
N PRO A 5 -3.87 -7.62 6.87
CA PRO A 5 -4.45 -7.18 5.60
C PRO A 5 -4.38 -5.66 5.43
N THR A 6 -4.29 -4.95 6.54
CA THR A 6 -4.22 -3.49 6.52
C THR A 6 -2.78 -3.01 6.43
N VAL A 7 -1.98 -3.66 5.59
CA VAL A 7 -0.58 -3.29 5.42
C VAL A 7 -0.10 -3.58 4.01
N LEU A 8 0.37 -2.55 3.32
CA LEU A 8 0.86 -2.69 1.96
C LEU A 8 2.34 -3.02 1.94
N ARG A 9 2.75 -3.90 1.03
CA ARG A 9 4.14 -4.31 0.92
C ARG A 9 4.49 -4.68 -0.51
N SER A 10 5.65 -4.23 -0.98
CA SER A 10 6.09 -4.51 -2.34
C SER A 10 6.43 -5.99 -2.50
N PRO A 11 6.18 -6.56 -3.70
CA PRO A 11 6.47 -7.97 -3.98
C PRO A 11 7.96 -8.25 -4.12
N SER A 12 8.72 -7.22 -4.51
CA SER A 12 10.15 -7.36 -4.69
C SER A 12 10.86 -6.02 -4.49
N ALA A 13 12.18 -6.05 -4.48
CA ALA A 13 12.97 -4.84 -4.30
C ALA A 13 13.00 -4.00 -5.58
N GLY A 14 12.54 -2.76 -5.46
CA GLY A 14 12.51 -1.87 -6.61
C GLY A 14 12.87 -0.45 -6.24
N LYS A 15 12.06 0.50 -6.69
CA LYS A 15 12.29 1.92 -6.41
C LYS A 15 11.02 2.73 -6.65
N LEU A 16 10.74 3.67 -5.74
CA LEU A 16 9.57 4.52 -5.85
C LEU A 16 9.69 5.46 -7.04
N THR A 17 9.06 5.10 -8.16
CA THR A 17 9.10 5.92 -9.36
C THR A 17 8.19 7.14 -9.23
N GLN A 18 6.98 6.93 -8.71
CA GLN A 18 6.03 8.02 -8.55
C GLN A 18 4.86 7.58 -7.65
N TYR A 19 3.74 8.30 -7.76
CA TYR A 19 2.57 7.98 -6.95
C TYR A 19 1.29 8.37 -7.69
N THR A 20 0.27 7.51 -7.57
CA THR A 20 -1.01 7.76 -8.24
C THR A 20 -2.01 8.42 -7.30
N VAL A 21 -1.71 8.41 -6.00
CA VAL A 21 -2.59 9.02 -5.01
C VAL A 21 -1.80 9.56 -3.82
N GLU A 22 -2.27 10.68 -3.28
CA GLU A 22 -1.62 11.32 -2.14
C GLU A 22 -1.75 10.46 -0.89
N ASP A 23 -1.29 10.99 0.23
CA ASP A 23 -1.36 10.28 1.50
C ASP A 23 -2.80 9.95 1.87
N GLY A 24 -3.05 8.70 2.25
CA GLY A 24 -4.39 8.28 2.61
C GLY A 24 -5.34 8.29 1.43
N GLY A 25 -4.79 8.12 0.22
CA GLY A 25 -5.61 8.11 -0.97
C GLY A 25 -6.60 6.95 -0.99
N HIS A 26 -7.88 7.27 -0.92
CA HIS A 26 -8.92 6.24 -0.93
C HIS A 26 -8.90 5.45 -2.24
N VAL A 27 -8.67 4.15 -2.14
CA VAL A 27 -8.64 3.30 -3.33
C VAL A 27 -9.19 1.91 -3.01
N GLU A 28 -10.00 1.38 -3.93
CA GLU A 28 -10.59 0.07 -3.75
C GLU A 28 -9.63 -1.03 -4.21
N ALA A 29 -9.88 -2.26 -3.76
CA ALA A 29 -9.04 -3.39 -4.13
C ALA A 29 -8.75 -3.43 -5.63
N GLY A 30 -7.47 -3.48 -5.98
CA GLY A 30 -7.09 -3.51 -7.39
C GLY A 30 -6.68 -2.14 -7.91
N SER A 31 -7.16 -1.09 -7.26
CA SER A 31 -6.84 0.28 -7.67
C SER A 31 -5.39 0.60 -7.36
N SER A 32 -4.69 1.15 -8.36
CA SER A 32 -3.29 1.52 -8.19
C SER A 32 -3.14 2.68 -7.21
N TYR A 33 -2.19 2.55 -6.29
CA TYR A 33 -1.94 3.59 -5.29
C TYR A 33 -0.57 4.22 -5.49
N ALA A 34 0.27 3.58 -6.31
CA ALA A 34 1.61 4.08 -6.58
C ALA A 34 2.28 3.28 -7.68
N GLU A 35 3.57 3.52 -7.89
CA GLU A 35 4.32 2.82 -8.91
C GLU A 35 5.76 2.59 -8.47
N MET A 36 6.43 1.65 -9.13
CA MET A 36 7.82 1.33 -8.81
C MET A 36 8.56 0.77 -10.02
N GLU A 37 9.64 1.43 -10.40
CA GLU A 37 10.43 1.00 -11.55
C GLU A 37 11.51 0.01 -11.13
N VAL A 38 11.37 -1.24 -11.56
CA VAL A 38 12.34 -2.27 -11.23
C VAL A 38 13.40 -2.39 -12.33
N MET A 39 14.44 -3.18 -12.07
CA MET A 39 15.51 -3.37 -13.04
C MET A 39 14.97 -3.92 -14.36
N LYS A 40 13.87 -4.66 -14.27
CA LYS A 40 13.24 -5.24 -15.45
C LYS A 40 12.44 -4.19 -16.22
N MET A 41 11.30 -3.81 -15.67
CA MET A 41 10.43 -2.82 -16.30
C MET A 41 9.63 -2.05 -15.26
N ILE A 42 8.73 -1.19 -15.72
CA ILE A 42 7.89 -0.39 -14.83
C ILE A 42 6.69 -1.20 -14.35
N MET A 43 6.23 -0.91 -13.13
CA MET A 43 5.09 -1.62 -12.56
C MET A 43 4.26 -0.68 -11.68
N THR A 44 3.03 -1.10 -11.39
CA THR A 44 2.13 -0.30 -10.56
C THR A 44 1.73 -1.06 -9.30
N LEU A 45 1.76 -0.37 -8.17
CA LEU A 45 1.39 -0.99 -6.89
C LEU A 45 -0.09 -0.78 -6.60
N ASN A 46 -0.84 -1.87 -6.56
CA ASN A 46 -2.27 -1.79 -6.29
C ASN A 46 -2.58 -2.28 -4.87
N VAL A 47 -3.80 -2.03 -4.43
CA VAL A 47 -4.24 -2.44 -3.10
C VAL A 47 -4.89 -3.81 -3.13
N GLN A 48 -4.74 -4.58 -2.06
CA GLN A 48 -5.32 -5.91 -1.97
C GLN A 48 -6.76 -5.85 -1.48
N GLU A 49 -7.16 -4.73 -0.89
CA GLU A 49 -8.51 -4.56 -0.38
C GLU A 49 -8.91 -3.09 -0.35
N ARG A 50 -10.20 -2.84 -0.15
CA ARG A 50 -10.70 -1.47 -0.11
C ARG A 50 -10.21 -0.74 1.13
N GLY A 51 -9.95 0.55 0.98
CA GLY A 51 -9.47 1.35 2.10
C GLY A 51 -8.58 2.50 1.65
N ARG A 52 -8.11 3.28 2.61
CA ARG A 52 -7.25 4.42 2.31
C ARG A 52 -5.78 4.04 2.43
N VAL A 53 -5.03 4.26 1.35
CA VAL A 53 -3.61 3.93 1.33
C VAL A 53 -2.79 5.03 1.99
N LYS A 54 -1.97 4.64 2.96
CA LYS A 54 -1.12 5.60 3.66
C LYS A 54 0.36 5.32 3.40
N TYR A 55 1.00 6.23 2.67
CA TYR A 55 2.41 6.08 2.33
C TYR A 55 3.27 5.96 3.59
N ILE A 56 4.14 4.97 3.62
CA ILE A 56 5.03 4.75 4.75
C ILE A 56 6.45 5.17 4.41
N LYS A 57 6.96 4.66 3.30
CA LYS A 57 8.30 4.98 2.84
C LYS A 57 8.36 6.41 2.30
N ARG A 58 9.57 6.86 2.00
CA ARG A 58 9.76 8.21 1.48
C ARG A 58 9.76 8.21 -0.05
N PRO A 59 9.53 9.38 -0.68
CA PRO A 59 9.49 9.51 -2.13
C PRO A 59 10.87 9.31 -2.76
N GLY A 60 10.95 8.42 -3.74
CA GLY A 60 12.20 8.14 -4.40
C GLY A 60 12.99 7.02 -3.72
N ALA A 61 12.62 6.72 -2.48
CA ALA A 61 13.30 5.67 -1.72
C ALA A 61 13.29 4.34 -2.47
N VAL A 62 14.33 3.55 -2.25
CA VAL A 62 14.45 2.24 -2.90
C VAL A 62 13.56 1.21 -2.20
N LEU A 63 12.77 0.48 -2.99
CA LEU A 63 11.88 -0.54 -2.44
C LEU A 63 12.63 -1.85 -2.21
N GLU A 64 12.16 -2.63 -1.25
CA GLU A 64 12.77 -3.92 -0.94
C GLU A 64 11.72 -5.01 -0.83
N ALA A 65 12.09 -6.22 -1.23
CA ALA A 65 11.18 -7.35 -1.18
C ALA A 65 10.75 -7.65 0.25
N GLY A 66 9.59 -7.12 0.63
CA GLY A 66 9.08 -7.33 1.97
C GLY A 66 8.84 -6.03 2.72
N CYS A 67 9.53 -4.98 2.29
CA CYS A 67 9.39 -3.67 2.93
C CYS A 67 7.98 -3.12 2.75
N VAL A 68 7.50 -2.37 3.74
CA VAL A 68 6.16 -1.78 3.67
C VAL A 68 6.17 -0.50 2.86
N VAL A 69 5.50 -0.53 1.71
CA VAL A 69 5.43 0.63 0.83
C VAL A 69 4.34 1.60 1.28
N ALA A 70 3.33 1.07 1.96
CA ALA A 70 2.23 1.90 2.44
C ALA A 70 1.38 1.14 3.46
N ARG A 71 0.21 1.68 3.76
CA ARG A 71 -0.70 1.07 4.73
C ARG A 71 -2.15 1.21 4.28
N LEU A 72 -2.92 0.14 4.46
CA LEU A 72 -4.33 0.14 4.07
C LEU A 72 -5.23 0.50 5.26
N GLU A 73 -6.04 1.54 5.07
CA GLU A 73 -6.95 1.99 6.12
C GLU A 73 -8.29 1.29 6.01
N LEU A 74 -8.37 0.07 6.54
CA LEU A 74 -9.60 -0.70 6.50
C LEU A 74 -10.72 -0.01 7.27
N ASP A 75 -10.64 -0.07 8.59
CA ASP A 75 -11.64 0.56 9.46
C ASP A 75 -13.06 0.35 8.92
N ASP A 76 -13.54 -0.88 9.01
CA ASP A 76 -14.87 -1.22 8.53
C ASP A 76 -15.94 -0.76 9.52
N LEU A 77 -17.16 -0.55 9.04
CA LEU A 77 -18.26 -0.12 9.88
C LEU A 77 -18.94 -1.31 10.54
N GLU A 78 -18.99 -2.43 9.82
CA GLU A 78 -19.62 -3.65 10.33
C GLU A 78 -18.75 -4.30 11.40
N HIS A 79 -19.08 -4.05 12.66
CA HIS A 79 -18.34 -4.62 13.78
C HIS A 79 -19.25 -4.84 14.98
N HIS A 80 -18.81 -5.71 15.89
CA HIS A 80 -19.59 -6.01 17.09
C HIS A 80 -19.60 -4.82 18.05
N HIS A 81 -20.74 -4.14 18.12
CA HIS A 81 -20.88 -2.98 19.00
C HIS A 81 -21.41 -3.40 20.37
N HIS A 82 -20.52 -3.91 21.21
CA HIS A 82 -20.91 -4.35 22.55
C HIS A 82 -20.50 -3.31 23.60
N HIS A 83 -19.41 -2.60 23.32
CA HIS A 83 -18.91 -1.58 24.24
C HIS A 83 -19.28 -0.18 23.75
N HIS A 84 -19.53 0.73 24.68
CA HIS A 84 -19.88 2.10 24.34
C HIS A 84 -18.64 2.99 24.31
N MET A 1 5.84 -13.56 13.43
CA MET A 1 5.52 -13.06 12.07
C MET A 1 4.17 -12.34 12.05
N GLU A 2 4.19 -11.08 11.63
CA GLU A 2 2.96 -10.29 11.58
C GLU A 2 2.47 -10.16 10.15
N ASN A 3 1.64 -11.11 9.73
CA ASN A 3 1.09 -11.10 8.37
C ASN A 3 -0.42 -10.87 8.40
N ASP A 4 -0.82 -9.68 8.84
CA ASP A 4 -2.24 -9.34 8.91
C ASP A 4 -2.76 -8.88 7.54
N PRO A 5 -4.08 -9.03 7.31
CA PRO A 5 -4.70 -8.63 6.05
C PRO A 5 -4.72 -7.12 5.86
N THR A 6 -4.60 -6.38 6.97
CA THR A 6 -4.61 -4.92 6.91
C THR A 6 -3.19 -4.37 6.74
N VAL A 7 -2.41 -5.01 5.88
CA VAL A 7 -1.04 -4.58 5.63
C VAL A 7 -0.62 -4.91 4.20
N LEU A 8 -0.26 -3.87 3.44
CA LEU A 8 0.16 -4.05 2.06
C LEU A 8 1.66 -4.25 1.94
N ARG A 9 2.08 -5.51 1.90
CA ARG A 9 3.50 -5.84 1.78
C ARG A 9 3.90 -6.01 0.32
N SER A 10 5.13 -5.63 -0.01
CA SER A 10 5.64 -5.74 -1.36
C SER A 10 5.81 -7.20 -1.77
N PRO A 11 5.57 -7.53 -3.04
CA PRO A 11 5.71 -8.91 -3.54
C PRO A 11 7.17 -9.32 -3.69
N SER A 12 8.01 -8.37 -4.11
CA SER A 12 9.42 -8.63 -4.30
C SER A 12 10.24 -7.35 -4.13
N ALA A 13 11.56 -7.47 -4.28
CA ALA A 13 12.45 -6.33 -4.15
C ALA A 13 12.39 -5.44 -5.37
N GLY A 14 11.88 -4.22 -5.20
CA GLY A 14 11.78 -3.29 -6.30
C GLY A 14 12.09 -1.86 -5.90
N LYS A 15 11.28 -0.92 -6.34
CA LYS A 15 11.48 0.49 -6.03
C LYS A 15 10.21 1.29 -6.28
N LEU A 16 9.92 2.22 -5.37
CA LEU A 16 8.72 3.05 -5.50
C LEU A 16 8.84 4.00 -6.68
N THR A 17 8.28 3.60 -7.81
CA THR A 17 8.33 4.42 -9.02
C THR A 17 7.36 5.60 -8.94
N GLN A 18 6.17 5.36 -8.40
CA GLN A 18 5.17 6.40 -8.26
C GLN A 18 4.03 5.97 -7.34
N TYR A 19 2.91 6.67 -7.41
CA TYR A 19 1.75 6.36 -6.57
C TYR A 19 0.45 6.75 -7.27
N THR A 20 -0.57 5.91 -7.12
CA THR A 20 -1.87 6.16 -7.75
C THR A 20 -2.82 6.85 -6.78
N VAL A 21 -2.49 6.83 -5.48
CA VAL A 21 -3.34 7.44 -4.48
C VAL A 21 -2.51 7.98 -3.30
N GLU A 22 -2.95 9.09 -2.73
CA GLU A 22 -2.26 9.70 -1.60
C GLU A 22 -2.37 8.83 -0.36
N ASP A 23 -1.79 9.30 0.75
CA ASP A 23 -1.83 8.57 2.00
C ASP A 23 -3.28 8.35 2.45
N GLY A 24 -3.65 7.07 2.61
CA GLY A 24 -5.00 6.75 3.03
C GLY A 24 -6.00 6.82 1.89
N GLY A 25 -5.51 6.62 0.67
CA GLY A 25 -6.39 6.67 -0.49
C GLY A 25 -7.35 5.50 -0.54
N HIS A 26 -8.64 5.79 -0.41
CA HIS A 26 -9.67 4.76 -0.45
C HIS A 26 -9.67 4.03 -1.79
N VAL A 27 -9.47 2.72 -1.73
CA VAL A 27 -9.45 1.90 -2.94
C VAL A 27 -10.03 0.52 -2.68
N GLU A 28 -10.87 0.05 -3.60
CA GLU A 28 -11.50 -1.26 -3.47
C GLU A 28 -10.57 -2.36 -3.99
N ALA A 29 -10.86 -3.60 -3.61
CA ALA A 29 -10.06 -4.75 -4.03
C ALA A 29 -9.80 -4.71 -5.53
N GLY A 30 -8.53 -4.86 -5.91
CA GLY A 30 -8.15 -4.84 -7.31
C GLY A 30 -7.70 -3.47 -7.78
N SER A 31 -8.15 -2.44 -7.08
CA SER A 31 -7.80 -1.07 -7.44
C SER A 31 -6.33 -0.79 -7.10
N SER A 32 -5.58 -0.31 -8.10
CA SER A 32 -4.17 -0.01 -7.91
C SER A 32 -4.00 1.18 -6.96
N TYR A 33 -3.05 1.06 -6.03
CA TYR A 33 -2.78 2.11 -5.06
C TYR A 33 -1.40 2.72 -5.27
N ALA A 34 -0.57 2.06 -6.06
CA ALA A 34 0.79 2.53 -6.33
C ALA A 34 1.46 1.69 -7.40
N GLU A 35 2.75 1.94 -7.62
CA GLU A 35 3.52 1.21 -8.61
C GLU A 35 4.96 1.03 -8.17
N MET A 36 5.65 0.07 -8.76
CA MET A 36 7.04 -0.20 -8.42
C MET A 36 7.79 -0.79 -9.61
N GLU A 37 8.93 -0.19 -9.94
CA GLU A 37 9.74 -0.65 -11.06
C GLU A 37 10.77 -1.68 -10.58
N VAL A 38 10.58 -2.93 -11.01
CA VAL A 38 11.48 -4.01 -10.63
C VAL A 38 12.58 -4.17 -11.68
N MET A 39 13.56 -5.03 -11.37
CA MET A 39 14.67 -5.28 -12.29
C MET A 39 14.15 -5.78 -13.64
N LYS A 40 13.03 -6.48 -13.61
CA LYS A 40 12.44 -7.01 -14.83
C LYS A 40 11.70 -5.92 -15.60
N MET A 41 10.55 -5.50 -15.08
CA MET A 41 9.76 -4.45 -15.73
C MET A 41 8.95 -3.67 -14.70
N ILE A 42 8.04 -2.83 -15.18
CA ILE A 42 7.21 -2.02 -14.30
C ILE A 42 6.02 -2.82 -13.79
N MET A 43 5.55 -2.49 -12.59
CA MET A 43 4.42 -3.18 -12.00
C MET A 43 3.55 -2.22 -11.18
N THR A 44 2.31 -2.62 -10.94
CA THR A 44 1.37 -1.80 -10.18
C THR A 44 0.90 -2.54 -8.93
N LEU A 45 0.94 -1.85 -7.79
CA LEU A 45 0.51 -2.44 -6.52
C LEU A 45 -0.96 -2.14 -6.27
N ASN A 46 -1.71 -3.19 -5.94
CA ASN A 46 -3.14 -3.03 -5.67
C ASN A 46 -3.51 -3.66 -4.33
N VAL A 47 -4.75 -3.43 -3.90
CA VAL A 47 -5.23 -3.97 -2.63
C VAL A 47 -5.93 -5.32 -2.84
N GLN A 48 -5.86 -6.17 -1.83
CA GLN A 48 -6.49 -7.49 -1.90
C GLN A 48 -7.95 -7.43 -1.47
N GLU A 49 -8.33 -6.33 -0.82
CA GLU A 49 -9.70 -6.16 -0.36
C GLU A 49 -10.05 -4.68 -0.23
N ARG A 50 -11.33 -4.40 0.03
CA ARG A 50 -11.80 -3.03 0.16
C ARG A 50 -11.24 -2.39 1.43
N GLY A 51 -10.75 -1.15 1.30
CA GLY A 51 -10.19 -0.46 2.45
C GLY A 51 -9.33 0.72 2.04
N ARG A 52 -8.89 1.49 3.02
CA ARG A 52 -8.05 2.66 2.76
C ARG A 52 -6.57 2.32 2.88
N VAL A 53 -5.83 2.54 1.80
CA VAL A 53 -4.40 2.25 1.77
C VAL A 53 -3.61 3.39 2.41
N LYS A 54 -2.77 3.04 3.38
CA LYS A 54 -1.94 4.04 4.06
C LYS A 54 -0.47 3.78 3.80
N TYR A 55 0.16 4.68 3.04
CA TYR A 55 1.58 4.56 2.72
C TYR A 55 2.43 4.49 3.98
N ILE A 56 3.35 3.53 4.00
CA ILE A 56 4.25 3.35 5.14
C ILE A 56 5.66 3.87 4.81
N LYS A 57 6.22 3.32 3.74
CA LYS A 57 7.56 3.71 3.31
C LYS A 57 7.55 5.12 2.71
N ARG A 58 8.73 5.63 2.39
CA ARG A 58 8.85 6.96 1.81
C ARG A 58 8.86 6.89 0.29
N PRO A 59 8.64 8.04 -0.39
CA PRO A 59 8.62 8.09 -1.86
C PRO A 59 10.00 7.87 -2.46
N GLY A 60 10.09 6.98 -3.43
CA GLY A 60 11.35 6.69 -4.08
C GLY A 60 12.13 5.58 -3.38
N ALA A 61 11.74 5.28 -2.14
CA ALA A 61 12.41 4.24 -1.37
C ALA A 61 12.40 2.90 -2.11
N VAL A 62 13.47 2.12 -1.92
CA VAL A 62 13.58 0.82 -2.56
C VAL A 62 12.74 -0.23 -1.82
N LEU A 63 11.89 -0.93 -2.56
CA LEU A 63 11.03 -1.95 -1.97
C LEU A 63 11.78 -3.27 -1.85
N GLU A 64 11.44 -4.03 -0.81
CA GLU A 64 12.08 -5.33 -0.57
C GLU A 64 11.04 -6.44 -0.46
N ALA A 65 11.41 -7.63 -0.93
CA ALA A 65 10.51 -8.77 -0.90
C ALA A 65 10.13 -9.13 0.54
N GLY A 66 8.95 -8.69 0.96
CA GLY A 66 8.50 -8.97 2.31
C GLY A 66 8.26 -7.70 3.12
N CYS A 67 8.97 -6.64 2.77
CA CYS A 67 8.84 -5.37 3.46
C CYS A 67 7.45 -4.79 3.26
N VAL A 68 6.97 -4.04 4.26
CA VAL A 68 5.66 -3.43 4.19
C VAL A 68 5.69 -2.13 3.40
N VAL A 69 5.02 -2.12 2.25
CA VAL A 69 4.99 -0.94 1.39
C VAL A 69 3.91 0.04 1.85
N ALA A 70 2.86 -0.48 2.47
CA ALA A 70 1.76 0.35 2.95
C ALA A 70 0.86 -0.42 3.91
N ARG A 71 -0.37 0.06 4.09
CA ARG A 71 -1.32 -0.59 4.99
C ARG A 71 -2.71 -0.64 4.37
N LEU A 72 -3.67 -1.16 5.13
CA LEU A 72 -5.04 -1.27 4.65
C LEU A 72 -6.03 -1.01 5.78
N GLU A 73 -6.92 -0.04 5.56
CA GLU A 73 -7.93 0.31 6.56
C GLU A 73 -9.19 -0.54 6.38
N LEU A 74 -9.13 -1.78 6.86
CA LEU A 74 -10.27 -2.68 6.75
C LEU A 74 -11.47 -2.15 7.52
N ASP A 75 -12.66 -2.62 7.14
CA ASP A 75 -13.89 -2.19 7.80
C ASP A 75 -14.01 -2.81 9.19
N ASP A 76 -13.08 -2.46 10.07
CA ASP A 76 -13.08 -2.99 11.44
C ASP A 76 -14.13 -2.28 12.29
N LEU A 77 -14.16 -2.61 13.57
CA LEU A 77 -15.12 -2.01 14.49
C LEU A 77 -14.58 -0.68 15.04
N GLU A 78 -13.26 -0.52 15.02
CA GLU A 78 -12.64 0.70 15.51
C GLU A 78 -12.85 1.85 14.53
N HIS A 79 -14.00 2.53 14.66
CA HIS A 79 -14.32 3.65 13.80
C HIS A 79 -14.35 4.96 14.58
N HIS A 80 -13.52 5.90 14.18
CA HIS A 80 -13.45 7.20 14.84
C HIS A 80 -12.82 8.24 13.93
N HIS A 81 -13.30 9.48 14.03
CA HIS A 81 -12.78 10.57 13.22
C HIS A 81 -12.58 11.83 14.06
N HIS A 82 -11.52 12.57 13.75
CA HIS A 82 -11.21 13.80 14.47
C HIS A 82 -11.76 15.02 13.74
N HIS A 83 -12.78 15.64 14.33
CA HIS A 83 -13.40 16.81 13.74
C HIS A 83 -12.51 18.04 13.91
N HIS A 84 -12.84 19.12 13.20
CA HIS A 84 -12.08 20.36 13.28
C HIS A 84 -12.50 21.18 14.48
N MET A 1 6.12 -14.25 10.84
CA MET A 1 5.43 -14.13 9.53
C MET A 1 3.95 -13.83 9.71
N GLU A 2 3.63 -12.55 9.88
CA GLU A 2 2.24 -12.13 10.07
C GLU A 2 1.86 -11.06 9.05
N ASN A 3 0.98 -11.42 8.13
CA ASN A 3 0.52 -10.50 7.09
C ASN A 3 -0.97 -10.27 7.19
N ASP A 4 -1.36 -9.13 7.77
CA ASP A 4 -2.77 -8.78 7.93
C ASP A 4 -3.32 -8.19 6.63
N PRO A 5 -4.66 -8.24 6.45
CA PRO A 5 -5.32 -7.71 5.26
C PRO A 5 -5.26 -6.18 5.19
N THR A 6 -5.11 -5.55 6.35
CA THR A 6 -5.05 -4.10 6.42
C THR A 6 -3.61 -3.60 6.32
N VAL A 7 -2.81 -4.27 5.49
CA VAL A 7 -1.41 -3.90 5.31
C VAL A 7 -0.94 -4.21 3.89
N LEU A 8 -0.50 -3.17 3.18
CA LEU A 8 -0.02 -3.34 1.82
C LEU A 8 1.48 -3.62 1.79
N ARG A 9 1.90 -4.49 0.89
CA ARG A 9 3.31 -4.85 0.77
C ARG A 9 3.66 -5.22 -0.67
N SER A 10 4.83 -4.77 -1.12
CA SER A 10 5.27 -5.06 -2.48
C SER A 10 5.58 -6.54 -2.65
N PRO A 11 5.34 -7.09 -3.85
CA PRO A 11 5.59 -8.51 -4.14
C PRO A 11 7.08 -8.82 -4.26
N SER A 12 7.86 -7.82 -4.65
CA SER A 12 9.30 -7.98 -4.81
C SER A 12 10.02 -6.66 -4.61
N ALA A 13 11.35 -6.70 -4.65
CA ALA A 13 12.16 -5.50 -4.48
C ALA A 13 12.16 -4.65 -5.74
N GLY A 14 11.64 -3.42 -5.62
CA GLY A 14 11.59 -2.53 -6.75
C GLY A 14 11.94 -1.10 -6.39
N LYS A 15 11.10 -0.16 -6.82
CA LYS A 15 11.32 1.25 -6.54
C LYS A 15 10.05 2.05 -6.76
N LEU A 16 9.75 2.95 -5.81
CA LEU A 16 8.56 3.78 -5.90
C LEU A 16 8.68 4.78 -7.05
N THR A 17 8.04 4.46 -8.18
CA THR A 17 8.07 5.32 -9.36
C THR A 17 7.19 6.55 -9.17
N GLN A 18 5.96 6.32 -8.70
CA GLN A 18 5.02 7.41 -8.48
C GLN A 18 3.83 6.96 -7.63
N TYR A 19 2.73 7.71 -7.70
CA TYR A 19 1.54 7.38 -6.93
C TYR A 19 0.27 7.83 -7.67
N THR A 20 -0.77 7.00 -7.61
CA THR A 20 -2.02 7.30 -8.28
C THR A 20 -3.02 7.95 -7.32
N VAL A 21 -2.70 7.96 -6.03
CA VAL A 21 -3.57 8.55 -5.02
C VAL A 21 -2.78 9.09 -3.84
N GLU A 22 -3.26 10.20 -3.28
CA GLU A 22 -2.61 10.83 -2.14
C GLU A 22 -2.72 9.95 -0.90
N ASP A 23 -2.17 10.44 0.22
CA ASP A 23 -2.21 9.71 1.48
C ASP A 23 -3.65 9.45 1.90
N GLY A 24 -3.96 8.19 2.20
CA GLY A 24 -5.30 7.84 2.62
C GLY A 24 -6.29 7.87 1.48
N GLY A 25 -5.79 7.67 0.26
CA GLY A 25 -6.66 7.69 -0.90
C GLY A 25 -7.61 6.51 -0.94
N HIS A 26 -8.90 6.77 -0.80
CA HIS A 26 -9.91 5.72 -0.82
C HIS A 26 -9.92 5.00 -2.16
N VAL A 27 -9.74 3.69 -2.13
CA VAL A 27 -9.74 2.89 -3.35
C VAL A 27 -10.34 1.50 -3.10
N GLU A 28 -11.15 1.03 -4.05
CA GLU A 28 -11.78 -0.27 -3.93
C GLU A 28 -10.84 -1.38 -4.41
N ALA A 29 -11.13 -2.62 -4.02
CA ALA A 29 -10.32 -3.76 -4.41
C ALA A 29 -10.04 -3.76 -5.91
N GLY A 30 -8.77 -3.93 -6.27
CA GLY A 30 -8.40 -3.95 -7.67
C GLY A 30 -7.94 -2.58 -8.16
N SER A 31 -8.39 -1.52 -7.51
CA SER A 31 -8.02 -0.17 -7.89
C SER A 31 -6.57 0.11 -7.52
N SER A 32 -5.80 0.58 -8.50
CA SER A 32 -4.39 0.89 -8.29
C SER A 32 -4.25 2.07 -7.34
N TYR A 33 -3.28 1.98 -6.43
CA TYR A 33 -3.04 3.04 -5.46
C TYR A 33 -1.66 3.68 -5.67
N ALA A 34 -0.82 3.02 -6.46
CA ALA A 34 0.52 3.52 -6.72
C ALA A 34 1.21 2.69 -7.80
N GLU A 35 2.50 2.91 -7.97
CA GLU A 35 3.28 2.18 -8.97
C GLU A 35 4.70 1.94 -8.48
N MET A 36 5.41 1.03 -9.14
CA MET A 36 6.78 0.71 -8.77
C MET A 36 7.57 0.22 -9.99
N GLU A 37 8.64 0.93 -10.31
CA GLU A 37 9.48 0.56 -11.45
C GLU A 37 10.59 -0.40 -11.02
N VAL A 38 10.41 -1.67 -11.33
CA VAL A 38 11.40 -2.69 -10.99
C VAL A 38 12.41 -2.87 -12.12
N MET A 39 13.51 -3.57 -11.84
CA MET A 39 14.55 -3.80 -12.84
C MET A 39 13.97 -4.45 -14.10
N LYS A 40 12.87 -5.17 -13.93
CA LYS A 40 12.22 -5.84 -15.05
C LYS A 40 11.44 -4.83 -15.91
N MET A 41 10.28 -4.43 -15.40
CA MET A 41 9.44 -3.47 -16.10
C MET A 41 8.61 -2.65 -15.12
N ILE A 42 7.72 -1.81 -15.65
CA ILE A 42 6.86 -0.99 -14.81
C ILE A 42 5.64 -1.78 -14.35
N MET A 43 5.16 -1.46 -13.14
CA MET A 43 4.01 -2.15 -12.58
C MET A 43 3.16 -1.20 -11.74
N THR A 44 1.92 -1.60 -11.47
CA THR A 44 1.01 -0.79 -10.67
C THR A 44 0.57 -1.54 -9.42
N LEU A 45 0.62 -0.87 -8.28
CA LEU A 45 0.22 -1.48 -7.02
C LEU A 45 -1.26 -1.20 -6.73
N ASN A 46 -1.98 -2.24 -6.36
CA ASN A 46 -3.41 -2.11 -6.06
C ASN A 46 -3.75 -2.75 -4.72
N VAL A 47 -4.98 -2.53 -4.26
CA VAL A 47 -5.43 -3.07 -2.99
C VAL A 47 -6.15 -4.40 -3.19
N GLN A 48 -6.14 -5.24 -2.16
CA GLN A 48 -6.79 -6.54 -2.23
C GLN A 48 -8.27 -6.44 -1.87
N GLU A 49 -8.65 -5.34 -1.22
CA GLU A 49 -10.03 -5.13 -0.82
C GLU A 49 -10.34 -3.64 -0.69
N ARG A 50 -11.61 -3.32 -0.44
CA ARG A 50 -12.04 -1.93 -0.30
C ARG A 50 -11.46 -1.32 0.97
N GLY A 51 -11.08 -0.05 0.89
CA GLY A 51 -10.52 0.65 2.03
C GLY A 51 -9.68 1.83 1.65
N ARG A 52 -9.22 2.58 2.64
CA ARG A 52 -8.38 3.76 2.40
C ARG A 52 -6.90 3.41 2.48
N VAL A 53 -6.18 3.65 1.39
CA VAL A 53 -4.76 3.34 1.34
C VAL A 53 -3.93 4.46 1.98
N LYS A 54 -3.10 4.09 2.94
CA LYS A 54 -2.25 5.07 3.63
C LYS A 54 -0.78 4.79 3.33
N TYR A 55 -0.17 5.68 2.55
CA TYR A 55 1.24 5.53 2.19
C TYR A 55 2.14 5.46 3.43
N ILE A 56 3.09 4.53 3.41
CA ILE A 56 4.01 4.36 4.51
C ILE A 56 5.39 4.91 4.15
N LYS A 57 5.97 4.33 3.11
CA LYS A 57 7.29 4.76 2.65
C LYS A 57 7.21 6.11 1.96
N ARG A 58 8.37 6.71 1.71
CA ARG A 58 8.43 8.01 1.05
C ARG A 58 8.58 7.86 -0.46
N PRO A 59 8.34 8.94 -1.23
CA PRO A 59 8.45 8.92 -2.69
C PRO A 59 9.88 8.73 -3.15
N GLY A 60 10.07 7.82 -4.11
CA GLY A 60 11.40 7.55 -4.64
C GLY A 60 12.10 6.42 -3.90
N ALA A 61 11.67 6.15 -2.67
CA ALA A 61 12.26 5.09 -1.87
C ALA A 61 12.21 3.75 -2.60
N VAL A 62 13.26 2.94 -2.42
CA VAL A 62 13.33 1.64 -3.06
C VAL A 62 12.48 0.61 -2.31
N LEU A 63 11.63 -0.10 -3.04
CA LEU A 63 10.76 -1.11 -2.44
C LEU A 63 11.50 -2.44 -2.29
N GLU A 64 11.15 -3.18 -1.24
CA GLU A 64 11.76 -4.48 -0.99
C GLU A 64 10.72 -5.58 -0.90
N ALA A 65 11.09 -6.79 -1.31
CA ALA A 65 10.18 -7.92 -1.28
C ALA A 65 9.74 -8.23 0.14
N GLY A 66 8.57 -7.71 0.51
CA GLY A 66 8.04 -7.94 1.84
C GLY A 66 7.85 -6.65 2.62
N CYS A 67 8.56 -5.60 2.23
CA CYS A 67 8.46 -4.31 2.89
C CYS A 67 7.07 -3.72 2.71
N VAL A 68 6.62 -2.96 3.72
CA VAL A 68 5.31 -2.34 3.67
C VAL A 68 5.34 -1.04 2.87
N VAL A 69 4.77 -1.09 1.67
CA VAL A 69 4.74 0.08 0.79
C VAL A 69 3.59 1.01 1.17
N ALA A 70 2.57 0.47 1.82
CA ALA A 70 1.41 1.25 2.22
C ALA A 70 0.55 0.50 3.24
N ARG A 71 -0.67 0.97 3.44
CA ARG A 71 -1.58 0.34 4.39
C ARG A 71 -3.01 0.34 3.87
N LEU A 72 -3.93 -0.21 4.65
CA LEU A 72 -5.33 -0.27 4.26
C LEU A 72 -6.24 -0.04 5.46
N GLU A 73 -7.11 0.96 5.35
CA GLU A 73 -8.04 1.29 6.43
C GLU A 73 -9.35 0.52 6.27
N LEU A 74 -9.32 -0.76 6.64
CA LEU A 74 -10.51 -1.61 6.55
C LEU A 74 -11.62 -1.09 7.45
N ASP A 75 -11.24 -0.37 8.50
CA ASP A 75 -12.21 0.19 9.46
C ASP A 75 -13.31 -0.81 9.78
N ASP A 76 -12.92 -2.01 10.19
CA ASP A 76 -13.87 -3.06 10.53
C ASP A 76 -14.47 -2.81 11.91
N LEU A 77 -15.42 -3.65 12.29
CA LEU A 77 -16.08 -3.53 13.59
C LEU A 77 -15.29 -4.24 14.67
N GLU A 78 -14.59 -5.30 14.28
CA GLU A 78 -13.78 -6.06 15.23
C GLU A 78 -12.51 -5.31 15.60
N HIS A 79 -12.67 -4.22 16.35
CA HIS A 79 -11.55 -3.40 16.78
C HIS A 79 -11.87 -2.66 18.07
N HIS A 80 -10.86 -2.47 18.91
CA HIS A 80 -11.04 -1.77 20.17
C HIS A 80 -9.96 -0.70 20.36
N HIS A 81 -10.33 0.55 20.14
CA HIS A 81 -9.39 1.67 20.29
C HIS A 81 -10.08 2.87 20.93
N HIS A 82 -9.31 3.65 21.69
CA HIS A 82 -9.85 4.83 22.35
C HIS A 82 -9.40 6.10 21.63
N HIS A 83 -10.29 6.66 20.81
CA HIS A 83 -10.00 7.88 20.07
C HIS A 83 -11.25 8.43 19.40
N HIS A 84 -11.59 9.66 19.73
CA HIS A 84 -12.77 10.31 19.16
C HIS A 84 -12.54 10.67 17.69
N MET A 1 4.84 -12.57 14.01
CA MET A 1 4.29 -12.24 12.67
C MET A 1 3.43 -10.97 12.73
N GLU A 2 4.08 -9.82 12.73
CA GLU A 2 3.38 -8.54 12.79
C GLU A 2 2.95 -8.10 11.39
N ASN A 3 1.86 -8.70 10.91
CA ASN A 3 1.34 -8.37 9.58
C ASN A 3 -0.19 -8.40 9.58
N ASP A 4 -0.80 -7.23 9.72
CA ASP A 4 -2.26 -7.13 9.73
C ASP A 4 -2.81 -7.13 8.31
N PRO A 5 -4.11 -7.44 8.14
CA PRO A 5 -4.75 -7.47 6.83
C PRO A 5 -4.92 -6.08 6.23
N THR A 6 -4.95 -5.07 7.09
CA THR A 6 -5.11 -3.68 6.64
C THR A 6 -3.75 -3.05 6.32
N VAL A 7 -2.68 -3.83 6.42
CA VAL A 7 -1.34 -3.32 6.14
C VAL A 7 -0.95 -3.58 4.70
N LEU A 8 -0.56 -2.53 3.99
CA LEU A 8 -0.15 -2.64 2.60
C LEU A 8 1.35 -2.94 2.49
N ARG A 9 1.71 -3.82 1.57
CA ARG A 9 3.11 -4.19 1.36
C ARG A 9 3.36 -4.56 -0.09
N SER A 10 4.52 -4.16 -0.61
CA SER A 10 4.89 -4.46 -1.99
C SER A 10 5.15 -5.95 -2.18
N PRO A 11 4.86 -6.49 -3.38
CA PRO A 11 5.05 -7.91 -3.68
C PRO A 11 6.53 -8.25 -3.90
N SER A 12 7.31 -7.25 -4.31
CA SER A 12 8.73 -7.45 -4.57
C SER A 12 9.50 -6.15 -4.38
N ALA A 13 10.82 -6.24 -4.46
CA ALA A 13 11.68 -5.07 -4.29
C ALA A 13 11.67 -4.19 -5.53
N GLY A 14 11.42 -2.90 -5.34
CA GLY A 14 11.39 -1.97 -6.46
C GLY A 14 11.77 -0.57 -6.05
N LYS A 15 11.00 0.41 -6.53
CA LYS A 15 11.27 1.82 -6.21
C LYS A 15 10.04 2.67 -6.49
N LEU A 16 9.76 3.62 -5.59
CA LEU A 16 8.61 4.50 -5.74
C LEU A 16 8.80 5.45 -6.92
N THR A 17 8.22 5.08 -8.05
CA THR A 17 8.32 5.90 -9.27
C THR A 17 7.41 7.12 -9.19
N GLN A 18 6.19 6.92 -8.69
CA GLN A 18 5.22 8.00 -8.56
C GLN A 18 4.06 7.60 -7.67
N TYR A 19 2.93 8.31 -7.80
CA TYR A 19 1.75 8.02 -7.00
C TYR A 19 0.48 8.37 -7.76
N THR A 20 -0.54 7.54 -7.63
CA THR A 20 -1.81 7.76 -8.31
C THR A 20 -2.83 8.46 -7.40
N VAL A 21 -2.54 8.48 -6.11
CA VAL A 21 -3.44 9.12 -5.15
C VAL A 21 -2.68 9.70 -3.97
N GLU A 22 -3.18 10.81 -3.44
CA GLU A 22 -2.55 11.47 -2.29
C GLU A 22 -2.67 10.62 -1.04
N ASP A 23 -2.15 11.14 0.07
CA ASP A 23 -2.20 10.43 1.34
C ASP A 23 -3.65 10.17 1.75
N GLY A 24 -3.93 8.94 2.18
CA GLY A 24 -5.27 8.58 2.60
C GLY A 24 -6.25 8.57 1.44
N GLY A 25 -5.74 8.30 0.24
CA GLY A 25 -6.58 8.26 -0.94
C GLY A 25 -7.56 7.10 -0.91
N HIS A 26 -8.85 7.41 -0.79
CA HIS A 26 -9.89 6.39 -0.74
C HIS A 26 -9.94 5.60 -2.05
N VAL A 27 -9.70 4.31 -1.96
CA VAL A 27 -9.72 3.44 -3.14
C VAL A 27 -10.22 2.04 -2.80
N GLU A 28 -11.01 1.46 -3.70
CA GLU A 28 -11.55 0.12 -3.50
C GLU A 28 -10.54 -0.94 -3.95
N ALA A 29 -10.73 -2.17 -3.48
CA ALA A 29 -9.85 -3.27 -3.84
C ALA A 29 -9.61 -3.32 -5.35
N GLY A 30 -8.34 -3.37 -5.74
CA GLY A 30 -8.00 -3.43 -7.15
C GLY A 30 -7.59 -2.09 -7.71
N SER A 31 -8.05 -1.02 -7.07
CA SER A 31 -7.72 0.34 -7.51
C SER A 31 -6.26 0.67 -7.21
N SER A 32 -5.55 1.16 -8.23
CA SER A 32 -4.14 1.52 -8.08
C SER A 32 -3.98 2.70 -7.15
N TYR A 33 -3.02 2.60 -6.23
CA TYR A 33 -2.75 3.68 -5.28
C TYR A 33 -1.39 4.32 -5.53
N ALA A 34 -0.56 3.65 -6.33
CA ALA A 34 0.77 4.15 -6.66
C ALA A 34 1.43 3.30 -7.73
N GLU A 35 2.72 3.54 -7.96
CA GLU A 35 3.46 2.79 -8.96
C GLU A 35 4.92 2.60 -8.53
N MET A 36 5.60 1.67 -9.19
CA MET A 36 6.99 1.39 -8.87
C MET A 36 7.74 0.88 -10.09
N GLU A 37 8.88 1.49 -10.38
CA GLU A 37 9.70 1.10 -11.54
C GLU A 37 10.73 0.06 -11.13
N VAL A 38 10.51 -1.18 -11.57
CA VAL A 38 11.43 -2.27 -11.27
C VAL A 38 12.49 -2.41 -12.36
N MET A 39 13.49 -3.24 -12.11
CA MET A 39 14.56 -3.46 -13.07
C MET A 39 13.99 -3.96 -14.40
N LYS A 40 12.86 -4.66 -14.33
CA LYS A 40 12.22 -5.19 -15.52
C LYS A 40 11.46 -4.10 -16.26
N MET A 41 10.33 -3.69 -15.71
CA MET A 41 9.51 -2.65 -16.32
C MET A 41 8.72 -1.89 -15.27
N ILE A 42 7.86 -0.98 -15.71
CA ILE A 42 7.03 -0.19 -14.81
C ILE A 42 5.80 -0.96 -14.38
N MET A 43 5.33 -0.70 -13.16
CA MET A 43 4.14 -1.38 -12.64
C MET A 43 3.32 -0.44 -11.76
N THR A 44 2.08 -0.85 -11.47
CA THR A 44 1.20 -0.04 -10.64
C THR A 44 0.78 -0.80 -9.38
N LEU A 45 0.92 -0.15 -8.23
CA LEU A 45 0.56 -0.76 -6.96
C LEU A 45 -0.88 -0.43 -6.59
N ASN A 46 -1.63 -1.44 -6.15
CA ASN A 46 -3.02 -1.24 -5.78
C ASN A 46 -3.31 -1.87 -4.42
N VAL A 47 -4.54 -1.70 -3.95
CA VAL A 47 -4.95 -2.25 -2.66
C VAL A 47 -5.59 -3.63 -2.83
N GLN A 48 -5.44 -4.47 -1.81
CA GLN A 48 -6.00 -5.82 -1.85
C GLN A 48 -7.45 -5.84 -1.39
N GLU A 49 -7.90 -4.74 -0.78
CA GLU A 49 -9.28 -4.65 -0.31
C GLU A 49 -9.75 -3.21 -0.24
N ARG A 50 -11.04 -3.02 -0.01
CA ARG A 50 -11.63 -1.69 0.07
C ARG A 50 -11.13 -0.95 1.31
N GLY A 51 -10.73 0.31 1.12
CA GLY A 51 -10.24 1.10 2.23
C GLY A 51 -9.42 2.28 1.77
N ARG A 52 -8.96 3.09 2.72
CA ARG A 52 -8.17 4.28 2.40
C ARG A 52 -6.68 3.96 2.46
N VAL A 53 -5.97 4.35 1.41
CA VAL A 53 -4.53 4.12 1.33
C VAL A 53 -3.75 5.21 2.05
N LYS A 54 -2.93 4.80 3.02
CA LYS A 54 -2.13 5.74 3.79
C LYS A 54 -0.65 5.51 3.54
N TYR A 55 -0.02 6.44 2.83
CA TYR A 55 1.40 6.33 2.52
C TYR A 55 2.25 6.24 3.79
N ILE A 56 3.12 5.24 3.84
CA ILE A 56 4.00 5.04 4.99
C ILE A 56 5.42 5.47 4.65
N LYS A 57 5.95 4.90 3.57
CA LYS A 57 7.30 5.21 3.13
C LYS A 57 7.36 6.61 2.53
N ARG A 58 8.57 7.07 2.23
CA ARG A 58 8.76 8.39 1.65
C ARG A 58 8.80 8.31 0.12
N PRO A 59 8.60 9.45 -0.56
CA PRO A 59 8.62 9.51 -2.02
C PRO A 59 10.00 9.25 -2.60
N GLY A 60 10.07 8.34 -3.56
CA GLY A 60 11.34 8.01 -4.19
C GLY A 60 12.06 6.88 -3.46
N ALA A 61 11.62 6.57 -2.25
CA ALA A 61 12.23 5.51 -1.45
C ALA A 61 12.22 4.18 -2.21
N VAL A 62 13.25 3.37 -1.98
CA VAL A 62 13.36 2.08 -2.64
C VAL A 62 12.47 1.05 -1.95
N LEU A 63 11.66 0.35 -2.75
CA LEU A 63 10.76 -0.66 -2.22
C LEU A 63 11.47 -1.99 -2.03
N GLU A 64 10.98 -2.79 -1.09
CA GLU A 64 11.58 -4.10 -0.80
C GLU A 64 10.51 -5.16 -0.68
N ALA A 65 10.85 -6.38 -1.07
CA ALA A 65 9.91 -7.50 -1.00
C ALA A 65 9.47 -7.76 0.44
N GLY A 66 8.35 -7.18 0.82
CA GLY A 66 7.84 -7.37 2.17
C GLY A 66 7.68 -6.05 2.91
N CYS A 67 8.40 -5.02 2.48
CA CYS A 67 8.33 -3.71 3.10
C CYS A 67 6.93 -3.11 2.94
N VAL A 68 6.52 -2.32 3.93
CA VAL A 68 5.21 -1.69 3.89
C VAL A 68 5.23 -0.42 3.05
N VAL A 69 4.58 -0.47 1.90
CA VAL A 69 4.53 0.68 1.00
C VAL A 69 3.46 1.68 1.43
N ALA A 70 2.43 1.18 2.11
CA ALA A 70 1.34 2.03 2.57
C ALA A 70 0.49 1.31 3.60
N ARG A 71 -0.69 1.85 3.88
CA ARG A 71 -1.61 1.26 4.85
C ARG A 71 -3.05 1.37 4.37
N LEU A 72 -3.82 0.31 4.60
CA LEU A 72 -5.22 0.28 4.19
C LEU A 72 -6.13 0.71 5.34
N GLU A 73 -7.36 1.07 5.00
CA GLU A 73 -8.33 1.50 6.00
C GLU A 73 -9.73 1.00 5.66
N LEU A 74 -10.05 -0.21 6.12
CA LEU A 74 -11.35 -0.81 5.87
C LEU A 74 -12.47 0.03 6.49
N ASP A 75 -12.23 0.51 7.71
CA ASP A 75 -13.21 1.33 8.43
C ASP A 75 -14.28 0.44 9.08
N ASP A 76 -13.84 -0.46 9.96
CA ASP A 76 -14.75 -1.36 10.65
C ASP A 76 -15.47 -0.63 11.79
N LEU A 77 -16.79 -0.82 11.87
CA LEU A 77 -17.58 -0.19 12.92
C LEU A 77 -17.60 -1.04 14.19
N GLU A 78 -16.43 -1.45 14.64
CA GLU A 78 -16.30 -2.28 15.85
C GLU A 78 -16.67 -3.72 15.55
N HIS A 79 -15.86 -4.38 14.72
CA HIS A 79 -16.10 -5.78 14.36
C HIS A 79 -14.78 -6.51 14.13
N HIS A 80 -13.76 -6.12 14.88
CA HIS A 80 -12.45 -6.74 14.77
C HIS A 80 -11.92 -7.17 16.13
N HIS A 81 -10.80 -7.88 16.13
CA HIS A 81 -10.19 -8.35 17.37
C HIS A 81 -9.44 -7.23 18.07
N HIS A 82 -8.43 -6.69 17.39
CA HIS A 82 -7.63 -5.61 17.94
C HIS A 82 -7.42 -4.51 16.91
N HIS A 83 -7.23 -3.28 17.38
CA HIS A 83 -7.01 -2.14 16.49
C HIS A 83 -5.55 -1.71 16.50
N HIS A 84 -4.84 -2.04 17.57
CA HIS A 84 -3.44 -1.69 17.69
C HIS A 84 -2.54 -2.75 17.07
N MET A 1 4.97 -9.65 17.58
CA MET A 1 5.30 -9.96 16.17
C MET A 1 5.06 -8.75 15.27
N GLU A 2 5.47 -8.86 14.01
CA GLU A 2 5.29 -7.78 13.06
C GLU A 2 4.69 -8.28 11.75
N ASN A 3 3.36 -8.37 11.72
CA ASN A 3 2.66 -8.85 10.53
C ASN A 3 1.15 -8.69 10.69
N ASP A 4 0.51 -8.07 9.72
CA ASP A 4 -0.93 -7.87 9.75
C ASP A 4 -1.49 -7.62 8.35
N PRO A 5 -2.80 -7.81 8.17
CA PRO A 5 -3.46 -7.61 6.86
C PRO A 5 -3.63 -6.13 6.53
N THR A 6 -3.59 -5.29 7.54
CA THR A 6 -3.75 -3.85 7.35
C THR A 6 -2.40 -3.17 7.11
N VAL A 7 -1.58 -3.77 6.26
CA VAL A 7 -0.26 -3.23 5.95
C VAL A 7 0.09 -3.45 4.47
N LEU A 8 1.32 -3.09 4.11
CA LEU A 8 1.78 -3.26 2.74
C LEU A 8 3.28 -3.55 2.70
N ARG A 9 3.67 -4.46 1.82
CA ARG A 9 5.07 -4.84 1.68
C ARG A 9 5.38 -5.26 0.25
N SER A 10 6.55 -4.85 -0.25
CA SER A 10 6.96 -5.19 -1.60
C SER A 10 7.24 -6.68 -1.74
N PRO A 11 6.93 -7.27 -2.91
CA PRO A 11 7.15 -8.70 -3.16
C PRO A 11 8.63 -9.03 -3.36
N SER A 12 9.40 -8.04 -3.79
CA SER A 12 10.83 -8.23 -4.02
C SER A 12 11.59 -6.93 -3.86
N ALA A 13 12.91 -6.99 -3.99
CA ALA A 13 13.75 -5.80 -3.86
C ALA A 13 13.67 -4.92 -5.10
N GLY A 14 13.18 -3.70 -4.92
CA GLY A 14 13.06 -2.78 -6.03
C GLY A 14 13.47 -1.37 -5.66
N LYS A 15 12.68 -0.39 -6.09
CA LYS A 15 12.97 1.02 -5.81
C LYS A 15 11.73 1.87 -6.02
N LEU A 16 11.46 2.76 -5.07
CA LEU A 16 10.30 3.65 -5.15
C LEU A 16 10.48 4.66 -6.28
N THR A 17 9.87 4.37 -7.43
CA THR A 17 9.96 5.25 -8.58
C THR A 17 9.07 6.48 -8.41
N GLN A 18 7.83 6.26 -7.98
CA GLN A 18 6.88 7.34 -7.77
C GLN A 18 5.65 6.86 -6.99
N TYR A 19 4.57 7.63 -7.05
CA TYR A 19 3.34 7.28 -6.34
C TYR A 19 2.12 7.81 -7.08
N THR A 20 1.06 7.01 -7.12
CA THR A 20 -0.17 7.39 -7.79
C THR A 20 -1.19 7.96 -6.81
N VAL A 21 -0.87 7.94 -5.52
CA VAL A 21 -1.77 8.46 -4.49
C VAL A 21 -0.99 9.01 -3.30
N GLU A 22 -1.50 10.10 -2.73
CA GLU A 22 -0.86 10.73 -1.58
C GLU A 22 -0.97 9.84 -0.35
N ASP A 23 -0.48 10.35 0.78
CA ASP A 23 -0.54 9.60 2.03
C ASP A 23 -1.98 9.27 2.42
N GLY A 24 -2.18 8.07 2.96
CA GLY A 24 -3.50 7.66 3.35
C GLY A 24 -4.48 7.65 2.20
N GLY A 25 -3.95 7.45 0.99
CA GLY A 25 -4.80 7.42 -0.19
C GLY A 25 -5.77 6.25 -0.19
N HIS A 26 -7.05 6.56 -0.05
CA HIS A 26 -8.08 5.52 -0.03
C HIS A 26 -8.14 4.79 -1.35
N VAL A 27 -7.94 3.47 -1.30
CA VAL A 27 -7.97 2.65 -2.50
C VAL A 27 -8.51 1.24 -2.20
N GLU A 28 -9.28 0.69 -3.12
CA GLU A 28 -9.85 -0.63 -2.96
C GLU A 28 -8.87 -1.70 -3.41
N ALA A 29 -9.06 -2.92 -2.95
CA ALA A 29 -8.18 -4.03 -3.31
C ALA A 29 -7.94 -4.08 -4.82
N GLY A 30 -6.68 -4.21 -5.21
CA GLY A 30 -6.34 -4.27 -6.62
C GLY A 30 -5.95 -2.92 -7.18
N SER A 31 -6.42 -1.85 -6.55
CA SER A 31 -6.10 -0.50 -6.99
C SER A 31 -4.65 -0.15 -6.68
N SER A 32 -3.92 0.27 -7.70
CA SER A 32 -2.51 0.64 -7.55
C SER A 32 -2.38 1.89 -6.69
N TYR A 33 -1.39 1.87 -5.79
CA TYR A 33 -1.14 3.00 -4.89
C TYR A 33 0.20 3.66 -5.20
N ALA A 34 1.04 2.98 -5.97
CA ALA A 34 2.35 3.50 -6.33
C ALA A 34 3.04 2.62 -7.36
N GLU A 35 4.32 2.86 -7.58
CA GLU A 35 5.09 2.08 -8.54
C GLU A 35 6.51 1.85 -8.05
N MET A 36 7.23 0.95 -8.70
CA MET A 36 8.60 0.64 -8.33
C MET A 36 9.40 0.15 -9.54
N GLU A 37 10.49 0.85 -9.83
CA GLU A 37 11.35 0.49 -10.96
C GLU A 37 12.43 -0.49 -10.53
N VAL A 38 12.27 -1.76 -10.92
CA VAL A 38 13.24 -2.79 -10.57
C VAL A 38 14.30 -2.92 -11.68
N MET A 39 15.33 -3.72 -11.41
CA MET A 39 16.40 -3.92 -12.38
C MET A 39 15.85 -4.49 -13.68
N LYS A 40 14.76 -5.24 -13.59
CA LYS A 40 14.12 -5.83 -14.76
C LYS A 40 13.31 -4.79 -15.52
N MET A 41 12.16 -4.41 -14.96
CA MET A 41 11.29 -3.42 -15.59
C MET A 41 10.49 -2.66 -14.54
N ILE A 42 9.61 -1.78 -15.00
CA ILE A 42 8.77 -0.99 -14.11
C ILE A 42 7.55 -1.79 -13.65
N MET A 43 7.06 -1.50 -12.46
CA MET A 43 5.90 -2.20 -11.92
C MET A 43 5.03 -1.25 -11.09
N THR A 44 3.80 -1.69 -10.81
CA THR A 44 2.86 -0.89 -10.03
C THR A 44 2.45 -1.63 -8.75
N LEU A 45 2.54 -0.95 -7.62
CA LEU A 45 2.16 -1.54 -6.35
C LEU A 45 0.71 -1.24 -6.02
N ASN A 46 -0.01 -2.25 -5.54
CA ASN A 46 -1.41 -2.10 -5.20
C ASN A 46 -1.71 -2.74 -3.83
N VAL A 47 -2.94 -2.57 -3.37
CA VAL A 47 -3.35 -3.14 -2.09
C VAL A 47 -3.99 -4.51 -2.27
N GLN A 48 -3.84 -5.37 -1.26
CA GLN A 48 -4.40 -6.71 -1.31
C GLN A 48 -5.86 -6.73 -0.87
N GLU A 49 -6.30 -5.63 -0.26
CA GLU A 49 -7.68 -5.54 0.22
C GLU A 49 -8.14 -4.08 0.28
N ARG A 50 -9.44 -3.88 0.50
CA ARG A 50 -10.00 -2.54 0.57
C ARG A 50 -9.51 -1.82 1.83
N GLY A 51 -9.01 -0.60 1.65
CA GLY A 51 -8.52 0.17 2.77
C GLY A 51 -7.71 1.38 2.33
N ARG A 52 -7.26 2.17 3.30
CA ARG A 52 -6.48 3.36 3.00
C ARG A 52 -4.99 3.06 3.03
N VAL A 53 -4.30 3.48 1.98
CA VAL A 53 -2.86 3.26 1.87
C VAL A 53 -2.07 4.35 2.61
N LYS A 54 -1.26 3.93 3.57
CA LYS A 54 -0.45 4.87 4.34
C LYS A 54 1.03 4.65 4.06
N TYR A 55 1.61 5.54 3.28
CA TYR A 55 3.03 5.45 2.92
C TYR A 55 3.92 5.42 4.15
N ILE A 56 4.87 4.49 4.17
CA ILE A 56 5.79 4.35 5.29
C ILE A 56 7.18 4.85 4.88
N LYS A 57 7.74 4.22 3.86
CA LYS A 57 9.05 4.60 3.36
C LYS A 57 9.00 5.93 2.62
N ARG A 58 10.17 6.54 2.43
CA ARG A 58 10.25 7.83 1.74
C ARG A 58 10.49 7.63 0.24
N PRO A 59 10.25 8.68 -0.56
CA PRO A 59 10.43 8.63 -2.01
C PRO A 59 11.89 8.43 -2.40
N GLY A 60 12.13 7.54 -3.37
CA GLY A 60 13.49 7.27 -3.81
C GLY A 60 14.12 6.10 -3.06
N ALA A 61 13.63 5.83 -1.86
CA ALA A 61 14.15 4.73 -1.05
C ALA A 61 14.07 3.41 -1.80
N VAL A 62 15.10 2.58 -1.65
CA VAL A 62 15.15 1.28 -2.31
C VAL A 62 14.29 0.27 -1.56
N LEU A 63 13.39 -0.38 -2.28
CA LEU A 63 12.50 -1.37 -1.69
C LEU A 63 13.20 -2.74 -1.60
N GLU A 64 12.96 -3.44 -0.50
CA GLU A 64 13.56 -4.75 -0.28
C GLU A 64 12.47 -5.81 -0.10
N ALA A 65 12.83 -7.06 -0.39
CA ALA A 65 11.88 -8.17 -0.27
C ALA A 65 11.44 -8.33 1.19
N GLY A 66 10.18 -8.01 1.45
CA GLY A 66 9.65 -8.13 2.79
C GLY A 66 9.52 -6.80 3.50
N CYS A 67 10.24 -5.79 3.01
CA CYS A 67 10.20 -4.46 3.61
C CYS A 67 8.81 -3.85 3.46
N VAL A 68 8.43 -3.03 4.43
CA VAL A 68 7.12 -2.38 4.42
C VAL A 68 7.14 -1.14 3.53
N VAL A 69 6.55 -1.26 2.35
CA VAL A 69 6.49 -0.16 1.40
C VAL A 69 5.33 0.78 1.72
N ALA A 70 4.32 0.28 2.40
CA ALA A 70 3.16 1.08 2.76
C ALA A 70 2.32 0.41 3.83
N ARG A 71 1.09 0.89 4.01
CA ARG A 71 0.18 0.35 5.01
C ARG A 71 -1.23 0.28 4.45
N LEU A 72 -2.17 -0.23 5.25
CA LEU A 72 -3.54 -0.36 4.81
C LEU A 72 -4.51 -0.06 5.96
N GLU A 73 -5.76 0.23 5.61
CA GLU A 73 -6.78 0.52 6.62
C GLU A 73 -8.12 -0.06 6.19
N LEU A 74 -8.36 -1.33 6.56
CA LEU A 74 -9.60 -2.01 6.22
C LEU A 74 -10.80 -1.31 6.83
N ASP A 75 -11.62 -0.69 6.00
CA ASP A 75 -12.81 0.01 6.45
C ASP A 75 -13.90 -0.98 6.85
N ASP A 76 -13.63 -1.75 7.90
CA ASP A 76 -14.58 -2.74 8.38
C ASP A 76 -15.71 -2.08 9.16
N LEU A 77 -16.92 -2.13 8.60
CA LEU A 77 -18.08 -1.53 9.23
C LEU A 77 -18.73 -2.50 10.22
N GLU A 78 -17.94 -2.94 11.20
CA GLU A 78 -18.42 -3.87 12.21
C GLU A 78 -19.36 -3.18 13.19
N HIS A 79 -19.15 -1.88 13.39
CA HIS A 79 -19.99 -1.09 14.30
C HIS A 79 -21.39 -0.92 13.74
N HIS A 80 -22.24 -0.21 14.47
CA HIS A 80 -23.61 0.03 14.04
C HIS A 80 -23.84 1.51 13.72
N HIS A 81 -24.75 1.77 12.81
CA HIS A 81 -25.06 3.14 12.40
C HIS A 81 -26.56 3.39 12.47
N HIS A 82 -26.97 4.58 12.01
CA HIS A 82 -28.38 4.95 12.02
C HIS A 82 -28.78 5.62 10.71
N HIS A 83 -30.04 5.47 10.33
CA HIS A 83 -30.55 6.06 9.09
C HIS A 83 -31.23 7.39 9.35
N HIS A 84 -31.71 7.57 10.59
CA HIS A 84 -32.38 8.81 10.97
C HIS A 84 -31.45 9.72 11.76
N MET A 1 2.73 -10.55 14.26
CA MET A 1 3.93 -11.15 13.63
C MET A 1 4.44 -10.29 12.48
N GLU A 2 4.30 -8.98 12.62
CA GLU A 2 4.74 -8.05 11.59
C GLU A 2 4.02 -8.31 10.27
N ASN A 3 2.70 -8.38 10.34
CA ASN A 3 1.89 -8.62 9.14
C ASN A 3 0.42 -8.31 9.41
N ASP A 4 -0.17 -7.49 8.54
CA ASP A 4 -1.57 -7.11 8.68
C ASP A 4 -2.14 -6.64 7.36
N PRO A 5 -3.47 -6.74 7.18
CA PRO A 5 -4.15 -6.33 5.95
C PRO A 5 -4.24 -4.80 5.82
N THR A 6 -4.09 -4.11 6.95
CA THR A 6 -4.16 -2.66 6.96
C THR A 6 -2.78 -2.03 6.74
N VAL A 7 -2.02 -2.58 5.81
CA VAL A 7 -0.69 -2.07 5.51
C VAL A 7 -0.34 -2.25 4.04
N LEU A 8 0.85 -1.80 3.66
CA LEU A 8 1.32 -1.92 2.29
C LEU A 8 2.83 -2.07 2.24
N ARG A 9 3.32 -2.94 1.37
CA ARG A 9 4.75 -3.18 1.23
C ARG A 9 5.12 -3.57 -0.19
N SER A 10 6.29 -3.16 -0.63
CA SER A 10 6.76 -3.46 -1.98
C SER A 10 7.04 -4.95 -2.13
N PRO A 11 6.78 -5.52 -3.32
CA PRO A 11 7.01 -6.94 -3.59
C PRO A 11 8.50 -7.26 -3.72
N SER A 12 9.29 -6.27 -4.13
CA SER A 12 10.72 -6.45 -4.29
C SER A 12 11.46 -5.12 -4.11
N ALA A 13 12.79 -5.17 -4.21
CA ALA A 13 13.60 -3.97 -4.07
C ALA A 13 13.54 -3.10 -5.32
N GLY A 14 12.92 -1.94 -5.19
CA GLY A 14 12.79 -1.03 -6.31
C GLY A 14 13.13 0.40 -5.95
N LYS A 15 12.30 1.33 -6.39
CA LYS A 15 12.51 2.76 -6.10
C LYS A 15 11.24 3.55 -6.31
N LEU A 16 10.95 4.46 -5.39
CA LEU A 16 9.76 5.29 -5.47
C LEU A 16 9.87 6.28 -6.64
N THR A 17 9.23 5.94 -7.76
CA THR A 17 9.27 6.80 -8.95
C THR A 17 8.35 8.00 -8.78
N GLN A 18 7.14 7.78 -8.28
CA GLN A 18 6.18 8.85 -8.08
C GLN A 18 5.02 8.40 -7.20
N TYR A 19 3.92 9.14 -7.26
CA TYR A 19 2.73 8.81 -6.46
C TYR A 19 1.46 9.25 -7.17
N THR A 20 0.43 8.42 -7.10
CA THR A 20 -0.84 8.71 -7.74
C THR A 20 -1.83 9.35 -6.76
N VAL A 21 -1.50 9.32 -5.47
CA VAL A 21 -2.37 9.90 -4.45
C VAL A 21 -1.56 10.42 -3.28
N GLU A 22 -2.01 11.55 -2.72
CA GLU A 22 -1.33 12.17 -1.59
C GLU A 22 -1.48 11.30 -0.34
N ASP A 23 -0.94 11.79 0.78
CA ASP A 23 -1.02 11.08 2.05
C ASP A 23 -2.48 10.85 2.45
N GLY A 24 -2.85 9.59 2.65
CA GLY A 24 -4.21 9.28 3.04
C GLY A 24 -5.17 9.33 1.86
N GLY A 25 -4.66 9.12 0.65
CA GLY A 25 -5.49 9.14 -0.53
C GLY A 25 -6.47 7.99 -0.57
N HIS A 26 -7.76 8.31 -0.49
CA HIS A 26 -8.81 7.29 -0.52
C HIS A 26 -8.78 6.53 -1.84
N VAL A 27 -8.57 5.22 -1.76
CA VAL A 27 -8.53 4.37 -2.95
C VAL A 27 -9.11 2.99 -2.66
N GLU A 28 -9.94 2.51 -3.58
CA GLU A 28 -10.56 1.19 -3.43
C GLU A 28 -9.62 0.09 -3.91
N ALA A 29 -9.90 -1.14 -3.49
CA ALA A 29 -9.09 -2.30 -3.88
C ALA A 29 -8.83 -2.30 -5.38
N GLY A 30 -7.55 -2.46 -5.75
CA GLY A 30 -7.19 -2.48 -7.16
C GLY A 30 -6.73 -1.12 -7.67
N SER A 31 -7.19 -0.05 -7.00
CA SER A 31 -6.83 1.29 -7.39
C SER A 31 -5.37 1.59 -7.05
N SER A 32 -4.62 2.07 -8.04
CA SER A 32 -3.21 2.39 -7.84
C SER A 32 -3.05 3.57 -6.88
N TYR A 33 -2.10 3.45 -5.97
CA TYR A 33 -1.84 4.50 -5.00
C TYR A 33 -0.46 5.13 -5.19
N ALA A 34 0.38 4.47 -6.01
CA ALA A 34 1.73 4.96 -6.27
C ALA A 34 2.40 4.15 -7.37
N GLU A 35 3.70 4.37 -7.54
CA GLU A 35 4.47 3.66 -8.55
C GLU A 35 5.90 3.43 -8.07
N MET A 36 6.60 2.52 -8.75
CA MET A 36 7.98 2.20 -8.39
C MET A 36 8.76 1.73 -9.62
N GLU A 37 9.81 2.47 -9.96
CA GLU A 37 10.65 2.13 -11.10
C GLU A 37 11.79 1.20 -10.70
N VAL A 38 11.63 -0.08 -11.02
CA VAL A 38 12.63 -1.08 -10.69
C VAL A 38 13.62 -1.24 -11.85
N MET A 39 14.74 -1.91 -11.59
CA MET A 39 15.76 -2.11 -12.61
C MET A 39 15.18 -2.79 -13.85
N LYS A 40 14.09 -3.53 -13.66
CA LYS A 40 13.43 -4.23 -14.76
C LYS A 40 12.61 -3.24 -15.59
N MET A 41 11.46 -2.85 -15.07
CA MET A 41 10.58 -1.92 -15.76
C MET A 41 9.75 -1.12 -14.77
N ILE A 42 8.85 -0.28 -15.28
CA ILE A 42 8.00 0.54 -14.44
C ILE A 42 6.79 -0.26 -13.94
N MET A 43 6.33 0.05 -12.73
CA MET A 43 5.19 -0.65 -12.15
C MET A 43 4.34 0.29 -11.31
N THR A 44 3.10 -0.10 -11.05
CA THR A 44 2.18 0.70 -10.26
C THR A 44 1.73 -0.06 -9.01
N LEU A 45 1.78 0.61 -7.86
CA LEU A 45 1.38 0.00 -6.60
C LEU A 45 -0.10 0.30 -6.33
N ASN A 46 -0.83 -0.74 -5.92
CA ASN A 46 -2.25 -0.59 -5.62
C ASN A 46 -2.59 -1.18 -4.26
N VAL A 47 -3.82 -0.96 -3.81
CA VAL A 47 -4.27 -1.47 -2.53
C VAL A 47 -4.96 -2.82 -2.68
N GLN A 48 -4.87 -3.64 -1.64
CA GLN A 48 -5.49 -4.97 -1.66
C GLN A 48 -6.96 -4.91 -1.23
N GLU A 49 -7.36 -3.79 -0.62
CA GLU A 49 -8.73 -3.62 -0.16
C GLU A 49 -9.10 -2.14 -0.10
N ARG A 50 -10.39 -1.87 0.11
CA ARG A 50 -10.87 -0.50 0.19
C ARG A 50 -10.37 0.18 1.46
N GLY A 51 -9.91 1.42 1.32
CA GLY A 51 -9.40 2.16 2.47
C GLY A 51 -8.53 3.33 2.06
N ARG A 52 -8.08 4.09 3.05
CA ARG A 52 -7.22 5.24 2.79
C ARG A 52 -5.75 4.88 2.93
N VAL A 53 -5.00 5.08 1.86
CA VAL A 53 -3.57 4.76 1.84
C VAL A 53 -2.77 5.89 2.47
N LYS A 54 -1.90 5.53 3.42
CA LYS A 54 -1.06 6.50 4.11
C LYS A 54 0.42 6.24 3.81
N TYR A 55 1.02 7.14 3.04
CA TYR A 55 2.43 7.01 2.68
C TYR A 55 3.31 6.95 3.92
N ILE A 56 4.27 6.03 3.92
CA ILE A 56 5.19 5.88 5.04
C ILE A 56 6.57 6.42 4.67
N LYS A 57 7.16 5.84 3.63
CA LYS A 57 8.48 6.26 3.18
C LYS A 57 8.40 7.63 2.48
N ARG A 58 9.57 8.21 2.23
CA ARG A 58 9.64 9.51 1.57
C ARG A 58 9.79 9.36 0.06
N PRO A 59 9.57 10.44 -0.70
CA PRO A 59 9.68 10.41 -2.16
C PRO A 59 11.12 10.18 -2.63
N GLY A 60 11.28 9.28 -3.58
CA GLY A 60 12.61 8.99 -4.11
C GLY A 60 13.29 7.85 -3.36
N ALA A 61 12.84 7.59 -2.13
CA ALA A 61 13.42 6.52 -1.32
C ALA A 61 13.35 5.18 -2.03
N VAL A 62 14.41 4.40 -1.92
CA VAL A 62 14.48 3.09 -2.54
C VAL A 62 13.70 2.06 -1.73
N LEU A 63 12.79 1.35 -2.39
CA LEU A 63 11.98 0.34 -1.74
C LEU A 63 12.72 -0.99 -1.65
N GLU A 64 12.39 -1.79 -0.64
CA GLU A 64 13.03 -3.08 -0.44
C GLU A 64 11.98 -4.19 -0.36
N ALA A 65 12.39 -5.41 -0.70
CA ALA A 65 11.49 -6.55 -0.67
C ALA A 65 10.98 -6.81 0.75
N GLY A 66 9.84 -6.20 1.07
CA GLY A 66 9.26 -6.37 2.40
C GLY A 66 9.08 -5.06 3.13
N CYS A 67 9.77 -4.02 2.67
CA CYS A 67 9.69 -2.70 3.29
C CYS A 67 8.28 -2.13 3.16
N VAL A 68 7.85 -1.40 4.18
CA VAL A 68 6.52 -0.79 4.19
C VAL A 68 6.51 0.51 3.39
N VAL A 69 5.93 0.46 2.19
CA VAL A 69 5.84 1.63 1.33
C VAL A 69 4.67 2.53 1.71
N ALA A 70 3.68 1.95 2.38
CA ALA A 70 2.50 2.72 2.77
C ALA A 70 1.66 1.96 3.81
N ARG A 71 0.43 2.41 4.00
CA ARG A 71 -0.48 1.78 4.96
C ARG A 71 -1.89 1.73 4.40
N LEU A 72 -2.83 1.19 5.18
CA LEU A 72 -4.21 1.08 4.75
C LEU A 72 -5.17 1.31 5.91
N GLU A 73 -6.04 2.31 5.76
CA GLU A 73 -7.01 2.64 6.79
C GLU A 73 -8.32 1.90 6.54
N LEU A 74 -8.35 0.62 6.89
CA LEU A 74 -9.54 -0.20 6.70
C LEU A 74 -10.71 0.32 7.55
N ASP A 75 -11.73 0.85 6.87
CA ASP A 75 -12.89 1.38 7.54
C ASP A 75 -13.76 0.25 8.09
N ASP A 76 -13.22 -0.49 9.04
CA ASP A 76 -13.94 -1.60 9.65
C ASP A 76 -14.98 -1.10 10.66
N LEU A 77 -16.25 -1.31 10.34
CA LEU A 77 -17.34 -0.88 11.22
C LEU A 77 -17.64 -1.93 12.28
N GLU A 78 -17.77 -3.17 11.84
CA GLU A 78 -18.05 -4.28 12.76
C GLU A 78 -17.83 -5.62 12.08
N HIS A 79 -17.66 -6.67 12.88
CA HIS A 79 -17.44 -8.02 12.36
C HIS A 79 -18.40 -9.01 12.99
N HIS A 80 -19.01 -9.85 12.16
CA HIS A 80 -19.95 -10.85 12.65
C HIS A 80 -19.25 -11.87 13.54
N HIS A 81 -18.50 -12.78 12.93
CA HIS A 81 -17.78 -13.80 13.67
C HIS A 81 -18.74 -14.67 14.49
N HIS A 82 -19.86 -15.03 13.87
CA HIS A 82 -20.86 -15.86 14.54
C HIS A 82 -21.43 -15.15 15.77
N HIS A 83 -21.55 -13.82 15.67
CA HIS A 83 -22.07 -13.03 16.77
C HIS A 83 -23.45 -12.47 16.44
N HIS A 84 -24.26 -12.27 17.47
CA HIS A 84 -25.62 -11.74 17.28
C HIS A 84 -25.69 -10.28 17.72
N MET A 1 7.43 -12.14 11.96
CA MET A 1 6.90 -12.28 10.59
C MET A 1 5.38 -12.14 10.57
N GLU A 2 4.89 -11.05 11.16
CA GLU A 2 3.45 -10.80 11.21
C GLU A 2 3.02 -9.89 10.06
N ASN A 3 2.22 -10.43 9.15
CA ASN A 3 1.74 -9.68 8.00
C ASN A 3 0.22 -9.65 7.98
N ASP A 4 -0.35 -8.54 8.45
CA ASP A 4 -1.80 -8.38 8.49
C ASP A 4 -2.33 -7.94 7.13
N PRO A 5 -3.65 -8.08 6.90
CA PRO A 5 -4.29 -7.70 5.64
C PRO A 5 -4.29 -6.19 5.43
N THR A 6 -4.13 -5.44 6.51
CA THR A 6 -4.12 -3.98 6.45
C THR A 6 -2.71 -3.45 6.17
N VAL A 7 -1.72 -4.33 6.23
CA VAL A 7 -0.34 -3.93 5.98
C VAL A 7 0.03 -4.13 4.52
N LEU A 8 0.39 -3.03 3.86
CA LEU A 8 0.78 -3.08 2.45
C LEU A 8 2.29 -3.31 2.31
N ARG A 9 2.66 -4.21 1.40
CA ARG A 9 4.07 -4.51 1.19
C ARG A 9 4.31 -4.93 -0.27
N SER A 10 5.43 -4.50 -0.83
CA SER A 10 5.78 -4.82 -2.21
C SER A 10 6.11 -6.30 -2.35
N PRO A 11 5.85 -6.88 -3.53
CA PRO A 11 6.12 -8.30 -3.80
C PRO A 11 7.61 -8.58 -3.99
N SER A 12 8.36 -7.56 -4.41
CA SER A 12 9.79 -7.70 -4.64
C SER A 12 10.50 -6.38 -4.45
N ALA A 13 11.84 -6.43 -4.45
CA ALA A 13 12.65 -5.23 -4.28
C ALA A 13 12.69 -4.39 -5.55
N GLY A 14 12.36 -3.11 -5.43
CA GLY A 14 12.36 -2.22 -6.57
C GLY A 14 12.74 -0.80 -6.20
N LYS A 15 11.94 0.16 -6.64
CA LYS A 15 12.20 1.57 -6.35
C LYS A 15 10.94 2.40 -6.57
N LEU A 16 10.67 3.31 -5.63
CA LEU A 16 9.50 4.17 -5.73
C LEU A 16 9.63 5.15 -6.89
N THR A 17 9.01 4.81 -8.02
CA THR A 17 9.06 5.66 -9.21
C THR A 17 8.13 6.86 -9.06
N GLN A 18 6.91 6.62 -8.59
CA GLN A 18 5.93 7.68 -8.41
C GLN A 18 4.76 7.21 -7.56
N TYR A 19 3.64 7.94 -7.61
CA TYR A 19 2.46 7.58 -6.84
C TYR A 19 1.20 8.03 -7.56
N THR A 20 0.17 7.18 -7.53
CA THR A 20 -1.10 7.48 -8.19
C THR A 20 -2.11 8.09 -7.21
N VAL A 21 -1.76 8.10 -5.92
CA VAL A 21 -2.65 8.66 -4.91
C VAL A 21 -1.88 9.24 -3.74
N GLU A 22 -2.36 10.36 -3.21
CA GLU A 22 -1.70 11.02 -2.09
C GLU A 22 -1.82 10.18 -0.81
N ASP A 23 -1.27 10.70 0.27
CA ASP A 23 -1.32 10.01 1.56
C ASP A 23 -2.76 9.76 1.99
N GLY A 24 -3.09 8.49 2.20
CA GLY A 24 -4.44 8.14 2.62
C GLY A 24 -5.42 8.12 1.47
N GLY A 25 -4.91 7.88 0.27
CA GLY A 25 -5.76 7.84 -0.91
C GLY A 25 -6.72 6.67 -0.89
N HIS A 26 -8.01 6.96 -0.78
CA HIS A 26 -9.04 5.92 -0.76
C HIS A 26 -9.03 5.13 -2.06
N VAL A 27 -8.78 3.83 -1.96
CA VAL A 27 -8.75 2.96 -3.12
C VAL A 27 -9.27 1.56 -2.78
N GLU A 28 -10.08 1.00 -3.68
CA GLU A 28 -10.63 -0.33 -3.47
C GLU A 28 -9.65 -1.41 -3.91
N ALA A 29 -9.85 -2.64 -3.43
CA ALA A 29 -8.99 -3.76 -3.78
C ALA A 29 -8.74 -3.83 -5.28
N GLY A 30 -7.47 -3.87 -5.67
CA GLY A 30 -7.12 -3.94 -7.08
C GLY A 30 -6.70 -2.60 -7.64
N SER A 31 -7.18 -1.52 -7.03
CA SER A 31 -6.84 -0.17 -7.47
C SER A 31 -5.40 0.17 -7.15
N SER A 32 -4.67 0.68 -8.14
CA SER A 32 -3.27 1.05 -7.96
C SER A 32 -3.14 2.22 -7.00
N TYR A 33 -2.19 2.12 -6.07
CA TYR A 33 -1.95 3.18 -5.10
C TYR A 33 -0.60 3.84 -5.30
N ALA A 34 0.24 3.23 -6.14
CA ALA A 34 1.56 3.75 -6.42
C ALA A 34 2.24 2.98 -7.56
N GLU A 35 3.52 3.24 -7.76
CA GLU A 35 4.28 2.57 -8.81
C GLU A 35 5.73 2.37 -8.39
N MET A 36 6.40 1.43 -9.03
CA MET A 36 7.81 1.16 -8.71
C MET A 36 8.56 0.64 -9.93
N GLU A 37 9.62 1.35 -10.29
CA GLU A 37 10.44 0.97 -11.44
C GLU A 37 11.57 0.05 -11.03
N VAL A 38 11.44 -1.24 -11.32
CA VAL A 38 12.45 -2.22 -10.97
C VAL A 38 13.45 -2.38 -12.11
N MET A 39 14.58 -3.03 -11.82
CA MET A 39 15.62 -3.24 -12.83
C MET A 39 15.06 -3.94 -14.07
N LYS A 40 13.98 -4.69 -13.89
CA LYS A 40 13.36 -5.41 -14.98
C LYS A 40 12.53 -4.46 -15.85
N MET A 41 11.37 -4.06 -15.34
CA MET A 41 10.49 -3.15 -16.06
C MET A 41 9.65 -2.32 -15.09
N ILE A 42 8.80 -1.46 -15.63
CA ILE A 42 7.94 -0.62 -14.81
C ILE A 42 6.70 -1.39 -14.36
N MET A 43 6.30 -1.18 -13.10
CA MET A 43 5.13 -1.86 -12.56
C MET A 43 4.38 -0.98 -11.57
N THR A 44 3.09 -1.24 -11.41
CA THR A 44 2.26 -0.46 -10.49
C THR A 44 1.72 -1.34 -9.38
N LEU A 45 1.79 -0.85 -8.14
CA LEU A 45 1.30 -1.59 -6.99
C LEU A 45 -0.16 -1.23 -6.69
N ASN A 46 -0.89 -2.18 -6.13
CA ASN A 46 -2.29 -1.95 -5.79
C ASN A 46 -2.60 -2.48 -4.40
N VAL A 47 -3.84 -2.27 -3.95
CA VAL A 47 -4.27 -2.72 -2.63
C VAL A 47 -4.90 -4.11 -2.71
N GLN A 48 -4.66 -4.91 -1.68
CA GLN A 48 -5.20 -6.27 -1.63
C GLN A 48 -6.61 -6.28 -1.05
N GLU A 49 -7.05 -5.15 -0.52
CA GLU A 49 -8.39 -5.04 0.06
C GLU A 49 -8.88 -3.59 0.03
N ARG A 50 -10.19 -3.42 0.20
CA ARG A 50 -10.79 -2.09 0.19
C ARG A 50 -10.37 -1.30 1.43
N GLY A 51 -9.81 -0.11 1.20
CA GLY A 51 -9.37 0.72 2.30
C GLY A 51 -8.57 1.92 1.83
N ARG A 52 -8.13 2.74 2.79
CA ARG A 52 -7.34 3.93 2.46
C ARG A 52 -5.85 3.64 2.56
N VAL A 53 -5.13 3.87 1.48
CA VAL A 53 -3.69 3.64 1.45
C VAL A 53 -2.93 4.80 2.07
N LYS A 54 -2.07 4.50 3.04
CA LYS A 54 -1.27 5.52 3.71
C LYS A 54 0.22 5.29 3.45
N TYR A 55 0.85 6.27 2.80
CA TYR A 55 2.27 6.18 2.49
C TYR A 55 3.10 6.01 3.76
N ILE A 56 3.92 4.96 3.79
CA ILE A 56 4.78 4.69 4.95
C ILE A 56 6.22 5.06 4.62
N LYS A 57 6.73 4.49 3.55
CA LYS A 57 8.10 4.75 3.12
C LYS A 57 8.24 6.16 2.55
N ARG A 58 9.46 6.54 2.19
CA ARG A 58 9.72 7.86 1.64
C ARG A 58 9.66 7.84 0.11
N PRO A 59 9.44 9.00 -0.52
CA PRO A 59 9.37 9.11 -1.98
C PRO A 59 10.73 8.92 -2.65
N GLY A 60 10.77 8.05 -3.64
CA GLY A 60 12.01 7.79 -4.35
C GLY A 60 12.83 6.68 -3.70
N ALA A 61 12.54 6.38 -2.44
CA ALA A 61 13.25 5.33 -1.71
C ALA A 61 13.19 3.99 -2.45
N VAL A 62 14.23 3.19 -2.28
CA VAL A 62 14.29 1.87 -2.92
C VAL A 62 13.44 0.86 -2.15
N LEU A 63 12.56 0.18 -2.86
CA LEU A 63 11.68 -0.82 -2.25
C LEU A 63 12.40 -2.17 -2.14
N GLU A 64 12.03 -2.95 -1.13
CA GLU A 64 12.62 -4.26 -0.92
C GLU A 64 11.55 -5.34 -0.80
N ALA A 65 11.88 -6.55 -1.24
CA ALA A 65 10.95 -7.66 -1.18
C ALA A 65 10.56 -7.97 0.26
N GLY A 66 9.43 -7.42 0.69
CA GLY A 66 8.97 -7.65 2.05
C GLY A 66 8.74 -6.36 2.82
N CYS A 67 9.42 -5.30 2.39
CA CYS A 67 9.30 -4.01 3.05
C CYS A 67 7.89 -3.45 2.89
N VAL A 68 7.44 -2.67 3.88
CA VAL A 68 6.11 -2.07 3.85
C VAL A 68 6.10 -0.81 2.99
N VAL A 69 5.39 -0.87 1.87
CA VAL A 69 5.29 0.27 0.97
C VAL A 69 4.24 1.26 1.44
N ALA A 70 3.22 0.78 2.14
CA ALA A 70 2.15 1.63 2.63
C ALA A 70 1.31 0.92 3.68
N ARG A 71 0.12 1.47 3.94
CA ARG A 71 -0.79 0.88 4.92
C ARG A 71 -2.22 0.94 4.44
N LEU A 72 -2.93 -0.17 4.54
CA LEU A 72 -4.32 -0.26 4.11
C LEU A 72 -5.28 0.02 5.27
N GLU A 73 -6.15 1.00 5.09
CA GLU A 73 -7.12 1.36 6.11
C GLU A 73 -8.43 0.60 5.90
N LEU A 74 -8.48 -0.63 6.39
CA LEU A 74 -9.67 -1.46 6.25
C LEU A 74 -10.87 -0.83 6.96
N ASP A 75 -11.88 -0.49 6.18
CA ASP A 75 -13.09 0.12 6.72
C ASP A 75 -13.93 -0.91 7.46
N ASP A 76 -13.38 -1.43 8.56
CA ASP A 76 -14.08 -2.43 9.37
C ASP A 76 -15.17 -1.78 10.23
N LEU A 77 -16.25 -2.51 10.43
CA LEU A 77 -17.37 -2.00 11.23
C LEU A 77 -17.14 -2.27 12.72
N GLU A 78 -16.45 -3.36 13.01
CA GLU A 78 -16.17 -3.74 14.39
C GLU A 78 -15.08 -2.85 14.99
N HIS A 79 -15.45 -1.61 15.29
CA HIS A 79 -14.50 -0.65 15.87
C HIS A 79 -15.20 0.66 16.20
N HIS A 80 -15.13 1.07 17.46
CA HIS A 80 -15.76 2.31 17.90
C HIS A 80 -17.27 2.27 17.69
N HIS A 81 -17.86 1.11 17.97
CA HIS A 81 -19.30 0.94 17.81
C HIS A 81 -20.06 1.83 18.79
N HIS A 82 -21.06 2.54 18.28
CA HIS A 82 -21.87 3.43 19.10
C HIS A 82 -23.22 2.81 19.43
N HIS A 83 -23.71 1.98 18.51
CA HIS A 83 -24.99 1.31 18.70
C HIS A 83 -24.81 -0.06 19.34
N HIS A 84 -25.82 -0.52 20.07
CA HIS A 84 -25.76 -1.82 20.74
C HIS A 84 -26.18 -2.93 19.78
N MET A 1 8.13 -9.42 15.32
CA MET A 1 6.83 -9.93 14.80
C MET A 1 5.90 -8.79 14.39
N GLU A 2 6.11 -8.29 13.17
CA GLU A 2 5.29 -7.19 12.66
C GLU A 2 4.60 -7.59 11.36
N ASN A 3 3.28 -7.70 11.40
CA ASN A 3 2.50 -8.09 10.22
C ASN A 3 1.01 -7.99 10.51
N ASP A 4 0.28 -7.34 9.61
CA ASP A 4 -1.17 -7.18 9.77
C ASP A 4 -1.83 -6.89 8.42
N PRO A 5 -3.16 -7.08 8.34
CA PRO A 5 -3.91 -6.84 7.11
C PRO A 5 -4.09 -5.36 6.81
N THR A 6 -3.99 -4.53 7.85
CA THR A 6 -4.14 -3.08 7.71
C THR A 6 -2.79 -2.42 7.44
N VAL A 7 -2.00 -3.02 6.55
CA VAL A 7 -0.69 -2.48 6.20
C VAL A 7 -0.37 -2.71 4.73
N LEU A 8 0.85 -2.35 4.34
CA LEU A 8 1.29 -2.51 2.95
C LEU A 8 2.79 -2.79 2.89
N ARG A 9 3.18 -3.65 1.96
CA ARG A 9 4.59 -4.01 1.80
C ARG A 9 4.90 -4.31 0.33
N SER A 10 6.09 -3.89 -0.11
CA SER A 10 6.50 -4.12 -1.49
C SER A 10 6.77 -5.60 -1.74
N PRO A 11 6.50 -6.07 -2.97
CA PRO A 11 6.71 -7.47 -3.34
C PRO A 11 8.19 -7.80 -3.52
N SER A 12 8.98 -6.80 -3.89
CA SER A 12 10.41 -6.98 -4.09
C SER A 12 11.16 -5.68 -3.83
N ALA A 13 12.49 -5.76 -3.82
CA ALA A 13 13.33 -4.59 -3.58
C ALA A 13 13.41 -3.72 -4.83
N GLY A 14 12.74 -2.58 -4.78
CA GLY A 14 12.74 -1.66 -5.92
C GLY A 14 13.11 -0.25 -5.53
N LYS A 15 12.31 0.71 -5.98
CA LYS A 15 12.55 2.11 -5.67
C LYS A 15 11.30 2.96 -5.92
N LEU A 16 11.04 3.90 -5.02
CA LEU A 16 9.88 4.77 -5.14
C LEU A 16 10.01 5.69 -6.34
N THR A 17 9.40 5.30 -7.46
CA THR A 17 9.45 6.09 -8.68
C THR A 17 8.53 7.30 -8.60
N GLN A 18 7.33 7.10 -8.04
CA GLN A 18 6.36 8.17 -7.91
C GLN A 18 5.22 7.77 -6.97
N TYR A 19 4.10 8.47 -7.05
CA TYR A 19 2.95 8.19 -6.21
C TYR A 19 1.65 8.56 -6.92
N THR A 20 0.65 7.69 -6.80
CA THR A 20 -0.66 7.93 -7.42
C THR A 20 -1.63 8.58 -6.44
N VAL A 21 -1.29 8.56 -5.16
CA VAL A 21 -2.15 9.16 -4.13
C VAL A 21 -1.32 9.70 -2.97
N GLU A 22 -1.74 10.84 -2.44
CA GLU A 22 -1.04 11.46 -1.32
C GLU A 22 -1.18 10.64 -0.05
N ASP A 23 -0.68 11.16 1.05
CA ASP A 23 -0.75 10.46 2.34
C ASP A 23 -2.20 10.20 2.72
N GLY A 24 -2.49 8.97 3.15
CA GLY A 24 -3.83 8.61 3.54
C GLY A 24 -4.79 8.63 2.36
N GLY A 25 -4.26 8.40 1.17
CA GLY A 25 -5.09 8.41 -0.02
C GLY A 25 -6.08 7.26 -0.05
N HIS A 26 -7.37 7.58 0.03
CA HIS A 26 -8.42 6.57 0.02
C HIS A 26 -8.40 5.79 -1.29
N VAL A 27 -8.20 4.48 -1.19
CA VAL A 27 -8.17 3.62 -2.38
C VAL A 27 -8.75 2.25 -2.09
N GLU A 28 -9.59 1.77 -3.01
CA GLU A 28 -10.21 0.46 -2.85
C GLU A 28 -9.30 -0.65 -3.38
N ALA A 29 -9.62 -1.89 -3.04
CA ALA A 29 -8.83 -3.03 -3.49
C ALA A 29 -8.53 -2.96 -4.98
N GLY A 30 -7.27 -3.13 -5.34
CA GLY A 30 -6.88 -3.09 -6.73
C GLY A 30 -6.38 -1.71 -7.17
N SER A 31 -6.83 -0.68 -6.47
CA SER A 31 -6.44 0.69 -6.79
C SER A 31 -4.98 0.93 -6.40
N SER A 32 -4.18 1.41 -7.36
CA SER A 32 -2.78 1.69 -7.12
C SER A 32 -2.61 2.86 -6.15
N TYR A 33 -1.64 2.73 -5.24
CA TYR A 33 -1.38 3.78 -4.26
C TYR A 33 -0.05 4.47 -4.54
N ALA A 34 0.85 3.78 -5.23
CA ALA A 34 2.16 4.33 -5.55
C ALA A 34 2.93 3.41 -6.49
N GLU A 35 3.78 4.02 -7.31
CA GLU A 35 4.58 3.26 -8.27
C GLU A 35 5.97 2.96 -7.71
N MET A 36 6.66 2.02 -8.34
CA MET A 36 8.00 1.65 -7.90
C MET A 36 8.81 1.10 -9.08
N GLU A 37 9.90 1.79 -9.41
CA GLU A 37 10.76 1.38 -10.51
C GLU A 37 11.87 0.45 -10.03
N VAL A 38 11.69 -0.85 -10.28
CA VAL A 38 12.67 -1.84 -9.88
C VAL A 38 13.67 -2.08 -11.02
N MET A 39 14.79 -2.73 -10.69
CA MET A 39 15.82 -3.01 -11.68
C MET A 39 15.24 -3.77 -12.87
N LYS A 40 14.14 -4.48 -12.65
CA LYS A 40 13.50 -5.25 -13.71
C LYS A 40 12.71 -4.34 -14.64
N MET A 41 11.55 -3.88 -14.19
CA MET A 41 10.70 -3.00 -14.99
C MET A 41 9.85 -2.12 -14.08
N ILE A 42 9.18 -1.14 -14.67
CA ILE A 42 8.33 -0.23 -13.91
C ILE A 42 6.98 -0.87 -13.58
N MET A 43 6.52 -0.69 -12.35
CA MET A 43 5.25 -1.26 -11.92
C MET A 43 4.52 -0.33 -10.95
N THR A 44 3.26 -0.64 -10.69
CA THR A 44 2.45 0.16 -9.78
C THR A 44 1.95 -0.68 -8.61
N LEU A 45 2.06 -0.13 -7.39
CA LEU A 45 1.61 -0.84 -6.20
C LEU A 45 0.18 -0.46 -5.86
N ASN A 46 -0.60 -1.47 -5.43
CA ASN A 46 -2.00 -1.24 -5.07
C ASN A 46 -2.33 -1.91 -3.74
N VAL A 47 -3.53 -1.69 -3.26
CA VAL A 47 -3.98 -2.27 -2.00
C VAL A 47 -4.70 -3.60 -2.22
N GLN A 48 -4.63 -4.48 -1.23
CA GLN A 48 -5.28 -5.79 -1.32
C GLN A 48 -6.75 -5.72 -0.90
N GLU A 49 -7.13 -4.62 -0.25
CA GLU A 49 -8.50 -4.45 0.21
C GLU A 49 -8.85 -2.98 0.36
N ARG A 50 -10.11 -2.70 0.66
CA ARG A 50 -10.58 -1.33 0.83
C ARG A 50 -9.98 -0.71 2.08
N GLY A 51 -9.46 0.51 1.94
CA GLY A 51 -8.87 1.20 3.06
C GLY A 51 -8.01 2.37 2.63
N ARG A 52 -7.59 3.19 3.59
CA ARG A 52 -6.77 4.36 3.28
C ARG A 52 -5.29 4.03 3.40
N VAL A 53 -4.55 4.34 2.35
CA VAL A 53 -3.12 4.09 2.30
C VAL A 53 -2.33 5.21 2.98
N LYS A 54 -1.47 4.83 3.91
CA LYS A 54 -0.65 5.81 4.64
C LYS A 54 0.83 5.56 4.36
N TYR A 55 1.45 6.49 3.64
CA TYR A 55 2.87 6.38 3.30
C TYR A 55 3.73 6.27 4.55
N ILE A 56 4.69 5.34 4.51
CA ILE A 56 5.61 5.13 5.62
C ILE A 56 7.00 5.64 5.27
N LYS A 57 7.57 5.11 4.20
CA LYS A 57 8.89 5.50 3.74
C LYS A 57 8.86 6.91 3.13
N ARG A 58 10.03 7.44 2.81
CA ARG A 58 10.12 8.76 2.22
C ARG A 58 10.14 8.66 0.69
N PRO A 59 9.92 9.80 0.00
CA PRO A 59 9.90 9.84 -1.47
C PRO A 59 11.29 9.59 -2.05
N GLY A 60 11.36 8.67 -3.02
CA GLY A 60 12.63 8.35 -3.64
C GLY A 60 13.38 7.26 -2.92
N ALA A 61 12.96 6.95 -1.69
CA ALA A 61 13.61 5.92 -0.89
C ALA A 61 13.63 4.58 -1.63
N VAL A 62 14.66 3.79 -1.37
CA VAL A 62 14.80 2.48 -2.00
C VAL A 62 13.89 1.45 -1.33
N LEU A 63 13.04 0.80 -2.12
CA LEU A 63 12.12 -0.19 -1.61
C LEU A 63 12.80 -1.55 -1.48
N GLU A 64 12.48 -2.26 -0.40
CA GLU A 64 13.06 -3.58 -0.15
C GLU A 64 11.98 -4.65 -0.06
N ALA A 65 12.29 -5.84 -0.54
CA ALA A 65 11.34 -6.95 -0.52
C ALA A 65 10.94 -7.30 0.91
N GLY A 66 9.74 -6.90 1.30
CA GLY A 66 9.27 -7.19 2.65
C GLY A 66 9.11 -5.94 3.48
N CYS A 67 9.85 -4.90 3.13
CA CYS A 67 9.79 -3.64 3.87
C CYS A 67 8.42 -3.00 3.75
N VAL A 68 8.01 -2.26 4.78
CA VAL A 68 6.72 -1.59 4.79
C VAL A 68 6.77 -0.28 4.00
N VAL A 69 6.28 -0.31 2.77
CA VAL A 69 6.28 0.87 1.92
C VAL A 69 5.08 1.77 2.23
N ALA A 70 4.06 1.21 2.88
CA ALA A 70 2.87 1.98 3.22
C ALA A 70 2.02 1.26 4.26
N ARG A 71 0.79 1.72 4.44
CA ARG A 71 -0.12 1.12 5.39
C ARG A 71 -1.54 1.07 4.83
N LEU A 72 -2.48 0.61 5.65
CA LEU A 72 -3.88 0.50 5.22
C LEU A 72 -4.82 0.84 6.38
N GLU A 73 -6.04 1.24 6.03
CA GLU A 73 -7.04 1.59 7.03
C GLU A 73 -8.43 1.15 6.58
N LEU A 74 -8.83 -0.05 7.01
CA LEU A 74 -10.13 -0.59 6.65
C LEU A 74 -11.25 0.29 7.20
N ASP A 75 -12.05 0.85 6.30
CA ASP A 75 -13.16 1.70 6.69
C ASP A 75 -14.31 0.88 7.29
N ASP A 76 -14.41 -0.38 6.87
CA ASP A 76 -15.45 -1.27 7.35
C ASP A 76 -15.12 -1.77 8.76
N LEU A 77 -16.11 -1.72 9.65
CA LEU A 77 -15.92 -2.16 11.02
C LEU A 77 -16.18 -3.67 11.14
N GLU A 78 -17.19 -4.14 10.43
CA GLU A 78 -17.54 -5.56 10.46
C GLU A 78 -18.50 -5.91 9.32
N HIS A 79 -18.48 -7.17 8.90
CA HIS A 79 -19.34 -7.63 7.82
C HIS A 79 -20.47 -8.49 8.36
N HIS A 80 -20.20 -9.19 9.46
CA HIS A 80 -21.20 -10.05 10.08
C HIS A 80 -21.97 -9.31 11.17
N HIS A 81 -23.22 -9.70 11.36
CA HIS A 81 -24.07 -9.07 12.37
C HIS A 81 -24.23 -7.59 12.10
N HIS A 82 -24.28 -7.23 10.82
CA HIS A 82 -24.44 -5.84 10.41
C HIS A 82 -25.83 -5.59 9.85
N HIS A 83 -26.64 -4.83 10.59
CA HIS A 83 -28.00 -4.51 10.17
C HIS A 83 -28.09 -3.08 9.65
N HIS A 84 -28.88 -2.89 8.60
CA HIS A 84 -29.05 -1.57 8.01
C HIS A 84 -30.04 -0.73 8.81
N MET A 1 7.76 -11.95 11.21
CA MET A 1 7.27 -10.91 10.26
C MET A 1 5.75 -10.75 10.34
N GLU A 2 5.30 -9.94 11.28
CA GLU A 2 3.87 -9.70 11.46
C GLU A 2 3.27 -9.01 10.24
N ASN A 3 2.74 -9.81 9.31
CA ASN A 3 2.15 -9.27 8.10
C ASN A 3 0.65 -9.04 8.28
N ASP A 4 0.30 -7.87 8.81
CA ASP A 4 -1.10 -7.52 9.03
C ASP A 4 -1.76 -7.04 7.74
N PRO A 5 -3.10 -7.09 7.68
CA PRO A 5 -3.85 -6.65 6.49
C PRO A 5 -3.86 -5.13 6.35
N THR A 6 -3.62 -4.44 7.45
CA THR A 6 -3.61 -2.97 7.46
C THR A 6 -2.20 -2.43 7.17
N VAL A 7 -1.52 -3.03 6.21
CA VAL A 7 -0.18 -2.60 5.83
C VAL A 7 0.08 -2.80 4.34
N LEU A 8 1.22 -2.33 3.88
CA LEU A 8 1.58 -2.46 2.47
C LEU A 8 3.09 -2.58 2.29
N ARG A 9 3.57 -3.83 2.28
CA ARG A 9 4.99 -4.09 2.11
C ARG A 9 5.34 -4.29 0.64
N SER A 10 6.54 -3.89 0.25
CA SER A 10 6.99 -4.03 -1.12
C SER A 10 7.15 -5.49 -1.50
N PRO A 11 6.88 -5.84 -2.78
CA PRO A 11 7.01 -7.22 -3.25
C PRO A 11 8.47 -7.67 -3.37
N SER A 12 9.32 -6.75 -3.81
CA SER A 12 10.74 -7.06 -3.96
C SER A 12 11.59 -5.80 -3.82
N ALA A 13 12.88 -5.92 -4.11
CA ALA A 13 13.80 -4.79 -4.01
C ALA A 13 13.61 -3.83 -5.19
N GLY A 14 13.22 -2.60 -4.87
CA GLY A 14 13.01 -1.60 -5.91
C GLY A 14 13.32 -0.19 -5.43
N LYS A 15 12.50 0.76 -5.86
CA LYS A 15 12.69 2.16 -5.47
C LYS A 15 11.43 2.97 -5.72
N LEU A 16 11.14 3.89 -4.81
CA LEU A 16 9.95 4.74 -4.92
C LEU A 16 10.08 5.70 -6.11
N THR A 17 9.48 5.32 -7.23
CA THR A 17 9.53 6.15 -8.44
C THR A 17 8.59 7.34 -8.34
N GLN A 18 7.39 7.11 -7.80
CA GLN A 18 6.40 8.18 -7.66
C GLN A 18 5.26 7.75 -6.73
N TYR A 19 4.12 8.44 -6.85
CA TYR A 19 2.96 8.13 -6.01
C TYR A 19 1.66 8.44 -6.76
N THR A 20 0.65 7.61 -6.51
CA THR A 20 -0.65 7.78 -7.17
C THR A 20 -1.62 8.56 -6.28
N VAL A 21 -1.34 8.60 -4.98
CA VAL A 21 -2.21 9.31 -4.05
C VAL A 21 -1.42 9.88 -2.88
N GLU A 22 -1.86 11.03 -2.38
CA GLU A 22 -1.20 11.69 -1.26
C GLU A 22 -1.37 10.88 0.03
N ASP A 23 -1.02 11.49 1.15
CA ASP A 23 -1.13 10.82 2.45
C ASP A 23 -2.57 10.40 2.72
N GLY A 24 -2.74 9.17 3.20
CA GLY A 24 -4.06 8.66 3.51
C GLY A 24 -4.97 8.65 2.28
N GLY A 25 -4.37 8.57 1.10
CA GLY A 25 -5.14 8.55 -0.12
C GLY A 25 -6.11 7.38 -0.18
N HIS A 26 -7.40 7.68 -0.09
CA HIS A 26 -8.42 6.64 -0.12
C HIS A 26 -8.40 5.89 -1.46
N VAL A 27 -8.25 4.57 -1.38
CA VAL A 27 -8.20 3.73 -2.57
C VAL A 27 -8.84 2.37 -2.32
N GLU A 28 -9.64 1.91 -3.27
CA GLU A 28 -10.31 0.62 -3.15
C GLU A 28 -9.40 -0.51 -3.59
N ALA A 29 -9.72 -1.74 -3.18
CA ALA A 29 -8.93 -2.91 -3.54
C ALA A 29 -8.62 -2.93 -5.03
N GLY A 30 -7.34 -3.04 -5.36
CA GLY A 30 -6.93 -3.07 -6.75
C GLY A 30 -6.45 -1.72 -7.26
N SER A 31 -6.91 -0.65 -6.60
CA SER A 31 -6.52 0.70 -7.00
C SER A 31 -5.07 0.97 -6.63
N SER A 32 -4.30 1.47 -7.59
CA SER A 32 -2.90 1.77 -7.36
C SER A 32 -2.74 2.93 -6.38
N TYR A 33 -1.81 2.77 -5.44
CA TYR A 33 -1.55 3.79 -4.43
C TYR A 33 -0.17 4.41 -4.62
N ALA A 34 0.66 3.79 -5.44
CA ALA A 34 2.01 4.28 -5.70
C ALA A 34 2.68 3.49 -6.81
N GLU A 35 3.97 3.73 -7.00
CA GLU A 35 4.74 3.04 -8.03
C GLU A 35 6.18 2.82 -7.57
N MET A 36 6.87 1.91 -8.25
CA MET A 36 8.26 1.61 -7.90
C MET A 36 9.03 1.13 -9.13
N GLU A 37 10.08 1.87 -9.48
CA GLU A 37 10.90 1.52 -10.63
C GLU A 37 12.05 0.61 -10.23
N VAL A 38 11.91 -0.67 -10.52
CA VAL A 38 12.93 -1.66 -10.19
C VAL A 38 13.91 -1.83 -11.35
N MET A 39 15.05 -2.47 -11.09
CA MET A 39 16.06 -2.69 -12.13
C MET A 39 15.47 -3.39 -13.35
N LYS A 40 14.40 -4.14 -13.14
CA LYS A 40 13.75 -4.85 -14.23
C LYS A 40 12.91 -3.91 -15.07
N MET A 41 11.75 -3.51 -14.54
CA MET A 41 10.86 -2.59 -15.24
C MET A 41 10.03 -1.78 -14.25
N ILE A 42 9.13 -0.95 -14.78
CA ILE A 42 8.28 -0.12 -13.93
C ILE A 42 7.07 -0.92 -13.44
N MET A 43 6.62 -0.60 -12.23
CA MET A 43 5.48 -1.29 -11.64
C MET A 43 4.64 -0.35 -10.78
N THR A 44 3.39 -0.73 -10.55
CA THR A 44 2.48 0.08 -9.75
C THR A 44 2.00 -0.71 -8.51
N LEU A 45 2.06 -0.07 -7.36
CA LEU A 45 1.63 -0.70 -6.12
C LEU A 45 0.16 -0.39 -5.84
N ASN A 46 -0.60 -1.42 -5.48
CA ASN A 46 -2.02 -1.25 -5.20
C ASN A 46 -2.39 -1.86 -3.85
N VAL A 47 -3.63 -1.63 -3.42
CA VAL A 47 -4.11 -2.16 -2.15
C VAL A 47 -4.82 -3.49 -2.35
N GLN A 48 -4.70 -4.38 -1.36
CA GLN A 48 -5.33 -5.68 -1.42
C GLN A 48 -6.78 -5.64 -0.92
N GLU A 49 -7.16 -4.51 -0.34
CA GLU A 49 -8.51 -4.34 0.18
C GLU A 49 -8.93 -2.88 0.19
N ARG A 50 -10.23 -2.63 0.34
CA ARG A 50 -10.75 -1.28 0.35
C ARG A 50 -10.33 -0.54 1.61
N GLY A 51 -9.88 0.70 1.45
CA GLY A 51 -9.44 1.49 2.59
C GLY A 51 -8.54 2.63 2.19
N ARG A 52 -7.88 3.23 3.17
CA ARG A 52 -6.98 4.35 2.92
C VAL A 53 -2.31 5.57 2.84
N LYS A 54 -1.44 5.27 3.81
CA LYS A 54 -0.52 6.26 4.35
C LYS A 54 0.93 5.85 4.08
N TYR A 55 1.62 6.66 3.29
CA TYR A 55 3.02 6.38 2.95
C TYR A 55 3.88 6.30 4.19
N ILE A 56 4.77 5.31 4.22
CA ILE A 56 5.68 5.13 5.35
C ILE A 56 7.10 5.51 4.95
N LYS A 57 7.54 4.98 3.83
CA LYS A 57 8.88 5.27 3.32
C LYS A 57 8.96 6.69 2.78
N ARG A 58 10.17 7.19 2.57
CA ARG A 58 10.38 8.53 2.06
C ARG A 58 10.50 8.52 0.54
N PRO A 59 10.36 9.69 -0.10
CA PRO A 59 10.45 9.81 -1.57
C PRO A 59 11.84 9.46 -2.08
N GLY A 60 11.89 8.54 -3.05
CA GLY A 60 13.17 8.13 -3.61
C GLY A 60 13.81 6.99 -2.84
N ALA A 61 13.29 6.71 -1.65
CA ALA A 61 13.82 5.64 -0.82
C ALA A 61 13.81 4.30 -1.56
N VAL A 62 14.86 3.52 -1.36
CA VAL A 62 14.98 2.22 -2.01
C VAL A 62 14.12 1.17 -1.30
N LEU A 63 13.20 0.57 -2.03
CA LEU A 63 12.31 -0.44 -1.47
C LEU A 63 12.99 -1.81 -1.45
N GLU A 64 12.72 -2.58 -0.40
CA GLU A 64 13.31 -3.91 -0.26
C GLU A 64 12.22 -4.98 -0.17
N ALA A 65 12.56 -6.22 -0.50
CA ALA A 65 11.61 -7.31 -0.45
C ALA A 65 11.10 -7.53 0.97
N GLY A 66 10.05 -6.80 1.32
CA GLY A 66 9.47 -6.92 2.66
C GLY A 66 9.33 -5.57 3.35
N CYS A 67 9.98 -4.55 2.80
CA CYS A 67 9.91 -3.21 3.39
C CYS A 67 8.50 -2.66 3.32
N VAL A 68 8.13 -1.86 4.32
CA VAL A 68 6.80 -1.27 4.37
C VAL A 68 6.71 -0.03 3.48
N VAL A 69 5.98 -0.14 2.38
CA VAL A 69 5.83 0.96 1.45
C VAL A 69 4.75 1.93 1.90
N ALA A 70 3.76 1.41 2.65
CA ALA A 70 2.67 2.24 3.15
C ALA A 70 1.89 1.53 4.23
N ARG A 71 0.71 2.06 4.55
CA ARG A 71 -0.15 1.48 5.57
C ARG A 71 -1.62 1.59 5.18
N LEU A 72 -2.37 0.52 5.40
CA LEU A 72 -3.79 0.49 5.05
C LEU A 72 -4.65 0.85 6.26
N GLU A 73 -5.48 1.89 6.08
CA GLU A 73 -6.36 2.35 7.14
C GLU A 73 -7.73 1.69 7.01
N LEU A 74 -7.83 0.44 7.47
CA LEU A 74 -9.09 -0.30 7.39
C LEU A 74 -10.17 0.38 8.22
N ASP A 75 -11.14 0.97 7.55
CA ASP A 75 -12.24 1.66 8.22
C ASP A 75 -13.24 0.66 8.80
N ASP A 76 -12.77 -0.15 9.76
CA ASP A 76 -13.63 -1.14 10.39
C ASP A 76 -13.02 -1.64 11.69
N LEU A 77 -13.83 -1.65 12.74
CA LEU A 77 -13.38 -2.10 14.06
C LEU A 77 -13.55 -3.62 14.20
N GLU A 78 -14.73 -4.10 13.86
CA GLU A 78 -15.03 -5.53 13.95
C GLU A 78 -16.31 -5.87 13.18
N HIS A 79 -16.20 -6.78 12.23
CA HIS A 79 -17.35 -7.19 11.42
C HIS A 79 -18.45 -7.76 12.31
N HIS A 80 -19.68 -7.32 12.05
CA HIS A 80 -20.83 -7.78 12.83
C HIS A 80 -22.13 -7.51 12.09
N HIS A 81 -23.11 -8.39 12.27
CA HIS A 81 -24.41 -8.24 11.61
C HIS A 81 -25.14 -7.00 12.12
N HIS A 82 -26.24 -6.66 11.46
CA HIS A 82 -27.03 -5.49 11.85
C HIS A 82 -28.44 -5.58 11.27
N HIS A 83 -29.31 -4.69 11.73
CA HIS A 83 -30.69 -4.67 11.26
C HIS A 83 -30.89 -3.61 10.17
N HIS A 84 -32.12 -3.45 9.72
CA HIS A 84 -32.43 -2.47 8.69
C HIS A 84 -32.09 -1.06 9.15
N MET A 1 7.40 -12.20 15.22
CA MET A 1 5.91 -12.09 15.22
C MET A 1 5.46 -10.73 14.67
N GLU A 2 6.04 -10.35 13.53
CA GLU A 2 5.70 -9.07 12.90
C GLU A 2 4.91 -9.30 11.62
N ASN A 3 3.59 -9.20 11.71
CA ASN A 3 2.72 -9.40 10.56
C ASN A 3 1.27 -9.05 10.90
N ASP A 4 0.63 -8.25 10.04
CA ASP A 4 -0.75 -7.85 10.26
C ASP A 4 -1.40 -7.41 8.96
N PRO A 5 -2.74 -7.38 8.90
CA PRO A 5 -3.48 -6.98 7.70
C PRO A 5 -3.47 -5.47 7.50
N THR A 6 -3.23 -4.73 8.57
CA THR A 6 -3.21 -3.27 8.51
C THR A 6 -1.80 -2.76 8.21
N VAL A 7 -1.11 -3.40 7.28
CA VAL A 7 0.24 -3.00 6.90
C VAL A 7 0.50 -3.25 5.42
N LEU A 8 1.63 -2.77 4.93
CA LEU A 8 2.00 -2.95 3.52
C LEU A 8 3.51 -3.04 3.35
N ARG A 9 4.02 -4.27 3.40
CA ARG A 9 5.44 -4.51 3.23
C ARG A 9 5.79 -4.77 1.78
N SER A 10 6.99 -4.36 1.36
CA SER A 10 7.43 -4.56 -0.01
C SER A 10 7.64 -6.04 -0.31
N PRO A 11 7.34 -6.49 -1.54
CA PRO A 11 7.49 -7.89 -1.93
C PRO A 11 8.95 -8.27 -2.16
N SER A 12 9.76 -7.29 -2.56
CA SER A 12 11.18 -7.53 -2.81
C SER A 12 11.98 -6.24 -2.63
N ALA A 13 13.29 -6.33 -2.87
CA ALA A 13 14.18 -5.18 -2.74
C ALA A 13 14.01 -4.23 -3.92
N GLY A 14 13.48 -3.04 -3.64
CA GLY A 14 13.28 -2.06 -4.69
C GLY A 14 13.62 -0.66 -4.23
N LYS A 15 12.85 0.33 -4.70
CA LYS A 15 13.07 1.71 -4.34
C LYS A 15 11.83 2.56 -4.62
N LEU A 16 11.53 3.48 -3.72
CA LEU A 16 10.36 4.35 -3.88
C LEU A 16 10.56 5.32 -5.05
N THR A 17 10.00 4.96 -6.20
CA THR A 17 10.12 5.79 -7.39
C THR A 17 9.20 7.01 -7.32
N GLN A 18 7.99 6.79 -6.82
CA GLN A 18 7.02 7.88 -6.70
C GLN A 18 5.84 7.46 -5.82
N TYR A 19 4.73 8.19 -5.92
CA TYR A 19 3.54 7.89 -5.13
C TYR A 19 2.28 8.31 -5.87
N THR A 20 1.26 7.45 -5.82
CA THR A 20 -0.01 7.72 -6.49
C THR A 20 -1.02 8.35 -5.52
N VAL A 21 -0.70 8.35 -4.24
CA VAL A 21 -1.59 8.91 -3.22
C VAL A 21 -0.81 9.46 -2.05
N GLU A 22 -1.28 10.59 -1.50
CA GLU A 22 -0.64 11.22 -0.36
C GLU A 22 -0.76 10.36 0.89
N ASP A 23 -0.23 10.86 2.00
CA ASP A 23 -0.28 10.14 3.27
C ASP A 23 -1.72 9.89 3.68
N GLY A 24 -2.04 8.63 3.96
CA GLY A 24 -3.39 8.29 4.37
C GLY A 24 -4.37 8.33 3.22
N GLY A 25 -3.88 8.10 2.01
CA GLY A 25 -4.73 8.12 0.83
C GLY A 25 -5.69 6.94 0.80
N HIS A 26 -6.98 7.23 0.92
CA HIS A 26 -8.00 6.19 0.90
C HIS A 26 -8.00 5.45 -0.43
N VAL A 27 -7.80 4.13 -0.38
CA VAL A 27 -7.78 3.32 -1.59
C VAL A 27 -8.38 1.93 -1.33
N GLU A 28 -9.21 1.47 -2.26
CA GLU A 28 -9.85 0.16 -2.12
C GLU A 28 -8.93 -0.93 -2.65
N ALA A 29 -9.22 -2.18 -2.28
CA ALA A 29 -8.43 -3.32 -2.71
C ALA A 29 -8.15 -3.27 -4.21
N GLY A 30 -6.88 -3.42 -4.58
CA GLY A 30 -6.51 -3.40 -5.98
C GLY A 30 -6.00 -2.04 -6.41
N SER A 31 -6.46 -0.99 -5.74
CA SER A 31 -6.05 0.38 -6.06
C SER A 31 -4.60 0.62 -5.64
N SER A 32 -3.79 1.06 -6.59
CA SER A 32 -2.37 1.34 -6.32
C SER A 32 -2.23 2.52 -5.37
N TYR A 33 -1.26 2.43 -4.47
CA TYR A 33 -1.00 3.49 -3.50
C TYR A 33 0.38 4.11 -3.70
N ALA A 34 1.22 3.47 -4.52
CA ALA A 34 2.56 3.95 -4.78
C ALA A 34 3.23 3.15 -5.89
N GLU A 35 4.51 3.39 -6.10
CA GLU A 35 5.27 2.70 -7.13
C GLU A 35 6.71 2.50 -6.71
N MET A 36 7.39 1.57 -7.36
CA MET A 36 8.80 1.29 -7.05
C MET A 36 9.53 0.77 -8.27
N GLU A 37 10.62 1.44 -8.64
CA GLU A 37 11.41 1.04 -9.80
C GLU A 37 12.51 0.06 -9.38
N VAL A 38 12.36 -1.19 -9.80
CA VAL A 38 13.34 -2.23 -9.49
C VAL A 38 14.39 -2.33 -10.59
N MET A 39 15.44 -3.11 -10.34
CA MET A 39 16.50 -3.28 -11.32
C MET A 39 15.95 -3.84 -12.63
N LYS A 40 14.87 -4.61 -12.53
CA LYS A 40 14.24 -5.20 -13.69
C LYS A 40 13.41 -4.16 -14.45
N MET A 41 12.27 -3.79 -13.87
CA MET A 41 11.39 -2.81 -14.50
C MET A 41 10.60 -2.05 -13.44
N ILE A 42 9.70 -1.17 -13.89
CA ILE A 42 8.88 -0.38 -12.98
C ILE A 42 7.67 -1.18 -12.51
N MET A 43 7.22 -0.89 -11.30
CA MET A 43 6.07 -1.58 -10.72
C MET A 43 5.24 -0.64 -9.86
N THR A 44 3.99 -1.03 -9.62
CA THR A 44 3.08 -0.22 -8.80
C THR A 44 2.62 -1.00 -7.58
N LEU A 45 2.66 -0.35 -6.42
CA LEU A 45 2.23 -0.97 -5.17
C LEU A 45 0.75 -0.69 -4.90
N ASN A 46 0.02 -1.73 -4.54
CA ASN A 46 -1.41 -1.60 -4.26
C ASN A 46 -1.76 -2.27 -2.93
N VAL A 47 -2.98 -2.03 -2.47
CA VAL A 47 -3.45 -2.62 -1.21
C VAL A 47 -4.21 -3.92 -1.46
N GLN A 48 -4.22 -4.79 -0.46
CA GLN A 48 -4.90 -6.08 -0.56
C GLN A 48 -6.37 -5.95 -0.21
N GLU A 49 -6.73 -4.87 0.48
CA GLU A 49 -8.11 -4.64 0.87
C GLU A 49 -8.38 -3.15 1.05
N ARG A 50 -9.64 -2.82 1.34
CA ARG A 50 -10.03 -1.43 1.54
C ARG A 50 -9.42 -0.86 2.82
N GLY A 51 -9.04 0.42 2.76
CA GLY A 51 -8.44 1.06 3.91
C GLY A 51 -7.61 2.27 3.54
N ARG A 52 -7.14 3.00 4.54
CA ARG A 52 -6.32 4.19 4.31
C ARG A 52 -4.84 3.85 4.36
N VAL A 53 -4.15 4.09 3.25
CA VAL A 53 -2.72 3.81 3.16
C VAL A 53 -1.90 4.93 3.78
N LYS A 54 -1.03 4.57 4.71
CA LYS A 54 -0.18 5.55 5.38
C LYS A 54 1.29 5.29 5.07
N TYR A 55 1.88 6.19 4.30
CA TYR A 55 3.29 6.06 3.92
C TYR A 55 4.20 5.99 5.15
N ILE A 56 5.09 5.01 5.15
CA ILE A 56 6.03 4.84 6.25
C ILE A 56 7.42 5.30 5.86
N LYS A 57 7.92 4.74 4.76
CA LYS A 57 9.24 5.08 4.25
C LYS A 57 9.24 6.48 3.63
N ARG A 58 10.42 7.06 3.47
CA ARG A 58 10.54 8.39 2.89
C ARG A 58 10.74 8.31 1.37
N PRO A 59 10.56 9.44 0.67
CA PRO A 59 10.72 9.49 -0.79
C PRO A 59 12.15 9.16 -1.21
N GLY A 60 12.27 8.22 -2.15
CA GLY A 60 13.58 7.81 -2.63
C GLY A 60 14.17 6.66 -1.83
N ALA A 61 13.62 6.42 -0.65
CA ALA A 61 14.10 5.35 0.22
C ALA A 61 14.07 4.00 -0.50
N VAL A 62 15.16 3.25 -0.40
CA VAL A 62 15.26 1.95 -1.03
C VAL A 62 14.50 0.89 -0.22
N LEU A 63 13.53 0.25 -0.86
CA LEU A 63 12.73 -0.77 -0.20
C LEU A 63 13.43 -2.12 -0.22
N GLU A 64 13.28 -2.88 0.85
CA GLU A 64 13.90 -4.20 0.95
C GLU A 64 12.84 -5.29 1.06
N ALA A 65 13.22 -6.52 0.72
CA ALA A 65 12.29 -7.64 0.78
C ALA A 65 11.81 -7.88 2.21
N GLY A 66 10.74 -7.18 2.58
CA GLY A 66 10.19 -7.33 3.92
C GLY A 66 10.01 -5.99 4.61
N CYS A 67 10.66 -4.96 4.09
CA CYS A 67 10.56 -3.62 4.67
C CYS A 67 9.14 -3.08 4.53
N VAL A 68 8.73 -2.25 5.50
CA VAL A 68 7.40 -1.67 5.49
C VAL A 68 7.34 -0.45 4.57
N VAL A 69 6.66 -0.60 3.44
CA VAL A 69 6.53 0.49 2.47
C VAL A 69 5.42 1.45 2.88
N ALA A 70 4.43 0.95 3.61
CA ALA A 70 3.31 1.77 4.06
C ALA A 70 2.51 1.06 5.14
N ARG A 71 1.33 1.59 5.42
CA ARG A 71 0.46 1.01 6.44
C ARG A 71 -1.01 1.10 6.02
N LEU A 72 -1.75 0.01 6.25
CA LEU A 72 -3.16 -0.04 5.90
C LEU A 72 -4.04 0.32 7.09
N GLU A 73 -5.23 0.82 6.81
CA GLU A 73 -6.17 1.21 7.86
C GLU A 73 -7.60 0.88 7.46
N LEU A 74 -8.01 -0.37 7.70
CA LEU A 74 -9.35 -0.81 7.36
C LEU A 74 -10.40 -0.03 8.15
N ASP A 75 -11.24 0.70 7.43
CA ASP A 75 -12.29 1.50 8.06
C ASP A 75 -13.41 0.61 8.60
N ASP A 76 -13.62 -0.52 7.93
CA ASP A 76 -14.66 -1.46 8.34
C ASP A 76 -16.05 -0.84 8.22
N LEU A 77 -16.14 0.27 7.52
CA LEU A 77 -17.40 0.96 7.33
C LEU A 77 -18.18 0.38 6.15
N GLU A 78 -18.61 -0.86 6.29
CA GLU A 78 -19.35 -1.55 5.24
C GLU A 78 -20.05 -2.79 5.79
N HIS A 79 -21.34 -2.91 5.49
CA HIS A 79 -22.12 -4.05 5.95
C HIS A 79 -23.28 -4.34 5.00
N HIS A 80 -23.68 -5.60 4.93
CA HIS A 80 -24.77 -6.01 4.05
C HIS A 80 -26.10 -5.41 4.52
N HIS A 81 -26.82 -4.78 3.60
CA HIS A 81 -28.11 -4.17 3.93
C HIS A 81 -29.06 -4.24 2.74
N HIS A 82 -30.34 -4.10 3.01
CA HIS A 82 -31.36 -4.14 1.96
C HIS A 82 -31.44 -2.81 1.22
N HIS A 83 -32.10 -2.81 0.08
CA HIS A 83 -32.25 -1.59 -0.72
C HIS A 83 -33.30 -0.67 -0.11
N HIS A 84 -33.21 0.62 -0.43
CA HIS A 84 -34.15 1.61 0.08
C HIS A 84 -35.37 1.71 -0.82
N MET A 1 6.00 -8.45 17.03
CA MET A 1 4.96 -8.75 16.01
C MET A 1 4.74 -7.56 15.09
N GLU A 2 5.45 -7.54 13.96
CA GLU A 2 5.33 -6.47 13.00
C GLU A 2 4.71 -6.97 11.69
N ASN A 3 3.37 -7.03 11.67
CA ASN A 3 2.65 -7.49 10.50
C ASN A 3 1.14 -7.41 10.73
N ASP A 4 0.44 -6.83 9.75
CA ASP A 4 -1.01 -6.68 9.85
C ASP A 4 -1.63 -6.50 8.46
N PRO A 5 -2.94 -6.81 8.31
CA PRO A 5 -3.64 -6.67 7.04
C PRO A 5 -3.85 -5.22 6.65
N THR A 6 -3.80 -4.32 7.63
CA THR A 6 -3.99 -2.89 7.39
C THR A 6 -2.65 -2.21 7.09
N VAL A 7 -1.84 -2.84 6.26
CA VAL A 7 -0.54 -2.29 5.90
C VAL A 7 -0.21 -2.56 4.43
N LEU A 8 1.00 -2.16 4.02
CA LEU A 8 1.42 -2.37 2.64
C LEU A 8 2.94 -2.57 2.57
N ARG A 9 3.37 -3.45 1.66
CA ARG A 9 4.79 -3.74 1.50
C ARG A 9 5.10 -4.14 0.06
N SER A 10 6.26 -3.71 -0.43
CA SER A 10 6.67 -4.03 -1.79
C SER A 10 6.97 -5.51 -1.94
N PRO A 11 6.70 -6.09 -3.12
CA PRO A 11 6.95 -7.51 -3.39
C PRO A 11 8.43 -7.81 -3.54
N SER A 12 9.20 -6.81 -3.94
CA SER A 12 10.65 -6.98 -4.12
C SER A 12 11.38 -5.65 -3.91
N ALA A 13 12.70 -5.70 -4.01
CA ALA A 13 13.51 -4.50 -3.83
C ALA A 13 13.44 -3.60 -5.07
N GLY A 14 12.90 -2.40 -4.88
CA GLY A 14 12.79 -1.46 -5.98
C GLY A 14 13.14 -0.05 -5.58
N LYS A 15 12.32 0.91 -6.00
CA LYS A 15 12.54 2.31 -5.68
C LYS A 15 11.27 3.13 -5.89
N LEU A 16 11.01 4.05 -4.97
CA LEU A 16 9.83 4.90 -5.05
C LEU A 16 9.93 5.86 -6.24
N THR A 17 9.27 5.50 -7.33
CA THR A 17 9.29 6.33 -8.54
C THR A 17 8.38 7.55 -8.40
N GLN A 18 7.15 7.31 -7.94
CA GLN A 18 6.19 8.40 -7.76
C GLN A 18 4.99 7.94 -6.94
N TYR A 19 3.88 8.67 -7.03
CA TYR A 19 2.67 8.34 -6.29
C TYR A 19 1.44 8.80 -7.04
N THR A 20 0.39 7.98 -7.00
CA THR A 20 -0.86 8.31 -7.69
C THR A 20 -1.85 8.99 -6.74
N VAL A 21 -1.52 9.03 -5.45
CA VAL A 21 -2.39 9.64 -4.46
C VAL A 21 -1.59 10.22 -3.30
N GLU A 22 -2.09 11.31 -2.73
CA GLU A 22 -1.42 11.96 -1.61
C GLU A 22 -1.47 11.09 -0.36
N ASP A 23 -0.90 11.60 0.73
CA ASP A 23 -0.88 10.85 1.99
C ASP A 23 -2.29 10.54 2.47
N GLY A 24 -2.58 9.26 2.62
CA GLY A 24 -3.90 8.85 3.08
C GLY A 24 -4.93 8.87 1.96
N GLY A 25 -4.47 8.66 0.73
CA GLY A 25 -5.38 8.67 -0.42
C GLY A 25 -6.33 7.49 -0.39
N HIS A 26 -7.62 7.78 -0.24
CA HIS A 26 -8.64 6.74 -0.21
C HIS A 26 -8.68 5.97 -1.54
N VAL A 27 -8.46 4.67 -1.46
CA VAL A 27 -8.46 3.82 -2.65
C VAL A 27 -9.04 2.44 -2.34
N GLU A 28 -9.88 1.94 -3.24
CA GLU A 28 -10.49 0.63 -3.06
C GLU A 28 -9.56 -0.48 -3.54
N ALA A 29 -9.83 -1.70 -3.10
CA ALA A 29 -9.03 -2.86 -3.49
C ALA A 29 -8.78 -2.89 -5.00
N GLY A 30 -7.52 -3.04 -5.39
CA GLY A 30 -7.17 -3.09 -6.79
C GLY A 30 -6.75 -1.74 -7.34
N SER A 31 -7.22 -0.67 -6.70
CA SER A 31 -6.88 0.68 -7.13
C SER A 31 -5.43 1.01 -6.80
N SER A 32 -4.69 1.48 -7.81
CA SER A 32 -3.28 1.84 -7.63
C SER A 32 -3.14 3.04 -6.69
N TYR A 33 -2.17 2.97 -5.80
CA TYR A 33 -1.92 4.06 -4.85
C TYR A 33 -0.54 4.68 -5.06
N ALA A 34 0.32 4.00 -5.80
CA ALA A 34 1.67 4.49 -6.05
C ALA A 34 2.39 3.60 -7.06
N GLU A 35 3.68 3.84 -7.23
CA GLU A 35 4.50 3.07 -8.16
C GLU A 35 5.91 2.89 -7.64
N MET A 36 6.67 2.01 -8.28
CA MET A 36 8.05 1.75 -7.88
C MET A 36 8.88 1.29 -9.07
N GLU A 37 9.94 2.03 -9.37
CA GLU A 37 10.82 1.70 -10.49
C GLU A 37 11.93 0.75 -10.06
N VAL A 38 11.78 -0.53 -10.40
CA VAL A 38 12.77 -1.53 -10.05
C VAL A 38 13.78 -1.70 -11.17
N MET A 39 14.89 -2.36 -10.89
CA MET A 39 15.94 -2.57 -11.89
C MET A 39 15.38 -3.25 -13.14
N LYS A 40 14.27 -3.97 -12.98
CA LYS A 40 13.65 -4.65 -14.10
C LYS A 40 12.86 -3.67 -14.96
N MET A 41 11.69 -3.27 -14.48
CA MET A 41 10.85 -2.33 -15.21
C MET A 41 9.96 -1.54 -14.24
N ILE A 42 9.19 -0.59 -14.78
CA ILE A 42 8.31 0.22 -13.97
C ILE A 42 7.00 -0.51 -13.69
N MET A 43 6.44 -0.32 -12.49
CA MET A 43 5.20 -0.96 -12.11
C MET A 43 4.36 -0.05 -11.21
N THR A 44 3.12 -0.46 -10.96
CA THR A 44 2.22 0.31 -10.12
C THR A 44 1.77 -0.51 -8.91
N LEU A 45 1.81 0.12 -7.73
CA LEU A 45 1.41 -0.54 -6.49
C LEU A 45 -0.06 -0.30 -6.20
N ASN A 46 -0.74 -1.34 -5.74
CA ASN A 46 -2.17 -1.23 -5.42
C ASN A 46 -2.46 -1.82 -4.04
N VAL A 47 -3.65 -1.53 -3.52
CA VAL A 47 -4.06 -2.03 -2.22
C VAL A 47 -4.79 -3.35 -2.33
N GLN A 48 -4.76 -4.15 -1.26
CA GLN A 48 -5.43 -5.44 -1.25
C GLN A 48 -6.90 -5.31 -0.85
N GLU A 49 -7.23 -4.20 -0.19
CA GLU A 49 -8.60 -3.94 0.24
C GLU A 49 -8.87 -2.45 0.36
N ARG A 50 -10.10 -2.10 0.71
CA ARG A 50 -10.49 -0.71 0.87
C ARG A 50 -9.81 -0.07 2.07
N GLY A 51 -9.49 1.21 1.96
CA GLY A 51 -8.83 1.91 3.04
C GLY A 51 -8.00 3.08 2.57
N ARG A 52 -7.46 3.85 3.50
CA ARG A 52 -6.63 5.01 3.17
C ARG A 52 -5.16 4.63 3.16
N VAL A 53 -4.49 4.86 2.03
CA VAL A 53 -3.08 4.54 1.89
C VAL A 53 -2.21 5.64 2.49
N LYS A 54 -1.49 5.30 3.55
CA LYS A 54 -0.60 6.25 4.21
C LYS A 54 0.85 5.84 4.03
N TYR A 55 1.57 6.59 3.19
CA TYR A 55 2.98 6.31 2.92
C TYR A 55 3.81 6.34 4.21
N ILE A 56 4.75 5.40 4.31
CA ILE A 56 5.63 5.32 5.48
C ILE A 56 7.01 5.84 5.14
N LYS A 57 7.59 5.29 4.07
CA LYS A 57 8.92 5.69 3.63
C LYS A 57 8.90 7.08 3.01
N ARG A 58 10.08 7.61 2.71
CA ARG A 58 10.18 8.94 2.11
C ARG A 58 10.23 8.84 0.59
N PRO A 59 9.99 9.97 -0.11
CA PRO A 59 10.00 10.00 -1.58
C PRO A 59 11.40 9.74 -2.15
N GLY A 60 11.47 8.83 -3.11
CA GLY A 60 12.75 8.50 -3.71
C GLY A 60 13.47 7.38 -3.00
N ALA A 61 13.05 7.09 -1.77
CA ALA A 61 13.67 6.04 -0.98
C ALA A 61 13.62 4.69 -1.71
N VAL A 62 14.69 3.92 -1.57
CA VAL A 62 14.78 2.61 -2.22
C VAL A 62 13.98 1.57 -1.45
N LEU A 63 13.03 0.94 -2.12
CA LEU A 63 12.19 -0.07 -1.49
C LEU A 63 12.88 -1.43 -1.50
N GLU A 64 12.70 -2.19 -0.41
CA GLU A 64 13.31 -3.50 -0.29
C GLU A 64 12.25 -4.59 -0.21
N ALA A 65 12.60 -5.79 -0.65
CA ALA A 65 11.68 -6.91 -0.62
C ALA A 65 11.25 -7.25 0.80
N GLY A 66 10.08 -6.75 1.19
CA GLY A 66 9.59 -7.01 2.54
C GLY A 66 9.37 -5.74 3.33
N CYS A 67 10.10 -4.68 2.97
CA CYS A 67 9.99 -3.41 3.65
C CYS A 67 8.60 -2.80 3.46
N VAL A 68 8.14 -2.06 4.46
CA VAL A 68 6.83 -1.42 4.40
C VAL A 68 6.88 -0.12 3.60
N VAL A 69 6.33 -0.16 2.39
CA VAL A 69 6.32 1.01 1.52
C VAL A 69 5.17 1.95 1.87
N ALA A 70 4.16 1.42 2.55
CA ALA A 70 3.01 2.22 2.94
C ALA A 70 2.16 1.51 3.99
N ARG A 71 0.94 2.01 4.20
CA ARG A 71 0.02 1.42 5.17
C ARG A 71 -1.41 1.45 4.65
N LEU A 72 -2.35 1.02 5.48
CA LEU A 72 -3.75 0.99 5.09
C LEU A 72 -4.65 1.35 6.28
N GLU A 73 -5.87 1.79 5.98
CA GLU A 73 -6.83 2.16 7.02
C GLU A 73 -8.24 1.74 6.63
N LEU A 74 -8.58 0.49 6.94
CA LEU A 74 -9.90 -0.03 6.64
C LEU A 74 -10.99 0.74 7.38
N ASP A 75 -10.65 1.22 8.58
CA ASP A 75 -11.57 1.98 9.41
C ASP A 75 -13.00 1.42 9.32
N ASP A 76 -13.10 0.09 9.32
CA ASP A 76 -14.40 -0.56 9.25
C ASP A 76 -15.11 -0.53 10.60
N LEU A 77 -16.43 -0.34 10.57
CA LEU A 77 -17.22 -0.28 11.79
C LEU A 77 -17.63 -1.69 12.24
N GLU A 78 -17.79 -2.59 11.27
CA GLU A 78 -18.18 -3.96 11.57
C GLU A 78 -17.91 -4.88 10.38
N HIS A 79 -17.19 -5.97 10.62
CA HIS A 79 -16.87 -6.92 9.57
C HIS A 79 -17.90 -8.05 9.51
N HIS A 80 -19.15 -7.68 9.24
CA HIS A 80 -20.23 -8.66 9.16
C HIS A 80 -21.47 -8.04 8.53
N HIS A 81 -22.06 -8.76 7.58
CA HIS A 81 -23.25 -8.29 6.89
C HIS A 81 -24.40 -8.06 7.87
N HIS A 82 -24.91 -9.16 8.42
CA HIS A 82 -26.01 -9.09 9.38
C HIS A 82 -25.57 -9.59 10.75
N HIS A 83 -25.98 -8.88 11.80
CA HIS A 83 -25.63 -9.26 13.16
C HIS A 83 -26.81 -9.05 14.11
N HIS A 84 -26.57 -9.25 15.40
CA HIS A 84 -27.61 -9.09 16.41
C HIS A 84 -27.14 -8.17 17.53
N MET A 1 5.92 -15.16 6.95
CA MET A 1 5.37 -13.80 6.71
C MET A 1 3.97 -13.65 7.31
N GLU A 2 3.93 -13.09 8.52
CA GLU A 2 2.65 -12.88 9.21
C GLU A 2 2.73 -11.64 10.11
N ASN A 3 2.70 -10.47 9.49
CA ASN A 3 2.75 -9.22 10.24
C ASN A 3 1.40 -8.51 10.23
N ASP A 4 0.41 -9.14 10.85
CA ASP A 4 -0.93 -8.58 10.93
C ASP A 4 -1.51 -8.35 9.53
N PRO A 5 -2.84 -8.32 9.41
CA PRO A 5 -3.53 -8.10 8.14
C PRO A 5 -3.58 -6.63 7.74
N THR A 6 -3.52 -5.75 8.74
CA THR A 6 -3.57 -4.31 8.50
C THR A 6 -2.18 -3.74 8.32
N VAL A 7 -1.35 -4.44 7.55
CA VAL A 7 0.02 -3.99 7.29
C VAL A 7 0.48 -4.41 5.89
N LEU A 8 0.94 -3.44 5.11
CA LEU A 8 1.41 -3.71 3.76
C LEU A 8 2.90 -4.03 3.76
N ARG A 9 3.32 -4.89 2.84
CA ARG A 9 4.71 -5.29 2.74
C ARG A 9 5.08 -5.61 1.29
N SER A 10 6.28 -5.24 0.88
CA SER A 10 6.75 -5.49 -0.48
C SER A 10 6.97 -6.98 -0.72
N PRO A 11 6.69 -7.46 -1.94
CA PRO A 11 6.85 -8.88 -2.29
C PRO A 11 8.32 -9.26 -2.43
N SER A 12 9.15 -8.31 -2.83
CA SER A 12 10.58 -8.55 -3.00
C SER A 12 11.37 -7.27 -2.81
N ALA A 13 12.69 -7.36 -2.98
CA ALA A 13 13.56 -6.20 -2.84
C ALA A 13 13.46 -5.28 -4.04
N GLY A 14 13.03 -4.05 -3.79
CA GLY A 14 12.89 -3.08 -4.87
C GLY A 14 13.30 -1.68 -4.45
N LYS A 15 12.53 -0.69 -4.86
CA LYS A 15 12.81 0.70 -4.54
C LYS A 15 11.57 1.57 -4.74
N LEU A 16 11.35 2.51 -3.84
CA LEU A 16 10.20 3.41 -3.92
C LEU A 16 10.33 4.34 -5.13
N THR A 17 9.69 3.96 -6.24
CA THR A 17 9.73 4.77 -7.45
C THR A 17 8.79 5.96 -7.34
N GLN A 18 7.59 5.74 -6.83
CA GLN A 18 6.60 6.81 -6.69
C GLN A 18 5.44 6.37 -5.79
N TYR A 19 4.31 7.04 -5.91
CA TYR A 19 3.14 6.72 -5.10
C TYR A 19 1.84 7.04 -5.85
N THR A 20 0.83 6.21 -5.64
CA THR A 20 -0.46 6.38 -6.30
C THR A 20 -1.44 7.15 -5.42
N VAL A 21 -1.16 7.21 -4.12
CA VAL A 21 -2.03 7.92 -3.18
C VAL A 21 -1.24 8.52 -2.03
N GLU A 22 -1.71 9.66 -1.54
CA GLU A 22 -1.05 10.35 -0.43
C GLU A 22 -1.18 9.54 0.86
N ASP A 23 -0.81 10.16 1.97
CA ASP A 23 -0.87 9.50 3.27
C ASP A 23 -2.30 9.07 3.59
N GLY A 24 -2.44 7.84 4.07
CA GLY A 24 -3.76 7.32 4.40
C GLY A 24 -4.69 7.27 3.20
N GLY A 25 -4.12 7.19 2.01
CA GLY A 25 -4.93 7.14 0.80
C GLY A 25 -5.86 5.94 0.78
N HIS A 26 -7.15 6.21 0.93
CA HIS A 26 -8.15 5.15 0.92
C HIS A 26 -8.17 4.41 -0.42
N VAL A 27 -7.99 3.09 -0.36
CA VAL A 27 -7.98 2.27 -1.56
C VAL A 27 -8.58 0.90 -1.29
N GLU A 28 -9.36 0.40 -2.24
CA GLU A 28 -10.00 -0.91 -2.10
C GLU A 28 -9.05 -2.02 -2.52
N ALA A 29 -9.32 -3.24 -2.08
CA ALA A 29 -8.50 -4.40 -2.43
C ALA A 29 -8.21 -4.45 -3.93
N GLY A 30 -6.94 -4.59 -4.27
CA GLY A 30 -6.56 -4.64 -5.67
C GLY A 30 -6.13 -3.29 -6.21
N SER A 31 -6.60 -2.23 -5.58
CA SER A 31 -6.26 -0.87 -5.99
C SER A 31 -4.82 -0.55 -5.66
N SER A 32 -4.08 -0.06 -6.65
CA SER A 32 -2.67 0.28 -6.47
C SER A 32 -2.53 1.48 -5.53
N TYR A 33 -1.65 1.34 -4.54
CA TYR A 33 -1.42 2.41 -3.57
C TYR A 33 -0.03 3.02 -3.76
N ALA A 34 0.82 2.35 -4.54
CA ALA A 34 2.17 2.83 -4.81
C ALA A 34 2.85 1.98 -5.87
N GLU A 35 4.14 2.24 -6.09
CA GLU A 35 4.90 1.50 -7.08
C GLU A 35 6.35 1.36 -6.63
N MET A 36 7.09 0.47 -7.29
CA MET A 36 8.50 0.26 -6.96
C MET A 36 9.28 -0.22 -8.18
N GLU A 37 10.34 0.52 -8.50
CA GLU A 37 11.18 0.17 -9.64
C GLU A 37 12.33 -0.75 -9.23
N VAL A 38 12.17 -2.03 -9.50
CA VAL A 38 13.19 -3.01 -9.17
C VAL A 38 14.17 -3.20 -10.33
N MET A 39 15.30 -3.85 -10.06
CA MET A 39 16.31 -4.07 -11.09
C MET A 39 15.71 -4.79 -12.30
N LYS A 40 14.63 -5.53 -12.07
CA LYS A 40 13.97 -6.25 -13.15
C LYS A 40 13.13 -5.31 -14.00
N MET A 41 11.97 -4.92 -13.48
CA MET A 41 11.08 -4.02 -14.18
C MET A 41 10.24 -3.20 -13.20
N ILE A 42 9.33 -2.38 -13.72
CA ILE A 42 8.48 -1.56 -12.88
C ILE A 42 7.27 -2.36 -12.39
N MET A 43 6.81 -2.05 -11.18
CA MET A 43 5.67 -2.74 -10.60
C MET A 43 4.82 -1.79 -9.75
N THR A 44 3.59 -2.22 -9.47
CA THR A 44 2.66 -1.42 -8.68
C THR A 44 2.25 -2.17 -7.41
N LEU A 45 2.32 -1.48 -6.28
CA LEU A 45 1.95 -2.07 -5.01
C LEU A 45 0.47 -1.80 -4.68
N ASN A 46 -0.32 -2.87 -4.63
CA ASN A 46 -1.74 -2.73 -4.34
C ASN A 46 -2.07 -3.31 -2.97
N VAL A 47 -3.31 -3.12 -2.53
CA VAL A 47 -3.74 -3.61 -1.22
C VAL A 47 -4.40 -4.98 -1.36
N GLN A 48 -4.31 -5.78 -0.29
CA GLN A 48 -4.89 -7.12 -0.29
C GLN A 48 -6.36 -7.09 0.13
N GLU A 49 -6.80 -5.96 0.70
CA GLU A 49 -8.18 -5.82 1.13
C GLU A 49 -8.60 -4.35 1.17
N ARG A 50 -9.88 -4.11 1.34
CA ARG A 50 -10.41 -2.75 1.39
C ARG A 50 -9.94 -2.03 2.65
N GLY A 51 -9.42 -0.82 2.49
CA GLY A 51 -8.94 -0.06 3.62
C GLY A 51 -8.09 1.13 3.21
N ARG A 52 -7.41 1.73 4.18
CA ARG A 52 -6.56 2.89 3.92
C ARG A 52 -5.11 2.44 3.70
N VAL A 53 -4.23 3.40 3.48
CA VAL A 53 -2.82 3.09 3.27
C VAL A 53 -1.92 4.24 3.72
N LYS A 54 -1.12 3.99 4.75
CA LYS A 54 -0.21 4.99 5.29
C LYS A 54 1.23 4.55 5.12
N TYR A 55 1.99 5.31 4.35
CA TYR A 55 3.39 5.00 4.09
C TYR A 55 4.19 4.93 5.39
N ILE A 56 5.07 3.94 5.47
CA ILE A 56 5.90 3.74 6.65
C ILE A 56 7.33 4.18 6.35
N LYS A 57 7.90 3.65 5.28
CA LYS A 57 9.25 3.98 4.88
C LYS A 57 9.33 5.40 4.31
N ARG A 58 10.53 5.85 3.99
CA ARG A 58 10.72 7.18 3.43
C ARG A 58 10.70 7.15 1.91
N PRO A 59 10.52 8.32 1.27
CA PRO A 59 10.49 8.41 -0.20
C PRO A 59 11.84 8.11 -0.83
N GLY A 60 11.84 7.21 -1.81
CA GLY A 60 13.07 6.85 -2.48
C GLY A 60 13.78 5.68 -1.80
N ALA A 61 13.40 5.39 -0.57
CA ALA A 61 14.01 4.31 0.19
C ALA A 61 13.90 2.99 -0.56
N VAL A 62 14.93 2.15 -0.43
CA VAL A 62 14.94 0.85 -1.09
C VAL A 62 14.09 -0.16 -0.32
N LEU A 63 13.14 -0.76 -1.03
CA LEU A 63 12.25 -1.74 -0.42
C LEU A 63 12.89 -3.13 -0.39
N GLU A 64 12.63 -3.87 0.68
CA GLU A 64 13.19 -5.21 0.84
C GLU A 64 12.08 -6.26 0.94
N ALA A 65 12.38 -7.47 0.52
CA ALA A 65 11.41 -8.56 0.57
C ALA A 65 10.98 -8.85 2.00
N GLY A 66 9.78 -8.42 2.35
CA GLY A 66 9.27 -8.63 3.69
C GLY A 66 9.14 -7.35 4.49
N CYS A 67 9.90 -6.33 4.11
CA CYS A 67 9.88 -5.05 4.79
C CYS A 67 8.52 -4.38 4.65
N VAL A 68 8.12 -3.62 5.66
CA VAL A 68 6.84 -2.93 5.64
C VAL A 68 6.93 -1.63 4.85
N VAL A 69 6.36 -1.63 3.64
CA VAL A 69 6.38 -0.46 2.78
C VAL A 69 5.27 0.52 3.15
N ALA A 70 4.23 0.01 3.80
CA ALA A 70 3.11 0.85 4.21
C ALA A 70 2.22 0.13 5.22
N ARG A 71 0.99 0.59 5.37
CA ARG A 71 0.04 0.00 6.31
C ARG A 71 -1.34 -0.12 5.69
N LEU A 72 -2.29 -0.64 6.47
CA LEU A 72 -3.66 -0.80 6.00
C LEU A 72 -4.66 -0.49 7.10
N GLU A 73 -5.89 -0.18 6.69
CA GLU A 73 -6.96 0.13 7.63
C GLU A 73 -8.29 -0.43 7.14
N LEU A 74 -8.58 -1.66 7.55
CA LEU A 74 -9.82 -2.32 7.15
C LEU A 74 -11.04 -1.55 7.65
N ASP A 75 -11.89 -1.14 6.71
CA ASP A 75 -13.09 -0.39 7.05
C ASP A 75 -14.15 -1.31 7.68
N ASP A 76 -13.82 -1.85 8.85
CA ASP A 76 -14.75 -2.75 9.55
C ASP A 76 -15.86 -1.97 10.22
N LEU A 77 -17.05 -2.58 10.29
CA LEU A 77 -18.21 -1.93 10.90
C LEU A 77 -18.58 -0.67 10.15
N GLU A 78 -18.30 -0.64 8.85
CA GLU A 78 -18.62 0.52 8.02
C GLU A 78 -20.11 0.60 7.75
N HIS A 79 -20.76 1.58 8.36
CA HIS A 79 -22.20 1.78 8.18
C HIS A 79 -22.52 3.23 7.86
N HIS A 80 -22.34 3.60 6.59
CA HIS A 80 -22.61 4.97 6.15
C HIS A 80 -23.95 5.05 5.43
N HIS A 81 -24.27 6.24 4.92
CA HIS A 81 -25.52 6.46 4.21
C HIS A 81 -25.32 7.41 3.03
N HIS A 82 -26.41 7.71 2.34
CA HIS A 82 -26.36 8.62 1.20
C HIS A 82 -27.61 9.47 1.13
N HIS A 83 -27.58 10.51 0.30
CA HIS A 83 -28.71 11.41 0.14
C HIS A 83 -29.51 11.07 -1.11
N HIS A 84 -30.61 11.79 -1.34
CA HIS A 84 -31.45 11.56 -2.49
C HIS A 84 -31.14 12.55 -3.61
N MET A 1 6.05 -12.35 8.51
CA MET A 1 5.99 -11.52 7.29
C MET A 1 4.62 -10.84 7.15
N GLU A 2 3.58 -11.55 7.56
CA GLU A 2 2.22 -11.02 7.48
C GLU A 2 1.87 -10.27 8.76
N ASN A 3 2.33 -9.03 8.87
CA ASN A 3 2.06 -8.21 10.04
C ASN A 3 0.72 -7.48 9.90
N ASP A 4 -0.36 -8.18 10.24
CA ASP A 4 -1.70 -7.62 10.16
C ASP A 4 -2.02 -7.19 8.74
N PRO A 5 -3.31 -7.11 8.39
CA PRO A 5 -3.77 -6.72 7.06
C PRO A 5 -3.74 -5.21 6.86
N THR A 6 -3.58 -4.46 7.95
CA THR A 6 -3.53 -3.01 7.88
C THR A 6 -2.10 -2.51 7.70
N VAL A 7 -1.37 -3.15 6.78
CA VAL A 7 0.01 -2.77 6.51
C VAL A 7 0.35 -2.95 5.03
N LEU A 8 1.57 -2.58 4.66
CA LEU A 8 2.03 -2.72 3.28
C LEU A 8 3.53 -2.98 3.23
N ARG A 9 3.93 -3.85 2.31
CA ARG A 9 5.34 -4.20 2.15
C ARG A 9 5.66 -4.56 0.71
N SER A 10 6.83 -4.14 0.25
CA SER A 10 7.26 -4.42 -1.13
C SER A 10 7.53 -5.91 -1.32
N PRO A 11 7.24 -6.44 -2.53
CA PRO A 11 7.46 -7.85 -2.83
C PRO A 11 8.94 -8.18 -3.01
N SER A 12 9.72 -7.18 -3.39
CA SER A 12 11.15 -7.36 -3.59
C SER A 12 11.91 -6.05 -3.37
N ALA A 13 13.23 -6.13 -3.40
CA ALA A 13 14.07 -4.95 -3.19
C ALA A 13 14.09 -4.07 -4.43
N GLY A 14 13.65 -2.83 -4.27
CA GLY A 14 13.63 -1.90 -5.39
C GLY A 14 13.98 -0.48 -4.97
N LYS A 15 13.16 0.47 -5.42
CA LYS A 15 13.39 1.88 -5.10
C LYS A 15 12.13 2.70 -5.34
N LEU A 16 11.85 3.65 -4.44
CA LEU A 16 10.67 4.50 -4.57
C LEU A 16 10.81 5.44 -5.76
N THR A 17 10.23 5.04 -6.89
CA THR A 17 10.29 5.86 -8.10
C THR A 17 9.32 7.04 -8.02
N GLN A 18 8.12 6.80 -7.51
CA GLN A 18 7.12 7.85 -7.38
C GLN A 18 5.97 7.41 -6.48
N TYR A 19 4.84 8.10 -6.59
CA TYR A 19 3.66 7.78 -5.78
C TYR A 19 2.38 8.13 -6.52
N THR A 20 1.37 7.28 -6.39
CA THR A 20 0.09 7.49 -7.05
C THR A 20 -0.91 8.18 -6.11
N VAL A 21 -0.59 8.22 -4.82
CA VAL A 21 -1.48 8.84 -3.84
C VAL A 21 -0.69 9.43 -2.68
N GLU A 22 -1.17 10.55 -2.16
CA GLU A 22 -0.51 11.22 -1.04
C GLU A 22 -0.61 10.39 0.23
N ASP A 23 -0.06 10.91 1.32
CA ASP A 23 -0.10 10.21 2.60
C ASP A 23 -1.54 9.97 3.06
N GLY A 24 -1.87 8.72 3.33
CA GLY A 24 -3.21 8.38 3.77
C GLY A 24 -4.21 8.39 2.63
N GLY A 25 -3.72 8.14 1.42
CA GLY A 25 -4.60 8.13 0.26
C GLY A 25 -5.55 6.95 0.27
N HIS A 26 -6.84 7.23 0.40
CA HIS A 26 -7.85 6.19 0.43
C HIS A 26 -7.87 5.42 -0.90
N VAL A 27 -7.64 4.12 -0.82
CA VAL A 27 -7.63 3.28 -2.01
C VAL A 27 -8.19 1.88 -1.71
N GLU A 28 -8.99 1.37 -2.61
CA GLU A 28 -9.59 0.04 -2.43
C GLU A 28 -8.64 -1.05 -2.92
N ALA A 29 -8.88 -2.28 -2.47
CA ALA A 29 -8.05 -3.42 -2.85
C ALA A 29 -7.80 -3.45 -4.35
N GLY A 30 -6.54 -3.60 -4.74
CA GLY A 30 -6.18 -3.64 -6.14
C GLY A 30 -5.76 -2.29 -6.68
N SER A 31 -6.21 -1.23 -6.03
CA SER A 31 -5.87 0.13 -6.46
C SER A 31 -4.41 0.45 -6.15
N SER A 32 -3.69 0.95 -7.16
CA SER A 32 -2.29 1.29 -6.99
C SER A 32 -2.12 2.47 -6.02
N TYR A 33 -1.11 2.39 -5.18
CA TYR A 33 -0.84 3.45 -4.21
C TYR A 33 0.55 4.07 -4.41
N ALA A 34 1.38 3.39 -5.19
CA ALA A 34 2.73 3.88 -5.46
C ALA A 34 3.43 3.04 -6.53
N GLU A 35 4.70 3.32 -6.77
CA GLU A 35 5.47 2.59 -7.76
C GLU A 35 6.92 2.45 -7.32
N MET A 36 7.66 1.55 -7.97
CA MET A 36 9.05 1.33 -7.64
C MET A 36 9.83 0.84 -8.86
N GLU A 37 10.90 1.56 -9.20
CA GLU A 37 11.72 1.20 -10.35
C GLU A 37 12.84 0.25 -9.95
N VAL A 38 12.70 -1.02 -10.36
CA VAL A 38 13.70 -2.04 -10.05
C VAL A 38 14.73 -2.14 -11.16
N MET A 39 15.79 -2.90 -10.92
CA MET A 39 16.84 -3.07 -11.91
C MET A 39 16.28 -3.65 -13.20
N LYS A 40 15.20 -4.41 -13.09
CA LYS A 40 14.56 -5.02 -14.25
C LYS A 40 13.73 -3.98 -15.01
N MET A 41 12.58 -3.63 -14.44
CA MET A 41 11.69 -2.66 -15.07
C MET A 41 10.87 -1.93 -14.01
N ILE A 42 9.97 -1.06 -14.48
CA ILE A 42 9.11 -0.29 -13.58
C ILE A 42 7.91 -1.11 -13.14
N MET A 43 7.43 -0.85 -11.93
CA MET A 43 6.28 -1.56 -11.39
C MET A 43 5.41 -0.66 -10.52
N THR A 44 4.16 -1.05 -10.33
CA THR A 44 3.23 -0.27 -9.52
C THR A 44 2.72 -1.09 -8.34
N LEU A 45 2.78 -0.51 -7.15
CA LEU A 45 2.31 -1.20 -5.94
C LEU A 45 0.84 -0.89 -5.67
N ASN A 46 0.14 -1.85 -5.09
CA ASN A 46 -1.28 -1.69 -4.78
C ASN A 46 -1.59 -2.21 -3.39
N VAL A 47 -2.84 -2.01 -2.96
CA VAL A 47 -3.27 -2.45 -1.64
C VAL A 47 -3.92 -3.83 -1.73
N GLN A 48 -3.85 -4.59 -0.63
CA GLN A 48 -4.43 -5.92 -0.58
C GLN A 48 -5.91 -5.87 -0.22
N GLU A 49 -6.33 -4.77 0.42
CA GLU A 49 -7.72 -4.60 0.81
C GLU A 49 -8.08 -3.12 0.91
N ARG A 50 -9.36 -2.85 1.16
CA ARG A 50 -9.85 -1.48 1.28
C ARG A 50 -9.29 -0.81 2.54
N GLY A 51 -8.86 0.43 2.40
CA GLY A 51 -8.32 1.16 3.53
C GLY A 51 -7.49 2.36 3.12
N ARG A 52 -7.01 3.11 4.09
CA ARG A 52 -6.20 4.30 3.82
C ARG A 52 -4.71 3.95 3.87
N VAL A 53 -4.02 4.16 2.76
CA VAL A 53 -2.59 3.88 2.67
C VAL A 53 -1.77 5.02 3.25
N LYS A 54 -0.92 4.71 4.22
CA LYS A 54 -0.08 5.70 4.86
C LYS A 54 1.40 5.40 4.61
N TYR A 55 2.06 6.27 3.85
CA TYR A 55 3.46 6.10 3.53
C TYR A 55 4.32 6.02 4.78
N ILE A 56 5.20 5.03 4.84
CA ILE A 56 6.09 4.85 5.99
C ILE A 56 7.51 5.28 5.62
N LYS A 57 8.02 4.74 4.53
CA LYS A 57 9.35 5.05 4.06
C LYS A 57 9.42 6.47 3.50
N ARG A 58 10.63 6.95 3.25
CA ARG A 58 10.83 8.29 2.71
C ARG A 58 10.89 8.27 1.19
N PRO A 59 10.69 9.43 0.54
CA PRO A 59 10.72 9.53 -0.92
C PRO A 59 12.12 9.27 -1.49
N GLY A 60 12.19 8.37 -2.46
CA GLY A 60 13.47 8.04 -3.07
C GLY A 60 14.18 6.90 -2.36
N ALA A 61 13.75 6.60 -1.13
CA ALA A 61 14.36 5.52 -0.35
C ALA A 61 14.31 4.19 -1.09
N VAL A 62 15.34 3.38 -0.90
CA VAL A 62 15.41 2.08 -1.56
C VAL A 62 14.53 1.07 -0.84
N LEU A 63 13.64 0.42 -1.59
CA LEU A 63 12.73 -0.57 -1.03
C LEU A 63 13.41 -1.94 -0.93
N GLU A 64 13.08 -2.68 0.13
CA GLU A 64 13.66 -4.00 0.34
C GLU A 64 12.57 -5.07 0.40
N ALA A 65 12.90 -6.27 -0.03
CA ALA A 65 11.95 -7.38 -0.02
C ALA A 65 11.51 -7.70 1.40
N GLY A 66 10.36 -7.15 1.79
CA GLY A 66 9.84 -7.38 3.13
C GLY A 66 9.67 -6.11 3.93
N CYS A 67 10.39 -5.07 3.54
CA CYS A 67 10.30 -3.78 4.22
C CYS A 67 8.92 -3.17 4.07
N VAL A 68 8.47 -2.44 5.08
CA VAL A 68 7.16 -1.79 5.06
C VAL A 68 7.20 -0.49 4.28
N VAL A 69 6.65 -0.51 3.07
CA VAL A 69 6.62 0.66 2.21
C VAL A 69 5.47 1.59 2.58
N ALA A 70 4.48 1.06 3.29
CA ALA A 70 3.32 1.84 3.68
C ALA A 70 2.50 1.14 4.76
N ARG A 71 1.34 1.71 5.08
CA ARG A 71 0.46 1.14 6.10
C ARG A 71 -1.01 1.31 5.70
N LEU A 72 -1.80 0.26 5.90
CA LEU A 72 -3.21 0.29 5.57
C LEU A 72 -4.05 0.68 6.78
N GLU A 73 -5.25 1.20 6.53
CA GLU A 73 -6.15 1.60 7.60
C GLU A 73 -7.60 1.29 7.24
N LEU A 74 -8.04 0.08 7.55
CA LEU A 74 -9.41 -0.35 7.26
C LEU A 74 -10.41 0.52 8.01
N ASP A 75 -11.49 0.88 7.33
CA ASP A 75 -12.53 1.71 7.92
C ASP A 75 -13.35 0.91 8.94
N ASP A 76 -13.49 -0.39 8.68
CA ASP A 76 -14.24 -1.28 9.57
C ASP A 76 -15.71 -0.88 9.62
N LEU A 77 -16.13 -0.06 8.67
CA LEU A 77 -17.52 0.39 8.60
C LEU A 77 -18.38 -0.61 7.85
N GLU A 78 -18.76 -1.69 8.53
CA GLU A 78 -19.59 -2.72 7.91
C GLU A 78 -20.15 -3.66 8.97
N HIS A 79 -21.47 -3.67 9.08
CA HIS A 79 -22.15 -4.53 10.06
C HIS A 79 -23.38 -5.20 9.43
N HIS A 80 -24.10 -5.96 10.25
CA HIS A 80 -25.29 -6.65 9.78
C HIS A 80 -26.31 -5.68 9.22
N HIS A 81 -26.95 -6.06 8.11
CA HIS A 81 -27.95 -5.22 7.47
C HIS A 81 -29.11 -4.91 8.43
N HIS A 82 -29.40 -3.64 8.61
CA HIS A 82 -30.48 -3.22 9.49
C HIS A 82 -31.76 -2.94 8.70
N HIS A 83 -32.47 -4.02 8.35
CA HIS A 83 -33.71 -3.89 7.60
C HIS A 83 -34.78 -3.18 8.41
N HIS A 84 -35.51 -2.28 7.77
CA HIS A 84 -36.56 -1.52 8.44
C HIS A 84 -37.65 -2.45 8.96
N MET A 1 2.38 -11.74 14.32
CA MET A 1 1.20 -11.24 13.58
C MET A 1 1.60 -10.26 12.48
N GLU A 2 2.72 -10.55 11.83
CA GLU A 2 3.22 -9.69 10.75
C GLU A 2 2.50 -9.99 9.44
N ASN A 3 1.19 -9.80 9.44
CA ASN A 3 0.38 -10.05 8.25
C ASN A 3 -1.06 -9.62 8.47
N ASP A 4 -1.57 -8.74 7.61
CA ASP A 4 -2.94 -8.27 7.72
C ASP A 4 -3.42 -7.71 6.38
N PRO A 5 -4.75 -7.75 6.14
CA PRO A 5 -5.34 -7.25 4.89
C PRO A 5 -5.23 -5.73 4.77
N THR A 6 -5.16 -5.06 5.92
CA THR A 6 -5.06 -3.60 5.93
C THR A 6 -3.60 -3.14 5.92
N VAL A 7 -2.78 -3.79 5.09
CA VAL A 7 -1.37 -3.45 4.98
C VAL A 7 -0.86 -3.70 3.56
N LEU A 8 -0.35 -2.65 2.93
CA LEU A 8 0.17 -2.75 1.57
C LEU A 8 1.67 -3.09 1.60
N ARG A 9 2.09 -3.94 0.67
CA ARG A 9 3.49 -4.35 0.59
C ARG A 9 3.87 -4.67 -0.85
N SER A 10 5.08 -4.29 -1.24
CA SER A 10 5.58 -4.55 -2.58
C SER A 10 5.79 -6.04 -2.82
N PRO A 11 5.55 -6.52 -4.05
CA PRO A 11 5.73 -7.93 -4.39
C PRO A 11 7.19 -8.33 -4.51
N SER A 12 8.02 -7.38 -4.94
CA SER A 12 9.45 -7.63 -5.09
C SER A 12 10.25 -6.34 -4.93
N ALA A 13 11.55 -6.44 -5.13
CA ALA A 13 12.43 -5.28 -5.01
C ALA A 13 12.31 -4.36 -6.23
N GLY A 14 11.97 -3.10 -6.00
CA GLY A 14 11.82 -2.15 -7.08
C GLY A 14 12.15 -0.73 -6.65
N LYS A 15 11.36 0.23 -7.12
CA LYS A 15 11.58 1.63 -6.78
C LYS A 15 10.33 2.45 -7.06
N LEU A 16 10.05 3.41 -6.18
CA LEU A 16 8.88 4.27 -6.33
C LEU A 16 9.02 5.19 -7.54
N THR A 17 8.44 4.78 -8.67
CA THR A 17 8.52 5.56 -9.90
C THR A 17 7.57 6.76 -9.84
N GLN A 18 6.37 6.54 -9.34
CA GLN A 18 5.37 7.61 -9.24
C GLN A 18 4.21 7.19 -8.33
N TYR A 19 3.10 7.91 -8.43
CA TYR A 19 1.91 7.62 -7.62
C TYR A 19 0.64 8.00 -8.36
N THR A 20 -0.39 7.17 -8.22
CA THR A 20 -1.67 7.42 -8.87
C THR A 20 -2.65 8.13 -7.94
N VAL A 21 -2.35 8.14 -6.65
CA VAL A 21 -3.21 8.79 -5.67
C VAL A 21 -2.41 9.33 -4.49
N GLU A 22 -2.86 10.46 -3.95
CA GLU A 22 -2.18 11.08 -2.82
C GLU A 22 -2.31 10.24 -1.56
N ASP A 23 -1.76 10.73 -0.46
CA ASP A 23 -1.82 10.01 0.81
C ASP A 23 -3.26 9.77 1.24
N GLY A 24 -3.60 8.51 1.47
CA GLY A 24 -4.95 8.17 1.88
C GLY A 24 -5.94 8.21 0.73
N GLY A 25 -5.44 7.97 -0.49
CA GLY A 25 -6.30 7.99 -1.65
C GLY A 25 -7.31 6.86 -1.65
N HIS A 26 -8.59 7.21 -1.64
CA HIS A 26 -9.66 6.21 -1.63
C HIS A 26 -9.61 5.37 -2.90
N VAL A 27 -9.42 4.07 -2.73
CA VAL A 27 -9.37 3.14 -3.86
C VAL A 27 -9.95 1.79 -3.50
N GLU A 28 -10.76 1.24 -4.40
CA GLU A 28 -11.38 -0.07 -4.17
C GLU A 28 -10.44 -1.19 -4.60
N ALA A 29 -10.73 -2.41 -4.14
CA ALA A 29 -9.91 -3.57 -4.47
C ALA A 29 -9.62 -3.63 -5.97
N GLY A 30 -8.33 -3.68 -6.31
CA GLY A 30 -7.94 -3.75 -7.71
C GLY A 30 -7.47 -2.42 -8.25
N SER A 31 -7.94 -1.33 -7.64
CA SER A 31 -7.56 0.01 -8.06
C SER A 31 -6.11 0.31 -7.69
N SER A 32 -5.32 0.70 -8.68
CA SER A 32 -3.91 1.01 -8.46
C SER A 32 -3.76 2.26 -7.59
N TYR A 33 -2.80 2.23 -6.68
CA TYR A 33 -2.54 3.36 -5.80
C TYR A 33 -1.18 4.00 -6.08
N ALA A 34 -0.35 3.30 -6.84
CA ALA A 34 0.98 3.80 -7.19
C ALA A 34 1.64 2.91 -8.22
N GLU A 35 2.92 3.15 -8.47
CA GLU A 35 3.67 2.36 -9.44
C GLU A 35 5.14 2.22 -9.01
N MET A 36 5.83 1.27 -9.62
CA MET A 36 7.23 1.03 -9.30
C MET A 36 7.97 0.45 -10.51
N GLU A 37 9.10 1.07 -10.84
CA GLU A 37 9.91 0.61 -11.97
C GLU A 37 10.93 -0.43 -11.53
N VAL A 38 10.97 -1.55 -12.23
CA VAL A 38 11.89 -2.62 -11.91
C VAL A 38 12.36 -3.33 -13.18
N MET A 39 13.55 -3.92 -13.11
CA MET A 39 14.15 -4.64 -14.25
C MET A 39 13.74 -4.04 -15.60
N LYS A 40 13.63 -2.71 -15.65
CA LYS A 40 13.27 -2.00 -16.88
C LYS A 40 11.76 -2.02 -17.15
N MET A 41 11.06 -2.99 -16.56
CA MET A 41 9.62 -3.11 -16.75
C MET A 41 8.85 -2.32 -15.69
N ILE A 42 7.84 -1.58 -16.13
CA ILE A 42 7.02 -0.78 -15.22
C ILE A 42 5.94 -1.64 -14.58
N MET A 43 5.54 -1.26 -13.37
CA MET A 43 4.50 -1.99 -12.64
C MET A 43 3.63 -1.05 -11.84
N THR A 44 2.37 -1.45 -11.61
CA THR A 44 1.43 -0.65 -10.85
C THR A 44 0.95 -1.39 -9.60
N LEU A 45 1.03 -0.72 -8.46
CA LEU A 45 0.60 -1.32 -7.20
C LEU A 45 -0.86 -0.98 -6.92
N ASN A 46 -1.62 -1.98 -6.50
CA ASN A 46 -3.04 -1.78 -6.19
C ASN A 46 -3.39 -2.39 -4.83
N VAL A 47 -4.63 -2.17 -4.41
CA VAL A 47 -5.10 -2.68 -3.12
C VAL A 47 -5.78 -4.04 -3.30
N GLN A 48 -5.71 -4.87 -2.26
CA GLN A 48 -6.32 -6.19 -2.30
C GLN A 48 -7.79 -6.14 -1.89
N GLU A 49 -8.21 -5.02 -1.32
CA GLU A 49 -9.60 -4.84 -0.89
C GLU A 49 -9.97 -3.38 -0.86
N ARG A 50 -11.24 -3.11 -0.55
CA ARG A 50 -11.75 -1.73 -0.49
C ARG A 50 -11.13 -0.99 0.69
N GLY A 51 -10.70 0.25 0.44
CA GLY A 51 -10.11 1.05 1.49
C GLY A 51 -9.22 2.14 0.95
N ARG A 52 -8.76 3.03 1.83
CA ARG A 52 -7.90 4.12 1.43
C ARG A 52 -6.43 3.76 1.62
N VAL A 53 -5.63 4.00 0.58
CA VAL A 53 -4.21 3.69 0.63
C VAL A 53 -3.42 4.79 1.34
N LYS A 54 -2.61 4.41 2.32
CA LYS A 54 -1.82 5.36 3.07
C LYS A 54 -0.33 5.12 2.85
N TYR A 55 0.32 6.02 2.12
CA TYR A 55 1.74 5.89 1.82
C TYR A 55 2.57 5.82 3.10
N ILE A 56 3.48 4.86 3.15
CA ILE A 56 4.36 4.68 4.29
C ILE A 56 5.77 5.17 3.98
N LYS A 57 6.34 4.62 2.91
CA LYS A 57 7.67 4.99 2.48
C LYS A 57 7.68 6.39 1.88
N ARG A 58 8.88 6.89 1.59
CA ARG A 58 9.02 8.23 1.01
C ARG A 58 9.06 8.15 -0.52
N PRO A 59 8.85 9.29 -1.20
CA PRO A 59 8.87 9.34 -2.67
C PRO A 59 10.26 9.06 -3.24
N GLY A 60 10.33 8.15 -4.19
CA GLY A 60 11.60 7.80 -4.81
C GLY A 60 12.29 6.66 -4.09
N ALA A 61 11.87 6.38 -2.86
CA ALA A 61 12.47 5.31 -2.07
C ALA A 61 12.41 3.97 -2.80
N VAL A 62 13.45 3.16 -2.62
CA VAL A 62 13.51 1.85 -3.26
C VAL A 62 12.64 0.84 -2.53
N LEU A 63 11.75 0.19 -3.27
CA LEU A 63 10.84 -0.80 -2.68
C LEU A 63 11.54 -2.16 -2.59
N GLU A 64 11.28 -2.87 -1.49
CA GLU A 64 11.87 -4.18 -1.26
C GLU A 64 10.78 -5.26 -1.22
N ALA A 65 11.17 -6.49 -1.51
CA ALA A 65 10.24 -7.61 -1.50
C ALA A 65 9.66 -7.83 -0.11
N GLY A 66 8.41 -7.43 0.08
CA GLY A 66 7.77 -7.61 1.37
C GLY A 66 7.68 -6.31 2.16
N CYS A 67 8.42 -5.30 1.72
CA CYS A 67 8.41 -4.00 2.39
C CYS A 67 7.04 -3.34 2.32
N VAL A 68 6.69 -2.58 3.34
CA VAL A 68 5.40 -1.90 3.38
C VAL A 68 5.44 -0.60 2.57
N VAL A 69 4.87 -0.65 1.38
CA VAL A 69 4.84 0.51 0.49
C VAL A 69 3.70 1.45 0.87
N ALA A 70 2.68 0.92 1.53
CA ALA A 70 1.52 1.70 1.93
C ALA A 70 0.67 0.97 2.95
N ARG A 71 -0.52 1.50 3.23
CA ARG A 71 -1.43 0.88 4.19
C ARG A 71 -2.87 1.03 3.74
N LEU A 72 -3.68 0.01 4.00
CA LEU A 72 -5.09 0.02 3.62
C LEU A 72 -5.96 0.48 4.79
N GLU A 73 -6.71 1.56 4.57
CA GLU A 73 -7.59 2.10 5.60
C GLU A 73 -8.97 1.46 5.53
N LEU A 74 -9.08 0.23 6.04
CA LEU A 74 -10.36 -0.48 6.03
C LEU A 74 -11.40 0.26 6.85
N ASP A 75 -12.62 -0.26 6.85
CA ASP A 75 -13.72 0.35 7.60
C ASP A 75 -14.90 -0.60 7.71
N ASP A 76 -14.79 -1.57 8.61
CA ASP A 76 -15.85 -2.55 8.82
C ASP A 76 -17.00 -1.94 9.63
N LEU A 77 -18.14 -2.63 9.63
CA LEU A 77 -19.31 -2.15 10.37
C LEU A 77 -19.28 -2.65 11.81
N GLU A 78 -18.13 -2.52 12.45
CA GLU A 78 -17.98 -2.95 13.84
C GLU A 78 -16.70 -2.39 14.45
N HIS A 79 -16.86 -1.56 15.47
CA HIS A 79 -15.71 -0.94 16.14
C HIS A 79 -15.29 -1.78 17.34
N HIS A 80 -14.21 -1.34 18.00
CA HIS A 80 -13.70 -2.05 19.17
C HIS A 80 -13.45 -1.09 20.32
N HIS A 81 -13.02 -1.64 21.46
CA HIS A 81 -12.74 -0.82 22.64
C HIS A 81 -11.34 -1.10 23.18
N HIS A 82 -11.01 -0.49 24.30
CA HIS A 82 -9.70 -0.67 24.92
C HIS A 82 -9.84 -0.87 26.43
N HIS A 83 -8.89 -1.61 27.00
CA HIS A 83 -8.90 -1.87 28.43
C HIS A 83 -8.35 -0.68 29.22
N HIS A 84 -8.29 -0.83 30.54
CA HIS A 84 -7.78 0.24 31.40
C HIS A 84 -6.26 0.32 31.30
N MET A 1 5.66 -12.38 6.25
CA MET A 1 5.35 -11.42 5.17
C MET A 1 3.95 -10.87 5.29
N GLU A 2 2.99 -11.76 5.53
CA GLU A 2 1.58 -11.37 5.67
C GLU A 2 1.36 -10.62 6.97
N ASN A 3 1.64 -9.32 6.95
CA ASN A 3 1.47 -8.49 8.15
C ASN A 3 0.12 -7.78 8.12
N ASP A 4 -0.92 -8.50 8.51
CA ASP A 4 -2.27 -7.94 8.54
C ASP A 4 -2.69 -7.49 7.14
N PRO A 5 -4.01 -7.41 6.89
CA PRO A 5 -4.56 -6.99 5.60
C PRO A 5 -4.54 -5.47 5.42
N THR A 6 -4.30 -4.75 6.52
CA THR A 6 -4.26 -3.29 6.48
C THR A 6 -2.85 -2.78 6.20
N VAL A 7 -2.19 -3.40 5.24
CA VAL A 7 -0.83 -3.00 4.88
C VAL A 7 -0.58 -3.15 3.38
N LEU A 8 0.55 -2.64 2.91
CA LEU A 8 0.89 -2.72 1.50
C LEU A 8 2.40 -2.80 1.30
N ARG A 9 2.92 -4.02 1.31
CA ARG A 9 4.35 -4.23 1.13
C ARG A 9 4.67 -4.49 -0.33
N SER A 10 5.85 -4.04 -0.77
CA SER A 10 6.28 -4.21 -2.15
C SER A 10 6.54 -5.69 -2.46
N PRO A 11 6.29 -6.11 -3.71
CA PRO A 11 6.49 -7.50 -4.13
C PRO A 11 7.97 -7.87 -4.22
N SER A 12 8.79 -6.91 -4.65
CA SER A 12 10.21 -7.13 -4.78
C SER A 12 10.99 -5.83 -4.62
N ALA A 13 12.30 -5.90 -4.79
CA ALA A 13 13.16 -4.73 -4.66
C ALA A 13 13.05 -3.83 -5.88
N GLY A 14 12.46 -2.65 -5.71
CA GLY A 14 12.30 -1.72 -6.81
C GLY A 14 12.64 -0.29 -6.42
N LYS A 15 11.81 0.65 -6.86
CA LYS A 15 12.02 2.06 -6.56
C LYS A 15 10.75 2.86 -6.79
N LEU A 16 10.48 3.80 -5.90
CA LEU A 16 9.28 4.64 -6.01
C LEU A 16 9.39 5.58 -7.20
N THR A 17 8.81 5.17 -8.32
CA THR A 17 8.85 5.97 -9.54
C THR A 17 7.88 7.15 -9.45
N GLN A 18 6.70 6.91 -8.90
CA GLN A 18 5.69 7.96 -8.76
C GLN A 18 4.57 7.53 -7.83
N TYR A 19 3.44 8.23 -7.90
CA TYR A 19 2.30 7.92 -7.05
C TYR A 19 0.99 8.30 -7.76
N THR A 20 -0.04 7.47 -7.57
CA THR A 20 -1.33 7.70 -8.18
C THR A 20 -2.29 8.41 -7.22
N VAL A 21 -1.95 8.40 -5.93
CA VAL A 21 -2.79 9.04 -4.93
C VAL A 21 -1.96 9.55 -3.76
N GLU A 22 -2.36 10.69 -3.20
CA GLU A 22 -1.66 11.30 -2.08
C GLU A 22 -1.82 10.45 -0.82
N ASP A 23 -1.27 10.94 0.28
CA ASP A 23 -1.36 10.23 1.56
C ASP A 23 -2.81 10.04 1.97
N GLY A 24 -3.19 8.79 2.21
CA GLY A 24 -4.56 8.50 2.60
C GLY A 24 -5.53 8.57 1.44
N GLY A 25 -5.01 8.36 0.24
CA GLY A 25 -5.85 8.39 -0.95
C GLY A 25 -6.83 7.24 -1.00
N HIS A 26 -8.12 7.56 -0.89
CA HIS A 26 -9.17 6.54 -0.93
C HIS A 26 -9.17 5.81 -2.26
N VAL A 27 -8.98 4.49 -2.22
CA VAL A 27 -8.96 3.67 -3.42
C VAL A 27 -9.56 2.30 -3.16
N GLU A 28 -10.40 1.83 -4.09
CA GLU A 28 -11.05 0.53 -3.95
C GLU A 28 -10.13 -0.58 -4.47
N ALA A 29 -10.43 -1.82 -4.07
CA ALA A 29 -9.64 -2.97 -4.49
C ALA A 29 -9.38 -2.95 -5.99
N GLY A 30 -8.11 -3.15 -6.37
CA GLY A 30 -7.75 -3.15 -7.77
C GLY A 30 -7.26 -1.79 -8.25
N SER A 31 -7.69 -0.74 -7.57
CA SER A 31 -7.29 0.62 -7.94
C SER A 31 -5.83 0.87 -7.58
N SER A 32 -5.06 1.33 -8.56
CA SER A 32 -3.65 1.61 -8.35
C SER A 32 -3.46 2.78 -7.40
N TYR A 33 -2.51 2.65 -6.48
CA TYR A 33 -2.24 3.71 -5.51
C TYR A 33 -0.85 4.31 -5.72
N ALA A 34 -0.03 3.64 -6.52
CA ALA A 34 1.33 4.11 -6.79
C ALA A 34 2.00 3.27 -7.87
N GLU A 35 3.27 3.52 -8.10
CA GLU A 35 4.04 2.78 -9.10
C GLU A 35 5.49 2.63 -8.68
N MET A 36 6.19 1.70 -9.32
CA MET A 36 7.59 1.44 -9.00
C MET A 36 8.34 0.92 -10.22
N GLU A 37 9.39 1.63 -10.60
CA GLU A 37 10.21 1.23 -11.76
C GLU A 37 11.34 0.31 -11.34
N VAL A 38 11.21 -0.97 -11.68
CA VAL A 38 12.23 -1.96 -11.34
C VAL A 38 13.25 -2.09 -12.46
N MET A 39 14.34 -2.81 -12.21
CA MET A 39 15.38 -3.00 -13.20
C MET A 39 14.81 -3.66 -14.47
N LYS A 40 13.75 -4.44 -14.29
CA LYS A 40 13.12 -5.12 -15.40
C LYS A 40 12.24 -4.16 -16.20
N MET A 41 11.10 -3.77 -15.61
CA MET A 41 10.18 -2.86 -16.27
C MET A 41 9.39 -2.06 -15.24
N ILE A 42 8.43 -1.28 -15.71
CA ILE A 42 7.59 -0.46 -14.84
C ILE A 42 6.45 -1.29 -14.25
N MET A 43 6.01 -0.92 -13.05
CA MET A 43 4.93 -1.63 -12.38
C MET A 43 4.06 -0.68 -11.58
N THR A 44 2.81 -1.07 -11.36
CA THR A 44 1.86 -0.24 -10.61
C THR A 44 1.37 -0.98 -9.37
N LEU A 45 1.41 -0.31 -8.22
CA LEU A 45 0.95 -0.91 -6.97
C LEU A 45 -0.52 -0.57 -6.73
N ASN A 46 -1.30 -1.59 -6.35
CA ASN A 46 -2.72 -1.39 -6.08
C ASN A 46 -3.10 -1.98 -4.73
N VAL A 47 -4.34 -1.75 -4.32
CA VAL A 47 -4.84 -2.26 -3.05
C VAL A 47 -5.55 -3.60 -3.23
N GLN A 48 -5.49 -4.43 -2.20
CA GLN A 48 -6.13 -5.74 -2.24
C GLN A 48 -7.61 -5.65 -1.82
N GLU A 49 -7.98 -4.54 -1.20
CA GLU A 49 -9.35 -4.34 -0.76
C GLU A 49 -9.69 -2.86 -0.67
N ARG A 50 -10.96 -2.55 -0.47
CA ARG A 50 -11.41 -1.17 -0.34
C ARG A 50 -10.89 -0.53 0.93
N GLY A 51 -10.41 0.70 0.82
CA GLY A 51 -9.89 1.41 1.98
C GLY A 51 -8.99 2.57 1.59
N ARG A 52 -8.53 3.31 2.60
CA ARG A 52 -7.67 4.46 2.36
C ARG A 52 -6.20 4.07 2.49
N VAL A 53 -5.44 4.26 1.41
CA VAL A 53 -4.02 3.94 1.41
C VAL A 53 -3.19 5.05 2.04
N LYS A 54 -2.31 4.68 2.95
CA LYS A 54 -1.46 5.64 3.63
C LYS A 54 0.02 5.39 3.31
N TYR A 55 0.61 6.29 2.54
CA TYR A 55 2.01 6.17 2.16
C TYR A 55 2.92 6.09 3.38
N ILE A 56 3.85 5.15 3.37
CA ILE A 56 4.79 4.97 4.48
C ILE A 56 6.16 5.50 4.09
N LYS A 57 6.71 4.96 3.02
CA LYS A 57 8.03 5.37 2.55
C LYS A 57 7.97 6.76 1.92
N ARG A 58 9.14 7.36 1.70
CA ARG A 58 9.22 8.69 1.11
C ARG A 58 9.35 8.60 -0.42
N PRO A 59 9.10 9.72 -1.13
CA PRO A 59 9.19 9.76 -2.59
C PRO A 59 10.62 9.56 -3.08
N GLY A 60 10.77 8.64 -4.04
CA GLY A 60 12.08 8.36 -4.60
C GLY A 60 12.79 7.23 -3.87
N ALA A 61 12.36 6.94 -2.64
CA ALA A 61 12.95 5.89 -1.85
C ALA A 61 12.90 4.54 -2.58
N VAL A 62 13.96 3.75 -2.44
CA VAL A 62 14.03 2.44 -3.08
C VAL A 62 13.22 1.41 -2.30
N LEU A 63 12.31 0.74 -2.99
CA LEU A 63 11.48 -0.28 -2.37
C LEU A 63 12.20 -1.62 -2.30
N GLU A 64 12.03 -2.33 -1.19
CA GLU A 64 12.67 -3.62 -1.00
C GLU A 64 11.62 -4.73 -0.97
N ALA A 65 12.04 -5.93 -1.35
CA ALA A 65 11.15 -7.09 -1.37
C ALA A 65 10.62 -7.39 0.02
N GLY A 66 9.35 -7.06 0.26
CA GLY A 66 8.75 -7.30 1.55
C GLY A 66 8.57 -6.04 2.37
N CYS A 67 9.28 -4.99 2.00
CA CYS A 67 9.19 -3.71 2.71
C CYS A 67 7.80 -3.12 2.58
N VAL A 68 7.37 -2.37 3.60
CA VAL A 68 6.06 -1.75 3.61
C VAL A 68 6.08 -0.44 2.81
N VAL A 69 5.48 -0.48 1.62
CA VAL A 69 5.44 0.70 0.76
C VAL A 69 4.29 1.63 1.15
N ALA A 70 3.27 1.07 1.79
CA ALA A 70 2.12 1.85 2.22
C ALA A 70 1.25 1.09 3.21
N ARG A 71 0.03 1.55 3.42
CA ARG A 71 -0.89 0.90 4.35
C ARG A 71 -2.32 0.92 3.81
N LEU A 72 -3.25 0.41 4.61
CA LEU A 72 -4.65 0.37 4.21
C LEU A 72 -5.57 0.67 5.39
N GLU A 73 -6.43 1.67 5.22
CA GLU A 73 -7.36 2.06 6.27
C GLU A 73 -8.67 1.29 6.16
N LEU A 74 -8.66 0.04 6.61
CA LEU A 74 -9.84 -0.80 6.56
C LEU A 74 -10.97 -0.22 7.42
N ASP A 75 -10.58 0.59 8.41
CA ASP A 75 -11.55 1.21 9.32
C ASP A 75 -12.62 0.21 9.77
N ASP A 76 -12.17 -0.93 10.29
CA ASP A 76 -13.08 -1.97 10.75
C ASP A 76 -13.66 -1.61 12.12
N LEU A 77 -14.98 -1.68 12.23
CA LEU A 77 -15.66 -1.36 13.49
C LEU A 77 -15.79 -2.59 14.38
N GLU A 78 -14.87 -3.54 14.24
CA GLU A 78 -14.89 -4.76 15.04
C GLU A 78 -14.46 -4.47 16.48
N HIS A 79 -13.67 -3.43 16.66
CA HIS A 79 -13.19 -3.06 17.98
C HIS A 79 -14.34 -2.83 18.95
N HIS A 80 -15.48 -2.41 18.40
CA HIS A 80 -16.67 -2.15 19.22
C HIS A 80 -17.60 -3.36 19.23
N HIS A 81 -17.01 -4.55 19.35
CA HIS A 81 -17.78 -5.79 19.37
C HIS A 81 -17.76 -6.42 20.75
N HIS A 82 -18.94 -6.61 21.34
CA HIS A 82 -19.05 -7.21 22.66
C HIS A 82 -18.31 -6.38 23.70
N HIS A 83 -18.39 -5.06 23.55
CA HIS A 83 -17.73 -4.14 24.48
C HIS A 83 -18.76 -3.43 25.35
N HIS A 84 -19.82 -4.15 25.72
CA HIS A 84 -20.86 -3.59 26.56
C HIS A 84 -20.57 -3.82 28.04
N MET A 1 4.61 -12.04 12.57
CA MET A 1 3.15 -12.06 12.28
C MET A 1 2.62 -10.65 12.07
N GLU A 2 3.40 -9.82 11.40
CA GLU A 2 3.01 -8.44 11.13
C GLU A 2 2.52 -8.27 9.70
N ASN A 3 1.87 -9.31 9.18
CA ASN A 3 1.34 -9.29 7.82
C ASN A 3 -0.16 -9.11 7.82
N ASP A 4 -0.62 -8.00 8.38
CA ASP A 4 -2.05 -7.70 8.44
C ASP A 4 -2.55 -7.12 7.11
N PRO A 5 -3.86 -7.20 6.86
CA PRO A 5 -4.47 -6.67 5.63
C PRO A 5 -4.44 -5.15 5.57
N THR A 6 -4.35 -4.52 6.74
CA THR A 6 -4.33 -3.06 6.83
C THR A 6 -2.89 -2.53 6.76
N VAL A 7 -2.08 -3.14 5.91
CA VAL A 7 -0.69 -2.72 5.75
C VAL A 7 -0.21 -2.95 4.33
N LEU A 8 0.24 -1.88 3.68
CA LEU A 8 0.73 -1.97 2.31
C LEU A 8 2.22 -2.26 2.30
N ARG A 9 2.64 -3.14 1.40
CA ARG A 9 4.05 -3.51 1.28
C ARG A 9 4.40 -3.87 -0.16
N SER A 10 5.58 -3.45 -0.61
CA SER A 10 6.02 -3.73 -1.97
C SER A 10 6.31 -5.22 -2.15
N PRO A 11 6.03 -5.77 -3.34
CA PRO A 11 6.27 -7.18 -3.64
C PRO A 11 7.75 -7.51 -3.79
N SER A 12 8.54 -6.51 -4.17
CA SER A 12 9.97 -6.69 -4.35
C SER A 12 10.72 -5.39 -4.13
N ALA A 13 12.04 -5.42 -4.28
CA ALA A 13 12.87 -4.23 -4.10
C ALA A 13 12.76 -3.30 -5.30
N GLY A 14 12.25 -2.10 -5.07
CA GLY A 14 12.11 -1.13 -6.13
C GLY A 14 12.43 0.29 -5.68
N LYS A 15 11.63 1.24 -6.13
CA LYS A 15 11.84 2.65 -5.77
C LYS A 15 10.58 3.46 -6.03
N LEU A 16 10.30 4.42 -5.14
CA LEU A 16 9.13 5.27 -5.28
C LEU A 16 9.27 6.20 -6.48
N THR A 17 8.70 5.80 -7.61
CA THR A 17 8.76 6.61 -8.82
C THR A 17 7.81 7.80 -8.75
N GLN A 18 6.60 7.56 -8.24
CA GLN A 18 5.60 8.62 -8.12
C GLN A 18 4.45 8.18 -7.22
N TYR A 19 3.33 8.89 -7.30
CA TYR A 19 2.16 8.58 -6.49
C TYR A 19 0.88 8.98 -7.22
N THR A 20 -0.16 8.15 -7.08
CA THR A 20 -1.45 8.42 -7.71
C THR A 20 -2.41 9.13 -6.76
N VAL A 21 -2.09 9.12 -5.47
CA VAL A 21 -2.93 9.76 -4.47
C VAL A 21 -2.11 10.29 -3.31
N GLU A 22 -2.54 11.42 -2.76
CA GLU A 22 -1.84 12.05 -1.64
C GLU A 22 -1.98 11.20 -0.37
N ASP A 23 -1.43 11.70 0.73
CA ASP A 23 -1.49 10.99 1.99
C ASP A 23 -2.93 10.77 2.43
N GLY A 24 -3.29 9.51 2.65
CA GLY A 24 -4.64 9.18 3.06
C GLY A 24 -5.63 9.22 1.91
N GLY A 25 -5.12 9.01 0.70
CA GLY A 25 -5.97 9.03 -0.48
C GLY A 25 -6.95 7.87 -0.50
N HIS A 26 -8.24 8.19 -0.39
CA HIS A 26 -9.28 7.17 -0.39
C HIS A 26 -9.29 6.42 -1.72
N VAL A 27 -9.11 5.10 -1.65
CA VAL A 27 -9.10 4.27 -2.84
C VAL A 27 -9.71 2.89 -2.55
N GLU A 28 -10.50 2.39 -3.49
CA GLU A 28 -11.13 1.09 -3.35
C GLU A 28 -10.19 -0.03 -3.78
N ALA A 29 -10.49 -1.26 -3.33
CA ALA A 29 -9.67 -2.41 -3.67
C ALA A 29 -9.37 -2.47 -5.17
N GLY A 30 -8.09 -2.62 -5.50
CA GLY A 30 -7.70 -2.69 -6.90
C GLY A 30 -7.26 -1.34 -7.44
N SER A 31 -7.71 -0.27 -6.80
CA SER A 31 -7.36 1.09 -7.23
C SER A 31 -5.90 1.39 -6.90
N SER A 32 -5.15 1.85 -7.91
CA SER A 32 -3.74 2.17 -7.75
C SER A 32 -3.58 3.38 -6.82
N TYR A 33 -2.63 3.28 -5.90
CA TYR A 33 -2.37 4.36 -4.95
C TYR A 33 -0.99 4.98 -5.19
N ALA A 34 -0.15 4.29 -5.97
CA ALA A 34 1.18 4.79 -6.26
C ALA A 34 1.87 3.90 -7.30
N GLU A 35 3.15 4.15 -7.52
CA GLU A 35 3.92 3.38 -8.49
C GLU A 35 5.37 3.23 -8.03
N MET A 36 6.09 2.31 -8.66
CA MET A 36 7.49 2.07 -8.32
C MET A 36 8.26 1.55 -9.52
N GLU A 37 9.33 2.26 -9.89
CA GLU A 37 10.16 1.86 -11.03
C GLU A 37 11.28 0.93 -10.59
N VAL A 38 11.16 -0.35 -10.94
CA VAL A 38 12.17 -1.34 -10.58
C VAL A 38 13.21 -1.47 -11.68
N MET A 39 14.28 -2.21 -11.41
CA MET A 39 15.34 -2.41 -12.39
C MET A 39 14.78 -3.05 -13.67
N LYS A 40 13.71 -3.82 -13.52
CA LYS A 40 13.09 -4.48 -14.65
C LYS A 40 12.23 -3.49 -15.45
N MET A 41 11.09 -3.13 -14.90
CA MET A 41 10.18 -2.20 -15.55
C MET A 41 9.36 -1.42 -14.52
N ILE A 42 8.46 -0.57 -15.01
CA ILE A 42 7.61 0.23 -14.14
C ILE A 42 6.41 -0.58 -13.64
N MET A 43 5.94 -0.25 -12.44
CA MET A 43 4.80 -0.94 -11.86
C MET A 43 3.92 0.02 -11.05
N THR A 44 2.69 -0.40 -10.79
CA THR A 44 1.75 0.41 -10.03
C THR A 44 1.30 -0.31 -8.77
N LEU A 45 1.35 0.39 -7.64
CA LEU A 45 0.94 -0.19 -6.37
C LEU A 45 -0.53 0.11 -6.09
N ASN A 46 -1.28 -0.93 -5.74
CA ASN A 46 -2.70 -0.78 -5.45
C ASN A 46 -3.05 -1.40 -4.10
N VAL A 47 -4.27 -1.15 -3.65
CA VAL A 47 -4.74 -1.69 -2.37
C VAL A 47 -5.47 -3.01 -2.56
N GLN A 48 -5.39 -3.87 -1.55
CA GLN A 48 -6.05 -5.16 -1.60
C GLN A 48 -7.51 -5.07 -1.15
N GLU A 49 -7.87 -3.96 -0.51
CA GLU A 49 -9.22 -3.75 -0.03
C GLU A 49 -9.55 -2.26 0.07
N ARG A 50 -10.83 -1.96 0.29
CA ARG A 50 -11.27 -0.58 0.41
C ARG A 50 -10.73 0.07 1.68
N GLY A 51 -10.37 1.35 1.59
CA GLY A 51 -9.85 2.05 2.74
C GLY A 51 -9.00 3.25 2.34
N ARG A 52 -8.51 3.98 3.34
CA ARG A 52 -7.69 5.16 3.09
C ARG A 52 -6.20 4.79 3.15
N VAL A 53 -5.50 5.01 2.04
CA VAL A 53 -4.08 4.70 1.97
C VAL A 53 -3.24 5.82 2.56
N LYS A 54 -2.44 5.47 3.56
CA LYS A 54 -1.57 6.45 4.22
C LYS A 54 -0.10 6.14 3.95
N TYR A 55 0.55 7.02 3.19
CA TYR A 55 1.96 6.83 2.85
C TYR A 55 2.83 6.74 4.09
N ILE A 56 3.76 5.79 4.09
CA ILE A 56 4.66 5.59 5.22
C ILE A 56 6.06 6.08 4.86
N LYS A 57 6.60 5.54 3.78
CA LYS A 57 7.93 5.91 3.32
C LYS A 57 7.94 7.31 2.73
N ARG A 58 9.13 7.85 2.49
CA ARG A 58 9.26 9.19 1.92
C ARG A 58 9.36 9.13 0.40
N PRO A 59 9.21 10.28 -0.28
CA PRO A 59 9.29 10.34 -1.75
C PRO A 59 10.69 10.05 -2.27
N GLY A 60 10.77 9.13 -3.23
CA GLY A 60 12.05 8.77 -3.80
C GLY A 60 12.72 7.63 -3.05
N ALA A 61 12.24 7.34 -1.85
CA ALA A 61 12.79 6.27 -1.04
C ALA A 61 12.77 4.93 -1.78
N VAL A 62 13.86 4.17 -1.67
CA VAL A 62 13.96 2.88 -2.32
C VAL A 62 13.18 1.81 -1.56
N LEU A 63 12.24 1.18 -2.24
CA LEU A 63 11.42 0.13 -1.62
C LEU A 63 12.13 -1.21 -1.64
N GLU A 64 11.95 -1.99 -0.58
CA GLU A 64 12.58 -3.30 -0.48
C GLU A 64 11.53 -4.40 -0.44
N ALA A 65 11.93 -5.62 -0.78
CA ALA A 65 11.01 -6.75 -0.76
C ALA A 65 10.48 -7.01 0.64
N GLY A 66 9.39 -6.34 0.98
CA GLY A 66 8.79 -6.50 2.30
C GLY A 66 8.59 -5.18 3.01
N CYS A 67 9.25 -4.12 2.52
CA CYS A 67 9.13 -2.80 3.14
C CYS A 67 7.71 -2.27 3.00
N VAL A 68 7.26 -1.52 4.01
CA VAL A 68 5.92 -0.96 4.00
C VAL A 68 5.88 0.33 3.18
N VAL A 69 5.22 0.27 2.02
CA VAL A 69 5.11 1.42 1.15
C VAL A 69 3.98 2.36 1.60
N ALA A 70 3.01 1.80 2.31
CA ALA A 70 1.89 2.59 2.81
C ALA A 70 1.09 1.82 3.86
N ARG A 71 -0.07 2.34 4.21
CA ARG A 71 -0.93 1.70 5.21
C ARG A 71 -2.40 1.83 4.82
N LEU A 72 -3.14 0.74 4.99
CA LEU A 72 -4.57 0.72 4.66
C LEU A 72 -5.41 0.99 5.89
N GLU A 73 -6.22 2.04 5.83
CA GLU A 73 -7.10 2.41 6.94
C GLU A 73 -8.45 1.72 6.82
N LEU A 74 -8.49 0.44 7.17
CA LEU A 74 -9.72 -0.34 7.10
C LEU A 74 -10.77 0.22 8.06
N ASP A 75 -10.33 0.60 9.26
CA ASP A 75 -11.22 1.16 10.27
C ASP A 75 -12.55 0.40 10.33
N ASP A 76 -12.46 -0.92 10.49
CA ASP A 76 -13.65 -1.76 10.55
C ASP A 76 -14.29 -1.71 11.93
N LEU A 77 -13.45 -1.65 12.97
CA LEU A 77 -13.94 -1.61 14.35
C LEU A 77 -14.72 -2.88 14.68
N GLU A 78 -14.53 -3.92 13.87
CA GLU A 78 -15.21 -5.20 14.06
C GLU A 78 -16.67 -5.00 14.48
N HIS A 79 -17.29 -3.94 13.98
CA HIS A 79 -18.67 -3.64 14.31
C HIS A 79 -19.59 -4.77 13.87
N HIS A 80 -19.18 -5.50 12.83
CA HIS A 80 -19.97 -6.61 12.31
C HIS A 80 -19.74 -7.87 13.14
N HIS A 81 -20.49 -8.92 12.83
CA HIS A 81 -20.37 -10.19 13.54
C HIS A 81 -19.52 -11.18 12.75
N HIS A 82 -18.21 -11.08 12.89
CA HIS A 82 -17.29 -11.96 12.20
C HIS A 82 -15.91 -11.96 12.86
N HIS A 83 -15.34 -13.15 13.05
CA HIS A 83 -14.03 -13.28 13.67
C HIS A 83 -12.94 -12.76 12.74
N HIS A 84 -11.70 -12.76 13.23
CA HIS A 84 -10.57 -12.30 12.44
C HIS A 84 -9.25 -12.80 13.04
N MET A 1 3.87 -11.51 13.30
CA MET A 1 5.08 -10.74 12.91
C MET A 1 4.76 -9.76 11.78
N GLU A 2 3.95 -8.76 12.08
CA GLU A 2 3.57 -7.76 11.10
C GLU A 2 2.86 -8.41 9.91
N ASN A 3 1.86 -9.23 10.21
CA ASN A 3 1.09 -9.93 9.17
C ASN A 3 -0.40 -9.73 9.38
N ASP A 4 -1.01 -8.93 8.51
CA ASP A 4 -2.44 -8.65 8.60
C ASP A 4 -2.99 -8.17 7.26
N PRO A 5 -4.32 -8.22 7.07
CA PRO A 5 -4.97 -7.78 5.84
C PRO A 5 -4.93 -6.27 5.66
N THR A 6 -4.77 -5.55 6.76
CA THR A 6 -4.71 -4.09 6.73
C THR A 6 -3.27 -3.60 6.57
N VAL A 7 -2.53 -4.24 5.68
CA VAL A 7 -1.15 -3.87 5.44
C VAL A 7 -0.76 -4.07 3.97
N LEU A 8 0.45 -3.63 3.62
CA LEU A 8 0.93 -3.77 2.25
C LEU A 8 2.44 -3.94 2.24
N ARG A 9 2.93 -4.87 1.41
CA ARG A 9 4.36 -5.13 1.32
C ARG A 9 4.73 -5.57 -0.10
N SER A 10 5.91 -5.16 -0.54
CA SER A 10 6.39 -5.51 -1.87
C SER A 10 6.69 -7.00 -1.98
N PRO A 11 6.39 -7.63 -3.13
CA PRO A 11 6.64 -9.05 -3.35
C PRO A 11 8.11 -9.36 -3.56
N SER A 12 8.87 -8.36 -4.01
CA SER A 12 10.30 -8.52 -4.25
C SER A 12 11.03 -7.20 -4.11
N ALA A 13 12.33 -7.21 -4.37
CA ALA A 13 13.14 -6.01 -4.26
C ALA A 13 12.91 -5.07 -5.45
N GLY A 14 12.27 -3.94 -5.17
CA GLY A 14 11.99 -2.98 -6.22
C GLY A 14 12.39 -1.57 -5.84
N LYS A 15 11.65 -0.58 -6.32
CA LYS A 15 11.94 0.82 -6.03
C LYS A 15 10.72 1.69 -6.32
N LEU A 16 10.45 2.64 -5.42
CA LEU A 16 9.31 3.53 -5.58
C LEU A 16 9.52 4.48 -6.77
N THR A 17 8.94 4.11 -7.91
CA THR A 17 9.06 4.92 -9.11
C THR A 17 8.15 6.15 -9.05
N GLN A 18 6.95 5.95 -8.50
CA GLN A 18 5.98 7.04 -8.38
C GLN A 18 4.84 6.65 -7.45
N TYR A 19 3.71 7.35 -7.56
CA TYR A 19 2.55 7.07 -6.73
C TYR A 19 1.25 7.40 -7.47
N THR A 20 0.24 6.56 -7.28
CA THR A 20 -1.05 6.76 -7.93
C THR A 20 -2.03 7.49 -7.02
N VAL A 21 -1.75 7.49 -5.72
CA VAL A 21 -2.62 8.16 -4.76
C VAL A 21 -1.82 8.68 -3.56
N GLU A 22 -2.28 9.79 -3.00
CA GLU A 22 -1.61 10.39 -1.85
C GLU A 22 -1.76 9.50 -0.61
N ASP A 23 -1.25 10.00 0.52
CA ASP A 23 -1.33 9.25 1.77
C ASP A 23 -2.77 8.98 2.16
N GLY A 24 -3.06 7.75 2.57
CA GLY A 24 -4.41 7.39 2.96
C GLY A 24 -5.37 7.44 1.79
N GLY A 25 -4.85 7.23 0.59
CA GLY A 25 -5.69 7.25 -0.61
C GLY A 25 -6.67 6.10 -0.64
N HIS A 26 -7.96 6.41 -0.55
CA HIS A 26 -9.00 5.39 -0.59
C HIS A 26 -8.99 4.64 -1.91
N VAL A 27 -8.79 3.32 -1.83
CA VAL A 27 -8.77 2.49 -3.02
C VAL A 27 -9.33 1.10 -2.74
N GLU A 28 -10.16 0.61 -3.65
CA GLU A 28 -10.77 -0.71 -3.51
C GLU A 28 -9.84 -1.80 -4.02
N ALA A 29 -10.11 -3.04 -3.64
CA ALA A 29 -9.30 -4.17 -4.07
C ALA A 29 -9.03 -4.13 -5.57
N GLY A 30 -7.75 -4.19 -5.94
CA GLY A 30 -7.39 -4.16 -7.35
C GLY A 30 -6.91 -2.79 -7.80
N SER A 31 -7.36 -1.75 -7.10
CA SER A 31 -6.97 -0.39 -7.44
C SER A 31 -5.52 -0.13 -7.07
N SER A 32 -4.74 0.35 -8.04
CA SER A 32 -3.33 0.63 -7.81
C SER A 32 -3.16 1.80 -6.84
N TYR A 33 -2.22 1.66 -5.90
CA TYR A 33 -1.96 2.69 -4.91
C TYR A 33 -0.57 3.32 -5.12
N ALA A 34 0.24 2.68 -5.95
CA ALA A 34 1.59 3.18 -6.23
C ALA A 34 2.24 2.37 -7.35
N GLU A 35 3.51 2.65 -7.63
CA GLU A 35 4.23 1.96 -8.68
C GLU A 35 5.69 1.77 -8.30
N MET A 36 6.30 0.72 -8.83
CA MET A 36 7.71 0.44 -8.57
C MET A 36 8.35 -0.28 -9.74
N GLU A 37 9.44 0.29 -10.26
CA GLU A 37 10.14 -0.31 -11.39
C GLU A 37 11.21 -1.28 -10.92
N VAL A 38 11.68 -2.12 -11.83
CA VAL A 38 12.70 -3.11 -11.51
C VAL A 38 13.64 -3.32 -12.70
N MET A 39 14.70 -4.09 -12.49
CA MET A 39 15.66 -4.36 -13.56
C MET A 39 14.97 -5.00 -14.76
N LYS A 40 13.92 -5.75 -14.49
CA LYS A 40 13.17 -6.41 -15.56
C LYS A 40 12.25 -5.42 -16.27
N MET A 41 11.17 -5.03 -15.59
CA MET A 41 10.22 -4.08 -16.16
C MET A 41 9.52 -3.29 -15.06
N ILE A 42 8.60 -2.42 -15.46
CA ILE A 42 7.86 -1.59 -14.51
C ILE A 42 6.70 -2.38 -13.92
N MET A 43 6.33 -2.06 -12.68
CA MET A 43 5.24 -2.75 -12.00
C MET A 43 4.43 -1.77 -11.14
N THR A 44 3.17 -2.13 -10.89
CA THR A 44 2.28 -1.30 -10.09
C THR A 44 1.79 -2.04 -8.86
N LEU A 45 1.90 -1.40 -7.70
CA LEU A 45 1.47 -2.01 -6.45
C LEU A 45 0.02 -1.63 -6.13
N ASN A 46 -0.86 -2.61 -6.16
CA ASN A 46 -2.28 -2.38 -5.86
C ASN A 46 -2.67 -3.03 -4.54
N VAL A 47 -3.92 -2.82 -4.14
CA VAL A 47 -4.43 -3.38 -2.89
C VAL A 47 -5.12 -4.71 -3.13
N GLN A 48 -5.00 -5.62 -2.17
CA GLN A 48 -5.62 -6.94 -2.28
C GLN A 48 -7.07 -6.92 -1.81
N GLU A 49 -7.46 -5.83 -1.13
CA GLU A 49 -8.82 -5.71 -0.62
C GLU A 49 -9.21 -4.24 -0.47
N ARG A 50 -10.48 -4.00 -0.19
CA ARG A 50 -10.99 -2.64 -0.02
C ARG A 50 -10.42 -2.00 1.24
N GLY A 51 -9.95 -0.77 1.11
CA GLY A 51 -9.38 -0.07 2.25
C GLY A 51 -8.56 1.13 1.83
N ARG A 52 -8.11 1.91 2.81
CA ARG A 52 -7.31 3.09 2.54
C ARG A 52 -5.82 2.79 2.60
N VAL A 53 -5.11 3.19 1.57
CA VAL A 53 -3.66 2.96 1.49
C VAL A 53 -2.90 4.04 2.24
N LYS A 54 -2.05 3.61 3.17
CA LYS A 54 -1.25 4.54 3.96
C LYS A 54 0.23 4.33 3.69
N TYR A 55 0.84 5.28 2.97
CA TYR A 55 2.25 5.20 2.64
C TYR A 55 3.12 5.10 3.90
N ILE A 56 4.06 4.17 3.89
CA ILE A 56 4.97 3.98 5.01
C ILE A 56 6.36 4.52 4.69
N LYS A 57 6.96 3.97 3.65
CA LYS A 57 8.28 4.39 3.21
C LYS A 57 8.22 5.77 2.56
N ARG A 58 9.39 6.32 2.27
CA ARG A 58 9.49 7.64 1.64
C ARG A 58 9.56 7.52 0.12
N PRO A 59 9.32 8.62 -0.61
CA PRO A 59 9.36 8.63 -2.07
C PRO A 59 10.75 8.36 -2.61
N GLY A 60 10.84 7.44 -3.57
CA GLY A 60 12.12 7.09 -4.15
C GLY A 60 12.82 5.96 -3.42
N ALA A 61 12.38 5.68 -2.19
CA ALA A 61 12.95 4.61 -1.38
C ALA A 61 12.90 3.27 -2.10
N VAL A 62 13.99 2.53 -2.04
CA VAL A 62 14.07 1.22 -2.68
C VAL A 62 13.34 0.16 -1.86
N LEU A 63 12.41 -0.54 -2.51
CA LEU A 63 11.63 -1.58 -1.84
C LEU A 63 12.41 -2.90 -1.79
N GLU A 64 12.16 -3.68 -0.75
CA GLU A 64 12.83 -4.97 -0.59
C GLU A 64 11.82 -6.09 -0.44
N ALA A 65 12.24 -7.32 -0.71
CA ALA A 65 11.37 -8.48 -0.60
C ALA A 65 10.86 -8.64 0.83
N GLY A 66 9.74 -7.99 1.14
CA GLY A 66 9.17 -8.08 2.47
C GLY A 66 9.03 -6.73 3.15
N CYS A 67 9.68 -5.71 2.57
CA CYS A 67 9.61 -4.36 3.12
C CYS A 67 8.19 -3.81 3.07
N VAL A 68 7.84 -3.01 4.07
CA VAL A 68 6.51 -2.41 4.13
C VAL A 68 6.42 -1.17 3.25
N VAL A 69 5.78 -1.32 2.10
CA VAL A 69 5.63 -0.21 1.15
C VAL A 69 4.44 0.67 1.52
N ALA A 70 3.46 0.10 2.22
CA ALA A 70 2.28 0.86 2.61
C ALA A 70 1.46 0.12 3.66
N ARG A 71 0.26 0.63 3.94
CA ARG A 71 -0.63 0.03 4.92
C ARG A 71 -2.08 0.15 4.46
N LEU A 72 -2.84 -0.93 4.64
CA LEU A 72 -4.25 -0.94 4.23
C LEU A 72 -5.16 -0.63 5.41
N GLU A 73 -6.40 -0.24 5.11
CA GLU A 73 -7.37 0.08 6.14
C GLU A 73 -8.77 -0.39 5.73
N LEU A 74 -9.14 -1.58 6.20
CA LEU A 74 -10.44 -2.15 5.88
C LEU A 74 -11.57 -1.28 6.42
N ASP A 75 -12.37 -0.71 5.51
CA ASP A 75 -13.49 0.14 5.89
C ASP A 75 -14.63 -0.69 6.45
N ASP A 76 -14.39 -1.33 7.60
CA ASP A 76 -15.40 -2.16 8.23
C ASP A 76 -16.46 -1.30 8.93
N LEU A 77 -17.63 -1.89 9.16
CA LEU A 77 -18.72 -1.18 9.80
C LEU A 77 -18.61 -1.26 11.33
N GLU A 78 -17.93 -2.30 11.82
CA GLU A 78 -17.75 -2.49 13.25
C GLU A 78 -16.75 -1.47 13.82
N HIS A 79 -17.26 -0.34 14.28
CA HIS A 79 -16.43 0.71 14.85
C HIS A 79 -16.66 0.84 16.35
N HIS A 80 -17.87 0.54 16.79
CA HIS A 80 -18.24 0.62 18.20
C HIS A 80 -17.72 1.92 18.83
N HIS A 81 -17.90 3.03 18.12
CA HIS A 81 -17.47 4.32 18.60
C HIS A 81 -18.55 5.38 18.40
N HIS A 82 -19.31 5.66 19.45
CA HIS A 82 -20.38 6.64 19.39
C HIS A 82 -19.94 7.97 19.99
N HIS A 83 -19.33 8.82 19.17
CA HIS A 83 -18.85 10.12 19.63
C HIS A 83 -19.85 11.22 19.27
N HIS A 84 -20.67 10.98 18.24
CA HIS A 84 -21.66 11.95 17.81
C HIS A 84 -22.70 12.19 18.90
N MET A 1 7.16 -14.92 11.04
CA MET A 1 6.26 -14.57 9.90
C MET A 1 4.99 -13.89 10.39
N GLU A 2 5.09 -12.60 10.70
CA GLU A 2 3.95 -11.83 11.19
C GLU A 2 3.62 -10.69 10.24
N ASN A 3 2.48 -10.78 9.58
CA ASN A 3 2.04 -9.75 8.64
C ASN A 3 0.53 -9.55 8.70
N ASP A 4 0.11 -8.40 9.21
CA ASP A 4 -1.31 -8.09 9.32
C ASP A 4 -1.85 -7.58 7.99
N PRO A 5 -3.18 -7.72 7.77
CA PRO A 5 -3.83 -7.28 6.53
C PRO A 5 -3.79 -5.76 6.37
N THR A 6 -3.68 -5.06 7.49
CA THR A 6 -3.63 -3.60 7.49
C THR A 6 -2.19 -3.10 7.38
N VAL A 7 -1.41 -3.74 6.51
CA VAL A 7 -0.01 -3.35 6.32
C VAL A 7 0.43 -3.61 4.89
N LEU A 8 0.89 -2.56 4.21
CA LEU A 8 1.36 -2.68 2.83
C LEU A 8 2.84 -3.02 2.79
N ARG A 9 3.20 -3.90 1.86
CA ARG A 9 4.59 -4.31 1.70
C ARG A 9 4.89 -4.68 0.26
N SER A 10 6.04 -4.23 -0.24
CA SER A 10 6.45 -4.49 -1.61
C SER A 10 6.77 -5.97 -1.80
N PRO A 11 6.45 -6.53 -2.98
CA PRO A 11 6.72 -7.94 -3.29
C PRO A 11 8.20 -8.22 -3.53
N SER A 12 8.93 -7.19 -3.96
CA SER A 12 10.35 -7.33 -4.21
C SER A 12 11.07 -5.99 -4.03
N ALA A 13 12.38 -6.00 -4.24
CA ALA A 13 13.18 -4.78 -4.10
C ALA A 13 12.98 -3.85 -5.28
N GLY A 14 12.40 -2.68 -5.03
CA GLY A 14 12.17 -1.71 -6.09
C GLY A 14 12.29 -0.28 -5.60
N LYS A 15 12.96 0.56 -6.37
CA LYS A 15 13.12 1.96 -5.99
C LYS A 15 11.83 2.74 -6.20
N LEU A 16 11.53 3.62 -5.26
CA LEU A 16 10.32 4.43 -5.33
C LEU A 16 10.40 5.41 -6.51
N THR A 17 9.84 5.01 -7.64
CA THR A 17 9.86 5.85 -8.83
C THR A 17 8.86 7.00 -8.72
N GLN A 18 7.66 6.70 -8.23
CA GLN A 18 6.63 7.72 -8.08
C GLN A 18 5.49 7.23 -7.19
N TYR A 19 4.35 7.90 -7.26
CA TYR A 19 3.19 7.53 -6.46
C TYR A 19 1.89 7.90 -7.19
N THR A 20 0.88 7.05 -7.05
CA THR A 20 -0.41 7.27 -7.70
C THR A 20 -1.39 7.96 -6.75
N VAL A 21 -1.06 7.99 -5.46
CA VAL A 21 -1.92 8.61 -4.47
C VAL A 21 -1.11 9.20 -3.31
N GLU A 22 -1.56 10.35 -2.81
CA GLU A 22 -0.88 11.02 -1.72
C GLU A 22 -1.02 10.22 -0.43
N ASP A 23 -0.51 10.77 0.67
CA ASP A 23 -0.57 10.11 1.97
C ASP A 23 -2.02 9.85 2.37
N GLY A 24 -2.33 8.61 2.71
CA GLY A 24 -3.68 8.27 3.10
C GLY A 24 -4.64 8.25 1.93
N GLY A 25 -4.10 8.00 0.74
CA GLY A 25 -4.94 7.97 -0.45
C GLY A 25 -5.89 6.79 -0.45
N HIS A 26 -7.19 7.08 -0.36
CA HIS A 26 -8.20 6.04 -0.35
C HIS A 26 -8.20 5.25 -1.66
N VAL A 27 -7.98 3.95 -1.55
CA VAL A 27 -7.95 3.08 -2.72
C VAL A 27 -8.52 1.70 -2.39
N GLU A 28 -9.30 1.15 -3.31
CA GLU A 28 -9.91 -0.15 -3.13
C GLU A 28 -8.95 -1.26 -3.54
N ALA A 29 -9.18 -2.47 -3.04
CA ALA A 29 -8.33 -3.62 -3.35
C ALA A 29 -8.09 -3.73 -4.85
N GLY A 30 -6.82 -3.86 -5.23
CA GLY A 30 -6.48 -3.98 -6.64
C GLY A 30 -6.06 -2.65 -7.24
N SER A 31 -6.53 -1.56 -6.66
CA SER A 31 -6.20 -0.23 -7.14
C SER A 31 -4.74 0.12 -6.82
N SER A 32 -4.02 0.60 -7.83
CA SER A 32 -2.62 0.97 -7.65
C SER A 32 -2.49 2.18 -6.74
N TYR A 33 -1.47 2.16 -5.87
CA TYR A 33 -1.24 3.25 -4.94
C TYR A 33 0.14 3.88 -5.15
N ALA A 34 1.00 3.21 -5.93
CA ALA A 34 2.34 3.72 -6.20
C ALA A 34 3.04 2.87 -7.26
N GLU A 35 4.31 3.15 -7.47
CA GLU A 35 5.10 2.41 -8.46
C GLU A 35 6.56 2.30 -8.03
N MET A 36 7.29 1.40 -8.67
CA MET A 36 8.70 1.20 -8.34
C MET A 36 9.48 0.74 -9.57
N GLU A 37 10.58 1.44 -9.86
CA GLU A 37 11.41 1.09 -11.01
C GLU A 37 12.50 0.10 -10.61
N VAL A 38 12.35 -1.14 -11.05
CA VAL A 38 13.32 -2.19 -10.75
C VAL A 38 14.37 -2.28 -11.84
N MET A 39 15.43 -3.07 -11.60
CA MET A 39 16.49 -3.23 -12.58
C MET A 39 15.94 -3.76 -13.89
N LYS A 40 14.85 -4.51 -13.81
CA LYS A 40 14.22 -5.07 -15.00
C LYS A 40 13.42 -4.02 -15.74
N MET A 41 12.26 -3.66 -15.18
CA MET A 41 11.40 -2.66 -15.79
C MET A 41 10.58 -1.93 -14.74
N ILE A 42 9.58 -1.17 -15.18
CA ILE A 42 8.73 -0.42 -14.28
C ILE A 42 7.62 -1.32 -13.71
N MET A 43 7.18 -1.01 -12.50
CA MET A 43 6.13 -1.78 -11.85
C MET A 43 5.22 -0.88 -11.02
N THR A 44 3.96 -1.32 -10.84
CA THR A 44 2.99 -0.56 -10.06
C THR A 44 2.50 -1.36 -8.86
N LEU A 45 2.51 -0.73 -7.70
CA LEU A 45 2.06 -1.39 -6.48
C LEU A 45 0.57 -1.15 -6.25
N ASN A 46 -0.09 -2.12 -5.61
CA ASN A 46 -1.51 -2.00 -5.33
C ASN A 46 -1.84 -2.51 -3.92
N VAL A 47 -3.07 -2.27 -3.49
CA VAL A 47 -3.51 -2.70 -2.16
C VAL A 47 -4.19 -4.06 -2.22
N GLN A 48 -4.04 -4.85 -1.15
CA GLN A 48 -4.64 -6.17 -1.08
C GLN A 48 -6.09 -6.11 -0.58
N GLU A 49 -6.47 -4.97 -0.02
CA GLU A 49 -7.82 -4.79 0.49
C GLU A 49 -8.22 -3.32 0.49
N ARG A 50 -9.53 -3.07 0.64
CA ARG A 50 -10.04 -1.71 0.64
C ARG A 50 -9.58 -0.96 1.89
N GLY A 51 -9.27 0.32 1.72
CA GLY A 51 -8.82 1.12 2.85
C GLY A 51 -7.97 2.30 2.43
N ARG A 52 -7.50 3.08 3.41
CA ARG A 52 -6.66 4.23 3.12
C ARG A 52 -5.19 3.87 3.22
N VAL A 53 -4.46 4.07 2.13
CA VAL A 53 -3.03 3.76 2.09
C VAL A 53 -2.20 4.89 2.69
N LYS A 54 -1.36 4.55 3.66
CA LYS A 54 -0.52 5.53 4.32
C LYS A 54 0.96 5.23 4.04
N TYR A 55 1.59 6.10 3.25
CA TYR A 55 2.99 5.93 2.91
C TYR A 55 3.87 5.87 4.16
N ILE A 56 4.74 4.86 4.21
CA ILE A 56 5.65 4.69 5.33
C ILE A 56 7.07 5.09 4.94
N LYS A 57 7.55 4.55 3.83
CA LYS A 57 8.88 4.85 3.33
C LYS A 57 8.94 6.28 2.77
N ARG A 58 10.16 6.75 2.54
CA ARG A 58 10.36 8.09 2.01
C ARG A 58 10.45 8.07 0.49
N PRO A 59 10.31 9.24 -0.17
CA PRO A 59 10.38 9.36 -1.63
C PRO A 59 11.77 9.02 -2.17
N GLY A 60 11.81 8.14 -3.16
CA GLY A 60 13.07 7.76 -3.76
C GLY A 60 13.73 6.58 -3.04
N ALA A 61 13.29 6.32 -1.82
CA ALA A 61 13.83 5.21 -1.03
C ALA A 61 13.70 3.88 -1.77
N VAL A 62 14.76 3.08 -1.70
CA VAL A 62 14.76 1.77 -2.36
C VAL A 62 13.98 0.75 -1.52
N LEU A 63 12.97 0.14 -2.13
CA LEU A 63 12.16 -0.85 -1.42
C LEU A 63 12.84 -2.22 -1.45
N GLU A 64 12.36 -3.12 -0.59
CA GLU A 64 12.93 -4.46 -0.51
C GLU A 64 11.82 -5.50 -0.46
N ALA A 65 12.15 -6.74 -0.82
CA ALA A 65 11.19 -7.82 -0.83
C ALA A 65 10.62 -8.06 0.57
N GLY A 66 9.56 -7.34 0.91
CA GLY A 66 8.95 -7.48 2.22
C GLY A 66 8.89 -6.18 2.99
N CYS A 67 9.58 -5.16 2.49
CA CYS A 67 9.59 -3.85 3.14
C CYS A 67 8.20 -3.22 3.12
N VAL A 68 7.90 -2.46 4.17
CA VAL A 68 6.60 -1.81 4.28
C VAL A 68 6.57 -0.51 3.48
N VAL A 69 5.88 -0.54 2.34
CA VAL A 69 5.77 0.63 1.48
C VAL A 69 4.69 1.59 1.96
N ALA A 70 3.71 1.06 2.69
CA ALA A 70 2.61 1.87 3.21
C ALA A 70 1.81 1.11 4.26
N ARG A 71 0.64 1.63 4.59
CA ARG A 71 -0.23 1.00 5.58
C ARG A 71 -1.69 1.11 5.18
N LEU A 72 -2.45 0.04 5.41
CA LEU A 72 -3.86 0.02 5.08
C LEU A 72 -4.72 0.38 6.28
N GLU A 73 -5.53 1.43 6.13
CA GLU A 73 -6.40 1.89 7.21
C GLU A 73 -7.77 1.20 7.12
N LEU A 74 -7.82 -0.06 7.57
CA LEU A 74 -9.06 -0.81 7.55
C LEU A 74 -10.10 -0.17 8.46
N ASP A 75 -11.27 0.13 7.90
CA ASP A 75 -12.35 0.74 8.67
C ASP A 75 -12.99 -0.26 9.61
N ASP A 76 -12.20 -0.76 10.56
CA ASP A 76 -12.70 -1.73 11.53
C ASP A 76 -13.51 -1.04 12.62
N LEU A 77 -14.17 -1.83 13.46
CA LEU A 77 -14.98 -1.30 14.55
C LEU A 77 -16.07 -0.37 14.01
N GLU A 78 -16.78 -0.83 12.99
CA GLU A 78 -17.85 -0.05 12.38
C GLU A 78 -18.74 -0.92 11.50
N HIS A 79 -20.03 -0.94 11.81
CA HIS A 79 -20.99 -1.73 11.03
C HIS A 79 -22.31 -0.99 10.87
N HIS A 80 -23.02 -1.27 9.79
CA HIS A 80 -24.30 -0.64 9.52
C HIS A 80 -25.41 -1.27 10.35
N HIS A 81 -26.41 -0.47 10.69
CA HIS A 81 -27.54 -0.95 11.48
C HIS A 81 -28.85 -0.36 10.98
N HIS A 82 -29.96 -1.04 11.28
CA HIS A 82 -31.28 -0.58 10.86
C HIS A 82 -32.09 -0.10 12.05
N HIS A 83 -31.85 -0.70 13.21
CA HIS A 83 -32.55 -0.32 14.43
C HIS A 83 -32.27 1.12 14.81
N HIS A 84 -31.14 1.64 14.36
CA HIS A 84 -30.75 3.01 14.64
C HIS A 84 -31.57 4.00 13.83
#